data_5M0W
# 
_entry.id   5M0W 
# 
_audit_conform.dict_name       mmcif_pdbx.dic 
_audit_conform.dict_version    5.399 
_audit_conform.dict_location   http://mmcif.pdb.org/dictionaries/ascii/mmcif_pdbx.dic 
# 
loop_
_database_2.database_id 
_database_2.database_code 
_database_2.pdbx_database_accession 
_database_2.pdbx_DOI 
PDB   5M0W         pdb_00005m0w 10.2210/pdb5m0w/pdb 
WWPDB D_1200001682 ?            ?                   
# 
loop_
_pdbx_audit_revision_history.ordinal 
_pdbx_audit_revision_history.data_content_type 
_pdbx_audit_revision_history.major_revision 
_pdbx_audit_revision_history.minor_revision 
_pdbx_audit_revision_history.revision_date 
1 'Structure model' 1 0 2017-04-05 
2 'Structure model' 1 1 2017-04-12 
3 'Structure model' 2 0 2020-03-11 
4 'Structure model' 2 1 2024-05-01 
5 'Structure model' 2 2 2024-11-20 
# 
_pdbx_audit_revision_details.ordinal             1 
_pdbx_audit_revision_details.revision_ordinal    1 
_pdbx_audit_revision_details.data_content_type   'Structure model' 
_pdbx_audit_revision_details.provider            repository 
_pdbx_audit_revision_details.type                'Initial release' 
_pdbx_audit_revision_details.description         ? 
_pdbx_audit_revision_details.details             ? 
# 
loop_
_pdbx_audit_revision_group.ordinal 
_pdbx_audit_revision_group.revision_ordinal 
_pdbx_audit_revision_group.data_content_type 
_pdbx_audit_revision_group.group 
1 2 'Structure model' 'Database references'    
2 3 'Structure model' 'Derived calculations'   
3 3 'Structure model' 'Polymer sequence'       
4 4 'Structure model' 'Data collection'        
5 4 'Structure model' 'Database references'    
6 4 'Structure model' 'Refinement description' 
7 5 'Structure model' 'Structure summary'      
# 
loop_
_pdbx_audit_revision_category.ordinal 
_pdbx_audit_revision_category.revision_ordinal 
_pdbx_audit_revision_category.data_content_type 
_pdbx_audit_revision_category.category 
1 3 'Structure model' entity_poly                   
2 3 'Structure model' pdbx_struct_special_symmetry  
3 4 'Structure model' chem_comp_atom                
4 4 'Structure model' chem_comp_bond                
5 4 'Structure model' database_2                    
6 4 'Structure model' pdbx_initial_refinement_model 
7 5 'Structure model' pdbx_entry_details            
8 5 'Structure model' pdbx_modification_feature     
# 
loop_
_pdbx_audit_revision_item.ordinal 
_pdbx_audit_revision_item.revision_ordinal 
_pdbx_audit_revision_item.data_content_type 
_pdbx_audit_revision_item.item 
1 3 'Structure model' '_entity_poly.pdbx_seq_one_letter_code_can' 
2 4 'Structure model' '_database_2.pdbx_DOI'                      
3 4 'Structure model' '_database_2.pdbx_database_accession'       
# 
_pdbx_database_status.status_code                     REL 
_pdbx_database_status.status_code_sf                  REL 
_pdbx_database_status.status_code_mr                  ? 
_pdbx_database_status.entry_id                        5M0W 
_pdbx_database_status.recvd_initial_deposition_date   2016-10-06 
_pdbx_database_status.SG_entry                        N 
_pdbx_database_status.deposit_site                    PDBE 
_pdbx_database_status.process_site                    PDBE 
_pdbx_database_status.status_code_cs                  ? 
_pdbx_database_status.methods_development_category    ? 
_pdbx_database_status.pdb_format_compatible           Y 
_pdbx_database_status.status_code_nmr_data            ? 
# 
loop_
_audit_author.name 
_audit_author.pdbx_ordinal 
'Lohkamp, B.'   1 
'Ojala, J.R.M.' 2 
# 
loop_
_citation.abstract 
_citation.abstract_id_CAS 
_citation.book_id_ISBN 
_citation.book_publisher 
_citation.book_publisher_city 
_citation.book_title 
_citation.coordinate_linkage 
_citation.country 
_citation.database_id_Medline 
_citation.details 
_citation.id 
_citation.journal_abbrev 
_citation.journal_id_ASTM 
_citation.journal_id_CSD 
_citation.journal_id_ISSN 
_citation.journal_full 
_citation.journal_issue 
_citation.journal_volume 
_citation.language 
_citation.page_first 
_citation.page_last 
_citation.title 
_citation.year 
_citation.database_id_CSD 
_citation.pdbx_database_id_DOI 
_citation.pdbx_database_id_PubMed 
_citation.unpublished_flag 
? ? ? ? ? ? ? US ? ? primary 'Proc. Natl. Acad. Sci. U.S.A.' PNASA6 0040 1091-6490 ? ? 114 ? 3637 3641 
'Ab initio solution of macromolecular crystal structures without direct methods.' 2017 ? 10.1073/pnas.1701640114 28325875 ? 
? ? ? ? ? ? ? ?  ? ? 1       'To Be Published'               ?      0353 ?         ? ? ?   ? ?    ?    
'Ab initio solution of macromolecular crystal structures without direct methods'  ?    ? ?                       ?        ? 
# 
loop_
_citation_author.citation_id 
_citation_author.name 
_citation_author.ordinal 
_citation_author.identifier_ORCID 
primary 'McCoy, A.J.'    1  ? 
primary 'Oeffner, R.D.'  2  ? 
primary 'Wrobel, A.G.'   3  ? 
primary 'Ojala, J.R.'    4  ? 
primary 'Tryggvason, K.' 5  ? 
primary 'Lohkamp, B.'    6  ? 
primary 'Read, R.J.'     7  ? 
1       'McCoy, A.J.'    8  ? 
1       'Oeffner, R.D.'  9  ? 
1       'Wrobel, A.'     10 ? 
1       'Ojala, J.R.M.'  11 ? 
1       'Tryggvason, K.' 12 ? 
1       'Lohkamp, B.'    13 ? 
1       'Read, R.J.'     14 ? 
# 
loop_
_entity.id 
_entity.type 
_entity.src_method 
_entity.pdbx_description 
_entity.formula_weight 
_entity.pdbx_number_of_molecules 
_entity.pdbx_ec 
_entity.pdbx_mutation 
_entity.pdbx_fragment 
_entity.details 
1 polymer     man 'Protein shisa-3 homolog'              9040.780 1   ? ? 'UNP residues 22-95' 'N-terminal domain with Strep tag' 
2 non-polymer syn 'SULFATE ION'                          96.063   2   ? ? ?                    ?                                  
3 non-polymer syn GLYCEROL                               92.094   3   ? ? ?                    ?                                  
4 non-polymer syn 1,2-ETHANEDIOL                         62.068   3   ? ? ?                    ?                                  
5 non-polymer syn '2-(N-MORPHOLINO)-ETHANESULFONIC ACID' 195.237  1   ? ? ?                    ?                                  
6 non-polymer syn 'DI(HYDROXYETHYL)ETHER'                106.120  1   ? ? ?                    ?                                  
7 water       nat water                                  18.015   108 ? ? ?                    ?                                  
# 
_entity_poly.entity_id                      1 
_entity_poly.type                           'polypeptide(L)' 
_entity_poly.nstd_linkage                   no 
_entity_poly.nstd_monomer                   yes 
_entity_poly.pdbx_seq_one_letter_code       
;(PCA)QPGEYCHGWVDAQGNYHEGFQCPEDFDTQDATICCGSCALRYCCAAADARLEQGGCTNDRGELEHPGITAQPVWS
HPQFEK
;
_entity_poly.pdbx_seq_one_letter_code_can   
;QQPGEYCHGWVDAQGNYHEGFQCPEDFDTQDATICCGSCALRYCCAAADARLEQGGCTNDRGELEHPGITAQPVWSHPQF
EK
;
_entity_poly.pdbx_strand_id                 A 
_entity_poly.pdbx_target_identifier         ? 
# 
loop_
_pdbx_entity_nonpoly.entity_id 
_pdbx_entity_nonpoly.name 
_pdbx_entity_nonpoly.comp_id 
2 'SULFATE ION'                          SO4 
3 GLYCEROL                               GOL 
4 1,2-ETHANEDIOL                         EDO 
5 '2-(N-MORPHOLINO)-ETHANESULFONIC ACID' MES 
6 'DI(HYDROXYETHYL)ETHER'                PEG 
7 water                                  HOH 
# 
loop_
_entity_poly_seq.entity_id 
_entity_poly_seq.num 
_entity_poly_seq.mon_id 
_entity_poly_seq.hetero 
1 1  PCA n 
1 2  GLN n 
1 3  PRO n 
1 4  GLY n 
1 5  GLU n 
1 6  TYR n 
1 7  CYS n 
1 8  HIS n 
1 9  GLY n 
1 10 TRP n 
1 11 VAL n 
1 12 ASP n 
1 13 ALA n 
1 14 GLN n 
1 15 GLY n 
1 16 ASN n 
1 17 TYR n 
1 18 HIS n 
1 19 GLU n 
1 20 GLY n 
1 21 PHE n 
1 22 GLN n 
1 23 CYS n 
1 24 PRO n 
1 25 GLU n 
1 26 ASP n 
1 27 PHE n 
1 28 ASP n 
1 29 THR n 
1 30 GLN n 
1 31 ASP n 
1 32 ALA n 
1 33 THR n 
1 34 ILE n 
1 35 CYS n 
1 36 CYS n 
1 37 GLY n 
1 38 SER n 
1 39 CYS n 
1 40 ALA n 
1 41 LEU n 
1 42 ARG n 
1 43 TYR n 
1 44 CYS n 
1 45 CYS n 
1 46 ALA n 
1 47 ALA n 
1 48 ALA n 
1 49 ASP n 
1 50 ALA n 
1 51 ARG n 
1 52 LEU n 
1 53 GLU n 
1 54 GLN n 
1 55 GLY n 
1 56 GLY n 
1 57 CYS n 
1 58 THR n 
1 59 ASN n 
1 60 ASP n 
1 61 ARG n 
1 62 GLY n 
1 63 GLU n 
1 64 LEU n 
1 65 GLU n 
1 66 HIS n 
1 67 PRO n 
1 68 GLY n 
1 69 ILE n 
1 70 THR n 
1 71 ALA n 
1 72 GLN n 
1 73 PRO n 
1 74 VAL n 
1 75 TRP n 
1 76 SER n 
1 77 HIS n 
1 78 PRO n 
1 79 GLN n 
1 80 PHE n 
1 81 GLU n 
1 82 LYS n 
# 
_entity_src_gen.entity_id                          1 
_entity_src_gen.pdbx_src_id                        1 
_entity_src_gen.pdbx_alt_source_flag               sample 
_entity_src_gen.pdbx_seq_type                      'Biological sequence' 
_entity_src_gen.pdbx_beg_seq_num                   1 
_entity_src_gen.pdbx_end_seq_num                   82 
_entity_src_gen.gene_src_common_name               Mouse 
_entity_src_gen.gene_src_genus                     ? 
_entity_src_gen.pdbx_gene_src_gene                 Shisa3 
_entity_src_gen.gene_src_species                   ? 
_entity_src_gen.gene_src_strain                    ? 
_entity_src_gen.gene_src_tissue                    ? 
_entity_src_gen.gene_src_tissue_fraction           ? 
_entity_src_gen.gene_src_details                   ? 
_entity_src_gen.pdbx_gene_src_fragment             ? 
_entity_src_gen.pdbx_gene_src_scientific_name      'Mus musculus' 
_entity_src_gen.pdbx_gene_src_ncbi_taxonomy_id     10090 
_entity_src_gen.pdbx_gene_src_variant              ? 
_entity_src_gen.pdbx_gene_src_cell_line            ? 
_entity_src_gen.pdbx_gene_src_atcc                 ? 
_entity_src_gen.pdbx_gene_src_organ                ? 
_entity_src_gen.pdbx_gene_src_organelle            ? 
_entity_src_gen.pdbx_gene_src_cell                 ? 
_entity_src_gen.pdbx_gene_src_cellular_location    ? 
_entity_src_gen.host_org_common_name               'cabbage looper' 
_entity_src_gen.pdbx_host_org_scientific_name      'Trichoplusia ni' 
_entity_src_gen.pdbx_host_org_ncbi_taxonomy_id     7111 
_entity_src_gen.host_org_genus                     ? 
_entity_src_gen.pdbx_host_org_gene                 ? 
_entity_src_gen.pdbx_host_org_organ                ? 
_entity_src_gen.host_org_species                   ? 
_entity_src_gen.pdbx_host_org_tissue               ? 
_entity_src_gen.pdbx_host_org_tissue_fraction      ? 
_entity_src_gen.pdbx_host_org_strain               ? 
_entity_src_gen.pdbx_host_org_variant              H5 
_entity_src_gen.pdbx_host_org_cell_line            ? 
_entity_src_gen.pdbx_host_org_atcc                 ? 
_entity_src_gen.pdbx_host_org_culture_collection   ? 
_entity_src_gen.pdbx_host_org_cell                 ? 
_entity_src_gen.pdbx_host_org_organelle            ? 
_entity_src_gen.pdbx_host_org_cellular_location    ? 
_entity_src_gen.pdbx_host_org_vector_type          ? 
_entity_src_gen.pdbx_host_org_vector               ? 
_entity_src_gen.host_org_details                   ? 
_entity_src_gen.expression_system_id               ? 
_entity_src_gen.plasmid_name                       pVL1393 
_entity_src_gen.plasmid_details                    ? 
_entity_src_gen.pdbx_description                   ? 
# 
loop_
_chem_comp.id 
_chem_comp.type 
_chem_comp.mon_nstd_flag 
_chem_comp.name 
_chem_comp.pdbx_synonyms 
_chem_comp.formula 
_chem_comp.formula_weight 
ALA 'L-peptide linking' y ALANINE                                ?                               'C3 H7 N O2'     89.093  
ARG 'L-peptide linking' y ARGININE                               ?                               'C6 H15 N4 O2 1' 175.209 
ASN 'L-peptide linking' y ASPARAGINE                             ?                               'C4 H8 N2 O3'    132.118 
ASP 'L-peptide linking' y 'ASPARTIC ACID'                        ?                               'C4 H7 N O4'     133.103 
CYS 'L-peptide linking' y CYSTEINE                               ?                               'C3 H7 N O2 S'   121.158 
EDO non-polymer         . 1,2-ETHANEDIOL                         'ETHYLENE GLYCOL'               'C2 H6 O2'       62.068  
GLN 'L-peptide linking' y GLUTAMINE                              ?                               'C5 H10 N2 O3'   146.144 
GLU 'L-peptide linking' y 'GLUTAMIC ACID'                        ?                               'C5 H9 N O4'     147.129 
GLY 'peptide linking'   y GLYCINE                                ?                               'C2 H5 N O2'     75.067  
GOL non-polymer         . GLYCEROL                               'GLYCERIN; PROPANE-1,2,3-TRIOL' 'C3 H8 O3'       92.094  
HIS 'L-peptide linking' y HISTIDINE                              ?                               'C6 H10 N3 O2 1' 156.162 
HOH non-polymer         . WATER                                  ?                               'H2 O'           18.015  
ILE 'L-peptide linking' y ISOLEUCINE                             ?                               'C6 H13 N O2'    131.173 
LEU 'L-peptide linking' y LEUCINE                                ?                               'C6 H13 N O2'    131.173 
LYS 'L-peptide linking' y LYSINE                                 ?                               'C6 H15 N2 O2 1' 147.195 
MES non-polymer         . '2-(N-MORPHOLINO)-ETHANESULFONIC ACID' ?                               'C6 H13 N O4 S'  195.237 
PCA 'L-peptide linking' n 'PYROGLUTAMIC ACID'                    ?                               'C5 H7 N O3'     129.114 
PEG non-polymer         . 'DI(HYDROXYETHYL)ETHER'                ?                               'C4 H10 O3'      106.120 
PHE 'L-peptide linking' y PHENYLALANINE                          ?                               'C9 H11 N O2'    165.189 
PRO 'L-peptide linking' y PROLINE                                ?                               'C5 H9 N O2'     115.130 
SER 'L-peptide linking' y SERINE                                 ?                               'C3 H7 N O3'     105.093 
SO4 non-polymer         . 'SULFATE ION'                          ?                               'O4 S -2'        96.063  
THR 'L-peptide linking' y THREONINE                              ?                               'C4 H9 N O3'     119.119 
TRP 'L-peptide linking' y TRYPTOPHAN                             ?                               'C11 H12 N2 O2'  204.225 
TYR 'L-peptide linking' y TYROSINE                               ?                               'C9 H11 N O3'    181.189 
VAL 'L-peptide linking' y VALINE                                 ?                               'C5 H11 N O2'    117.146 
# 
loop_
_pdbx_poly_seq_scheme.asym_id 
_pdbx_poly_seq_scheme.entity_id 
_pdbx_poly_seq_scheme.seq_id 
_pdbx_poly_seq_scheme.mon_id 
_pdbx_poly_seq_scheme.ndb_seq_num 
_pdbx_poly_seq_scheme.pdb_seq_num 
_pdbx_poly_seq_scheme.auth_seq_num 
_pdbx_poly_seq_scheme.pdb_mon_id 
_pdbx_poly_seq_scheme.auth_mon_id 
_pdbx_poly_seq_scheme.pdb_strand_id 
_pdbx_poly_seq_scheme.pdb_ins_code 
_pdbx_poly_seq_scheme.hetero 
A 1 1  PCA 1  22  22 PCA PCA A . n 
A 1 2  GLN 2  23  23 GLN GLN A . n 
A 1 3  PRO 3  24  24 PRO PRO A . n 
A 1 4  GLY 4  25  25 GLY GLY A . n 
A 1 5  GLU 5  26  26 GLU GLU A . n 
A 1 6  TYR 6  27  27 TYR TYR A . n 
A 1 7  CYS 7  28  28 CYS CYS A . n 
A 1 8  HIS 8  29  29 HIS HIS A . n 
A 1 9  GLY 9  30  30 GLY GLY A . n 
A 1 10 TRP 10 31  31 TRP TRP A . n 
A 1 11 VAL 11 32  32 VAL VAL A . n 
A 1 12 ASP 12 33  33 ASP ASP A . n 
A 1 13 ALA 13 34  34 ALA ALA A . n 
A 1 14 GLN 14 35  35 GLN GLN A . n 
A 1 15 GLY 15 36  36 GLY GLY A . n 
A 1 16 ASN 16 37  37 ASN ASN A . n 
A 1 17 TYR 17 38  38 TYR TYR A . n 
A 1 18 HIS 18 39  39 HIS HIS A . n 
A 1 19 GLU 19 40  40 GLU GLU A . n 
A 1 20 GLY 20 41  41 GLY GLY A . n 
A 1 21 PHE 21 42  42 PHE PHE A . n 
A 1 22 GLN 22 43  43 GLN GLN A . n 
A 1 23 CYS 23 44  44 CYS CYS A . n 
A 1 24 PRO 24 45  45 PRO PRO A . n 
A 1 25 GLU 25 46  46 GLU GLU A . n 
A 1 26 ASP 26 47  47 ASP ASP A . n 
A 1 27 PHE 27 48  48 PHE PHE A . n 
A 1 28 ASP 28 49  49 ASP ASP A . n 
A 1 29 THR 29 50  50 THR THR A . n 
A 1 30 GLN 30 51  51 GLN GLN A . n 
A 1 31 ASP 31 52  52 ASP ASP A . n 
A 1 32 ALA 32 53  53 ALA ALA A . n 
A 1 33 THR 33 54  54 THR THR A . n 
A 1 34 ILE 34 55  55 ILE ILE A . n 
A 1 35 CYS 35 56  56 CYS CYS A . n 
A 1 36 CYS 36 57  57 CYS CYS A . n 
A 1 37 GLY 37 58  58 GLY GLY A . n 
A 1 38 SER 38 59  59 SER SER A . n 
A 1 39 CYS 39 60  60 CYS CYS A . n 
A 1 40 ALA 40 61  61 ALA ALA A . n 
A 1 41 LEU 41 62  62 LEU LEU A . n 
A 1 42 ARG 42 63  63 ARG ARG A . n 
A 1 43 TYR 43 64  64 TYR TYR A . n 
A 1 44 CYS 44 65  65 CYS CYS A . n 
A 1 45 CYS 45 66  66 CYS CYS A . n 
A 1 46 ALA 46 67  67 ALA ALA A . n 
A 1 47 ALA 47 68  68 ALA ALA A . n 
A 1 48 ALA 48 69  69 ALA ALA A . n 
A 1 49 ASP 49 70  70 ASP ASP A . n 
A 1 50 ALA 50 71  71 ALA ALA A . n 
A 1 51 ARG 51 72  72 ARG ARG A . n 
A 1 52 LEU 52 73  73 LEU LEU A . n 
A 1 53 GLU 53 74  74 GLU GLU A . n 
A 1 54 GLN 54 75  75 GLN GLN A . n 
A 1 55 GLY 55 76  76 GLY GLY A . n 
A 1 56 GLY 56 77  77 GLY GLY A . n 
A 1 57 CYS 57 78  78 CYS CYS A . n 
A 1 58 THR 58 79  79 THR THR A . n 
A 1 59 ASN 59 80  80 ASN ASN A . n 
A 1 60 ASP 60 81  81 ASP ASP A . n 
A 1 61 ARG 61 82  82 ARG ARG A . n 
A 1 62 GLY 62 83  83 GLY GLY A . n 
A 1 63 GLU 63 84  84 GLU GLU A . n 
A 1 64 LEU 64 85  ?  ?   ?   A . n 
A 1 65 GLU 65 86  ?  ?   ?   A . n 
A 1 66 HIS 66 87  ?  ?   ?   A . n 
A 1 67 PRO 67 88  ?  ?   ?   A . n 
A 1 68 GLY 68 89  ?  ?   ?   A . n 
A 1 69 ILE 69 90  ?  ?   ?   A . n 
A 1 70 THR 70 91  ?  ?   ?   A . n 
A 1 71 ALA 71 92  ?  ?   ?   A . n 
A 1 72 GLN 72 93  ?  ?   ?   A . n 
A 1 73 PRO 73 94  ?  ?   ?   A . n 
A 1 74 VAL 74 95  ?  ?   ?   A . n 
A 1 75 TRP 75 96  ?  ?   ?   A . n 
A 1 76 SER 76 97  ?  ?   ?   A . n 
A 1 77 HIS 77 98  ?  ?   ?   A . n 
A 1 78 PRO 78 99  ?  ?   ?   A . n 
A 1 79 GLN 79 100 ?  ?   ?   A . n 
A 1 80 PHE 80 101 ?  ?   ?   A . n 
A 1 81 GLU 81 102 ?  ?   ?   A . n 
A 1 82 LYS 82 103 ?  ?   ?   A . n 
# 
loop_
_pdbx_nonpoly_scheme.asym_id 
_pdbx_nonpoly_scheme.entity_id 
_pdbx_nonpoly_scheme.mon_id 
_pdbx_nonpoly_scheme.ndb_seq_num 
_pdbx_nonpoly_scheme.pdb_seq_num 
_pdbx_nonpoly_scheme.auth_seq_num 
_pdbx_nonpoly_scheme.pdb_mon_id 
_pdbx_nonpoly_scheme.auth_mon_id 
_pdbx_nonpoly_scheme.pdb_strand_id 
_pdbx_nonpoly_scheme.pdb_ins_code 
B 2 SO4 1   201 1   SO4 SO4 A . 
C 2 SO4 1   202 2   SO4 SO4 A . 
D 3 GOL 1   203 1   GOL GOL A . 
E 3 GOL 1   204 2   GOL GOL A . 
F 3 GOL 1   205 3   GOL GOL A . 
G 4 EDO 1   206 1   EDO EDO A . 
H 4 EDO 1   207 2   EDO EDO A . 
I 4 EDO 1   208 4   EDO EDO A . 
J 5 MES 1   209 1   MES MES A . 
K 6 PEG 1   210 1   PEG PEG A . 
L 7 HOH 1   301 53  HOH HOH A . 
L 7 HOH 2   302 37  HOH HOH A . 
L 7 HOH 3   303 46  HOH HOH A . 
L 7 HOH 4   304 86  HOH HOH A . 
L 7 HOH 5   305 5   HOH HOH A . 
L 7 HOH 6   306 26  HOH HOH A . 
L 7 HOH 7   307 21  HOH HOH A . 
L 7 HOH 8   308 47  HOH HOH A . 
L 7 HOH 9   309 71  HOH HOH A . 
L 7 HOH 10  310 8   HOH HOH A . 
L 7 HOH 11  311 78  HOH HOH A . 
L 7 HOH 12  312 18  HOH HOH A . 
L 7 HOH 13  313 73  HOH HOH A . 
L 7 HOH 14  314 29  HOH HOH A . 
L 7 HOH 15  315 80  HOH HOH A . 
L 7 HOH 16  316 31  HOH HOH A . 
L 7 HOH 17  317 4   HOH HOH A . 
L 7 HOH 18  318 55  HOH HOH A . 
L 7 HOH 19  319 94  HOH HOH A . 
L 7 HOH 20  320 60  HOH HOH A . 
L 7 HOH 21  321 40  HOH HOH A . 
L 7 HOH 22  322 32  HOH HOH A . 
L 7 HOH 23  323 50  HOH HOH A . 
L 7 HOH 24  324 51  HOH HOH A . 
L 7 HOH 25  325 14  HOH HOH A . 
L 7 HOH 26  326 24  HOH HOH A . 
L 7 HOH 27  327 97  HOH HOH A . 
L 7 HOH 28  328 105 HOH HOH A . 
L 7 HOH 29  329 9   HOH HOH A . 
L 7 HOH 30  330 2   HOH HOH A . 
L 7 HOH 31  331 49  HOH HOH A . 
L 7 HOH 32  332 12  HOH HOH A . 
L 7 HOH 33  333 13  HOH HOH A . 
L 7 HOH 34  334 58  HOH HOH A . 
L 7 HOH 35  335 83  HOH HOH A . 
L 7 HOH 36  336 63  HOH HOH A . 
L 7 HOH 37  337 19  HOH HOH A . 
L 7 HOH 38  338 25  HOH HOH A . 
L 7 HOH 39  339 91  HOH HOH A . 
L 7 HOH 40  340 15  HOH HOH A . 
L 7 HOH 41  341 20  HOH HOH A . 
L 7 HOH 42  342 33  HOH HOH A . 
L 7 HOH 43  343 92  HOH HOH A . 
L 7 HOH 44  344 38  HOH HOH A . 
L 7 HOH 45  345 7   HOH HOH A . 
L 7 HOH 46  346 16  HOH HOH A . 
L 7 HOH 47  347 101 HOH HOH A . 
L 7 HOH 48  348 56  HOH HOH A . 
L 7 HOH 49  349 3   HOH HOH A . 
L 7 HOH 50  350 59  HOH HOH A . 
L 7 HOH 51  351 17  HOH HOH A . 
L 7 HOH 52  352 1   HOH HOH A . 
L 7 HOH 53  353 89  HOH HOH A . 
L 7 HOH 54  354 102 HOH HOH A . 
L 7 HOH 55  355 74  HOH HOH A . 
L 7 HOH 56  356 42  HOH HOH A . 
L 7 HOH 57  357 28  HOH HOH A . 
L 7 HOH 58  358 54  HOH HOH A . 
L 7 HOH 59  359 62  HOH HOH A . 
L 7 HOH 60  360 93  HOH HOH A . 
L 7 HOH 61  361 67  HOH HOH A . 
L 7 HOH 62  362 87  HOH HOH A . 
L 7 HOH 63  363 69  HOH HOH A . 
L 7 HOH 64  364 35  HOH HOH A . 
L 7 HOH 65  365 106 HOH HOH A . 
L 7 HOH 66  366 84  HOH HOH A . 
L 7 HOH 67  367 6   HOH HOH A . 
L 7 HOH 68  368 75  HOH HOH A . 
L 7 HOH 69  369 30  HOH HOH A . 
L 7 HOH 70  370 61  HOH HOH A . 
L 7 HOH 71  371 22  HOH HOH A . 
L 7 HOH 72  372 11  HOH HOH A . 
L 7 HOH 73  373 68  HOH HOH A . 
L 7 HOH 74  374 81  HOH HOH A . 
L 7 HOH 75  375 27  HOH HOH A . 
L 7 HOH 76  376 48  HOH HOH A . 
L 7 HOH 77  377 77  HOH HOH A . 
L 7 HOH 78  378 95  HOH HOH A . 
L 7 HOH 79  379 10  HOH HOH A . 
L 7 HOH 80  380 76  HOH HOH A . 
L 7 HOH 81  381 103 HOH HOH A . 
L 7 HOH 82  382 34  HOH HOH A . 
L 7 HOH 83  383 64  HOH HOH A . 
L 7 HOH 84  384 65  HOH HOH A . 
L 7 HOH 85  385 39  HOH HOH A . 
L 7 HOH 86  386 88  HOH HOH A . 
L 7 HOH 87  387 23  HOH HOH A . 
L 7 HOH 88  388 72  HOH HOH A . 
L 7 HOH 89  389 99  HOH HOH A . 
L 7 HOH 90  390 96  HOH HOH A . 
L 7 HOH 91  391 43  HOH HOH A . 
L 7 HOH 92  392 82  HOH HOH A . 
L 7 HOH 93  393 45  HOH HOH A . 
L 7 HOH 94  394 79  HOH HOH A . 
L 7 HOH 95  395 104 HOH HOH A . 
L 7 HOH 96  396 44  HOH HOH A . 
L 7 HOH 97  397 36  HOH HOH A . 
L 7 HOH 98  398 107 HOH HOH A . 
L 7 HOH 99  399 52  HOH HOH A . 
L 7 HOH 100 400 90  HOH HOH A . 
L 7 HOH 101 401 57  HOH HOH A . 
L 7 HOH 102 402 66  HOH HOH A . 
L 7 HOH 103 403 100 HOH HOH A . 
L 7 HOH 104 404 85  HOH HOH A . 
L 7 HOH 105 405 41  HOH HOH A . 
L 7 HOH 106 406 108 HOH HOH A . 
L 7 HOH 107 407 70  HOH HOH A . 
L 7 HOH 108 408 98  HOH HOH A . 
# 
loop_
_software.citation_id 
_software.classification 
_software.compiler_name 
_software.compiler_version 
_software.contact_author 
_software.contact_author_email 
_software.date 
_software.description 
_software.dependencies 
_software.hardware 
_software.language 
_software.location 
_software.mods 
_software.name 
_software.os 
_software.os_version 
_software.type 
_software.version 
_software.pdbx_ordinal 
? refinement       ? ? ? ? ? ? ? ? ? ? ? REFMAC  ? ? ? 5.8.0155 1 
? 'data reduction' ? ? ? ? ? ? ? ? ? ? ? XDS     ? ? ? .        2 
? 'data scaling'   ? ? ? ? ? ? ? ? ? ? ? Aimless ? ? ? .        3 
? phasing          ? ? ? ? ? ? ? ? ? ? ? PHASER  ? ? ? .        4 
# 
_cell.entry_id           5M0W 
_cell.length_a           59.765 
_cell.length_b           59.765 
_cell.length_c           48.591 
_cell.angle_alpha        90.00 
_cell.angle_beta         90.00 
_cell.angle_gamma        90.00 
_cell.Z_PDB              8 
_cell.pdbx_unique_axis   ? 
# 
_symmetry.entry_id                         5M0W 
_symmetry.space_group_name_H-M             'P 43 21 2' 
_symmetry.pdbx_full_space_group_name_H-M   ? 
_symmetry.cell_setting                     ? 
_symmetry.Int_Tables_number                96 
# 
_exptl.absorpt_coefficient_mu     ? 
_exptl.absorpt_correction_T_max   ? 
_exptl.absorpt_correction_T_min   ? 
_exptl.absorpt_correction_type    ? 
_exptl.absorpt_process_details    ? 
_exptl.entry_id                   5M0W 
_exptl.crystals_number            1 
_exptl.details                    ? 
_exptl.method                     'X-RAY DIFFRACTION' 
_exptl.method_details             ? 
# 
_exptl_crystal.colour                      ? 
_exptl_crystal.density_diffrn              ? 
_exptl_crystal.density_Matthews            2.40 
_exptl_crystal.density_method              ? 
_exptl_crystal.density_percent_sol         48.74 
_exptl_crystal.description                 ? 
_exptl_crystal.F_000                       ? 
_exptl_crystal.id                          1 
_exptl_crystal.preparation                 ? 
_exptl_crystal.size_max                    ? 
_exptl_crystal.size_mid                    ? 
_exptl_crystal.size_min                    ? 
_exptl_crystal.size_rad                    ? 
_exptl_crystal.colour_lustre               ? 
_exptl_crystal.colour_modifier             ? 
_exptl_crystal.colour_primary              ? 
_exptl_crystal.density_meas                ? 
_exptl_crystal.density_meas_esd            ? 
_exptl_crystal.density_meas_gt             ? 
_exptl_crystal.density_meas_lt             ? 
_exptl_crystal.density_meas_temp           ? 
_exptl_crystal.density_meas_temp_esd       ? 
_exptl_crystal.density_meas_temp_gt        ? 
_exptl_crystal.density_meas_temp_lt        ? 
_exptl_crystal.pdbx_crystal_image_url      ? 
_exptl_crystal.pdbx_crystal_image_format   ? 
_exptl_crystal.pdbx_mosaicity              ? 
_exptl_crystal.pdbx_mosaicity_esd          ? 
# 
_exptl_crystal_grow.apparatus       ? 
_exptl_crystal_grow.atmosphere      ? 
_exptl_crystal_grow.crystal_id      1 
_exptl_crystal_grow.details         ? 
_exptl_crystal_grow.method          'VAPOR DIFFUSION, HANGING DROP' 
_exptl_crystal_grow.method_ref      ? 
_exptl_crystal_grow.pH              6.5 
_exptl_crystal_grow.pressure        ? 
_exptl_crystal_grow.pressure_esd    ? 
_exptl_crystal_grow.seeding         ? 
_exptl_crystal_grow.seeding_ref     ? 
_exptl_crystal_grow.temp            277 
_exptl_crystal_grow.temp_details    ? 
_exptl_crystal_grow.temp_esd        ? 
_exptl_crystal_grow.time            ? 
_exptl_crystal_grow.pdbx_details    '2.0 M (NH4)2SO4, 100 mM MES pH 6.5, 4% PEG 400' 
_exptl_crystal_grow.pdbx_pH_range   ? 
# 
_diffrn.ambient_environment    ? 
_diffrn.ambient_temp           100 
_diffrn.ambient_temp_details   ? 
_diffrn.ambient_temp_esd       ? 
_diffrn.crystal_id             1 
_diffrn.crystal_support        ? 
_diffrn.crystal_treatment      ? 
_diffrn.details                ? 
_diffrn.id                     1 
_diffrn.ambient_pressure       ? 
_diffrn.ambient_pressure_esd   ? 
_diffrn.ambient_pressure_gt    ? 
_diffrn.ambient_pressure_lt    ? 
_diffrn.ambient_temp_gt        ? 
_diffrn.ambient_temp_lt        ? 
# 
_diffrn_detector.details                      ? 
_diffrn_detector.detector                     CCD 
_diffrn_detector.diffrn_id                    1 
_diffrn_detector.type                         'MAR CCD 165 mm' 
_diffrn_detector.area_resol_mean              ? 
_diffrn_detector.dtime                        ? 
_diffrn_detector.pdbx_frames_total            ? 
_diffrn_detector.pdbx_collection_time_total   ? 
_diffrn_detector.pdbx_collection_date         2005-09-04 
# 
_diffrn_radiation.collimation                      ? 
_diffrn_radiation.diffrn_id                        1 
_diffrn_radiation.filter_edge                      ? 
_diffrn_radiation.inhomogeneity                    ? 
_diffrn_radiation.monochromator                    ? 
_diffrn_radiation.polarisn_norm                    ? 
_diffrn_radiation.polarisn_ratio                   ? 
_diffrn_radiation.probe                            ? 
_diffrn_radiation.type                             ? 
_diffrn_radiation.xray_symbol                      ? 
_diffrn_radiation.wavelength_id                    1 
_diffrn_radiation.pdbx_monochromatic_or_laue_m_l   M 
_diffrn_radiation.pdbx_wavelength_list             ? 
_diffrn_radiation.pdbx_wavelength                  ? 
_diffrn_radiation.pdbx_diffrn_protocol             'SINGLE WAVELENGTH' 
_diffrn_radiation.pdbx_analyzer                    ? 
_diffrn_radiation.pdbx_scattering_type             x-ray 
# 
_diffrn_radiation_wavelength.id           1 
_diffrn_radiation_wavelength.wavelength   0.931 
_diffrn_radiation_wavelength.wt           1.0 
# 
_diffrn_source.current                     ? 
_diffrn_source.details                     ? 
_diffrn_source.diffrn_id                   1 
_diffrn_source.power                       ? 
_diffrn_source.size                        ? 
_diffrn_source.source                      SYNCHROTRON 
_diffrn_source.target                      ? 
_diffrn_source.type                        'ESRF BEAMLINE ID14-3' 
_diffrn_source.voltage                     ? 
_diffrn_source.take-off_angle              ? 
_diffrn_source.pdbx_wavelength_list        0.931 
_diffrn_source.pdbx_wavelength             ? 
_diffrn_source.pdbx_synchrotron_beamline   ID14-3 
_diffrn_source.pdbx_synchrotron_site       ESRF 
# 
_reflns.B_iso_Wilson_estimate            12.2 
_reflns.entry_id                         5M0W 
_reflns.data_reduction_details           ? 
_reflns.data_reduction_method            ? 
_reflns.d_resolution_high                1.39 
_reflns.d_resolution_low                 29.88 
_reflns.details                          ? 
_reflns.limit_h_max                      ? 
_reflns.limit_h_min                      ? 
_reflns.limit_k_max                      ? 
_reflns.limit_k_min                      ? 
_reflns.limit_l_max                      ? 
_reflns.limit_l_min                      ? 
_reflns.number_all                       ? 
_reflns.number_obs                       18352 
_reflns.observed_criterion               ? 
_reflns.observed_criterion_F_max         ? 
_reflns.observed_criterion_F_min         ? 
_reflns.observed_criterion_I_max         ? 
_reflns.observed_criterion_I_min         ? 
_reflns.observed_criterion_sigma_F       ? 
_reflns.observed_criterion_sigma_I       ? 
_reflns.percent_possible_obs             99.3 
_reflns.R_free_details                   ? 
_reflns.Rmerge_F_all                     ? 
_reflns.Rmerge_F_obs                     ? 
_reflns.Friedel_coverage                 ? 
_reflns.number_gt                        ? 
_reflns.threshold_expression             ? 
_reflns.pdbx_redundancy                  6.8 
_reflns.pdbx_Rmerge_I_obs                0.03 
_reflns.pdbx_Rmerge_I_all                ? 
_reflns.pdbx_Rsym_value                  ? 
_reflns.pdbx_netI_over_av_sigmaI         ? 
_reflns.pdbx_netI_over_sigmaI            30.5 
_reflns.pdbx_res_netI_over_av_sigmaI_2   ? 
_reflns.pdbx_res_netI_over_sigmaI_2      ? 
_reflns.pdbx_chi_squared                 ? 
_reflns.pdbx_scaling_rejects             ? 
_reflns.pdbx_d_res_high_opt              ? 
_reflns.pdbx_d_res_low_opt               ? 
_reflns.pdbx_d_res_opt_method            ? 
_reflns.phase_calculation_details        ? 
_reflns.pdbx_Rrim_I_all                  ? 
_reflns.pdbx_Rpim_I_all                  ? 
_reflns.pdbx_d_opt                       ? 
_reflns.pdbx_number_measured_all         ? 
_reflns.pdbx_diffrn_id                   1 
_reflns.pdbx_ordinal                     1 
_reflns.pdbx_CC_half                     1 
_reflns.pdbx_R_split                     ? 
# 
_reflns_shell.d_res_high                  1.39 
_reflns_shell.d_res_low                   1.41 
_reflns_shell.meanI_over_sigI_all         ? 
_reflns_shell.meanI_over_sigI_obs         3.4 
_reflns_shell.number_measured_all         ? 
_reflns_shell.number_measured_obs         ? 
_reflns_shell.number_possible             ? 
_reflns_shell.number_unique_all           ? 
_reflns_shell.number_unique_obs           ? 
_reflns_shell.percent_possible_all        88.3 
_reflns_shell.percent_possible_obs        ? 
_reflns_shell.Rmerge_F_all                ? 
_reflns_shell.Rmerge_F_obs                ? 
_reflns_shell.Rmerge_I_all                ? 
_reflns_shell.Rmerge_I_obs                0.456 
_reflns_shell.meanI_over_sigI_gt          ? 
_reflns_shell.meanI_over_uI_all           ? 
_reflns_shell.meanI_over_uI_gt            ? 
_reflns_shell.number_measured_gt          ? 
_reflns_shell.number_unique_gt            ? 
_reflns_shell.percent_possible_gt         ? 
_reflns_shell.Rmerge_F_gt                 ? 
_reflns_shell.Rmerge_I_gt                 ? 
_reflns_shell.pdbx_redundancy             3.2 
_reflns_shell.pdbx_Rsym_value             ? 
_reflns_shell.pdbx_chi_squared            ? 
_reflns_shell.pdbx_netI_over_sigmaI_all   ? 
_reflns_shell.pdbx_netI_over_sigmaI_obs   ? 
_reflns_shell.pdbx_Rrim_I_all             ? 
_reflns_shell.pdbx_Rpim_I_all             ? 
_reflns_shell.pdbx_rejects                ? 
_reflns_shell.pdbx_ordinal                1 
_reflns_shell.pdbx_diffrn_id              1 
_reflns_shell.pdbx_CC_half                0.879 
_reflns_shell.pdbx_R_split                ? 
# 
_refine.pdbx_refine_id                           'X-RAY DIFFRACTION' 
_refine.entry_id                                 5M0W 
_refine.pdbx_diffrn_id                           1 
_refine.pdbx_TLS_residual_ADP_flag               ? 
_refine.ls_number_reflns_obs                     17366 
_refine.ls_number_reflns_all                     ? 
_refine.pdbx_ls_sigma_I                          ? 
_refine.pdbx_ls_sigma_F                          ? 
_refine.pdbx_data_cutoff_high_absF               ? 
_refine.pdbx_data_cutoff_low_absF                ? 
_refine.pdbx_data_cutoff_high_rms_absF           ? 
_refine.ls_d_res_low                             30.00 
_refine.ls_d_res_high                            1.39 
_refine.ls_percent_reflns_obs                    99.11 
_refine.ls_R_factor_obs                          0.11644 
_refine.ls_R_factor_all                          ? 
_refine.ls_R_factor_R_work                       0.11535 
_refine.ls_R_factor_R_free                       0.13668 
_refine.ls_R_factor_R_free_error                 ? 
_refine.ls_R_factor_R_free_error_details         ? 
_refine.ls_percent_reflns_R_free                 5.1 
_refine.ls_number_reflns_R_free                  935 
_refine.ls_number_parameters                     ? 
_refine.ls_number_restraints                     ? 
_refine.occupancy_min                            ? 
_refine.occupancy_max                            ? 
_refine.correlation_coeff_Fo_to_Fc               0.977 
_refine.correlation_coeff_Fo_to_Fc_free          0.977 
_refine.B_iso_mean                               21.161 
_refine.aniso_B[1][1]                            0.14 
_refine.aniso_B[2][2]                            0.14 
_refine.aniso_B[3][3]                            -0.28 
_refine.aniso_B[1][2]                            -0.00 
_refine.aniso_B[1][3]                            -0.00 
_refine.aniso_B[2][3]                            -0.00 
_refine.solvent_model_details                    MASK 
_refine.solvent_model_param_ksol                 ? 
_refine.solvent_model_param_bsol                 ? 
_refine.pdbx_solvent_vdw_probe_radii             1.20 
_refine.pdbx_solvent_ion_probe_radii             0.80 
_refine.pdbx_solvent_shrinkage_radii             0.80 
_refine.pdbx_ls_cross_valid_method               THROUGHOUT 
_refine.details                                  'HYDROGENS HAVE BEEN ADDED IN THE RIDING POSITIONS' 
_refine.pdbx_starting_model                      'Single sulphur' 
_refine.pdbx_method_to_determine_struct          'MOLECULAR REPLACEMENT' 
_refine.pdbx_isotropic_thermal_model             ? 
_refine.pdbx_stereochemistry_target_values       'MAXIMUM LIKELIHOOD' 
_refine.pdbx_stereochem_target_val_spec_case     ? 
_refine.pdbx_R_Free_selection_details            RANDOM 
_refine.pdbx_overall_ESU_R                       0.041 
_refine.pdbx_overall_ESU_R_Free                  0.039 
_refine.overall_SU_ML                            0.022 
_refine.pdbx_overall_phase_error                 ? 
_refine.overall_SU_B                             1.276 
_refine.overall_SU_R_Cruickshank_DPI             ? 
_refine.pdbx_overall_SU_R_free_Cruickshank_DPI   ? 
_refine.pdbx_overall_SU_R_Blow_DPI               ? 
_refine.pdbx_overall_SU_R_free_Blow_DPI          ? 
# 
_refine_hist.pdbx_refine_id                   'X-RAY DIFFRACTION' 
_refine_hist.cycle_id                         1 
_refine_hist.pdbx_number_atoms_protein        474 
_refine_hist.pdbx_number_atoms_nucleic_acid   0 
_refine_hist.pdbx_number_atoms_ligand         59 
_refine_hist.number_atoms_solvent             108 
_refine_hist.number_atoms_total               641 
_refine_hist.d_res_high                       1.39 
_refine_hist.d_res_low                        30.00 
# 
loop_
_refine_ls_restr.type 
_refine_ls_restr.dev_ideal 
_refine_ls_restr.dev_ideal_target 
_refine_ls_restr.weight 
_refine_ls_restr.number 
_refine_ls_restr.pdbx_refine_id 
_refine_ls_restr.pdbx_restraint_function 
r_bond_refined_d             0.014  0.019  ? 591  'X-RAY DIFFRACTION' ? 
r_bond_other_d               0.004  0.020  ? 487  'X-RAY DIFFRACTION' ? 
r_angle_refined_deg          1.713  1.984  ? 799  'X-RAY DIFFRACTION' ? 
r_angle_other_deg            1.142  2.991  ? 1137 'X-RAY DIFFRACTION' ? 
r_dihedral_angle_1_deg       6.467  5.000  ? 73   'X-RAY DIFFRACTION' ? 
r_dihedral_angle_2_deg       34.018 24.865 ? 37   'X-RAY DIFFRACTION' ? 
r_dihedral_angle_3_deg       11.127 15.000 ? 77   'X-RAY DIFFRACTION' ? 
r_dihedral_angle_4_deg       14.191 15.000 ? 3    'X-RAY DIFFRACTION' ? 
r_chiral_restr               0.112  0.200  ? 77   'X-RAY DIFFRACTION' ? 
r_gen_planes_refined         0.007  0.020  ? 681  'X-RAY DIFFRACTION' ? 
r_gen_planes_other           0.002  0.020  ? 136  'X-RAY DIFFRACTION' ? 
r_nbd_refined                ?      ?      ? ?    'X-RAY DIFFRACTION' ? 
r_nbd_other                  ?      ?      ? ?    'X-RAY DIFFRACTION' ? 
r_nbtor_refined              ?      ?      ? ?    'X-RAY DIFFRACTION' ? 
r_nbtor_other                ?      ?      ? ?    'X-RAY DIFFRACTION' ? 
r_xyhbond_nbd_refined        ?      ?      ? ?    'X-RAY DIFFRACTION' ? 
r_xyhbond_nbd_other          ?      ?      ? ?    'X-RAY DIFFRACTION' ? 
r_metal_ion_refined          ?      ?      ? ?    'X-RAY DIFFRACTION' ? 
r_metal_ion_other            ?      ?      ? ?    'X-RAY DIFFRACTION' ? 
r_symmetry_vdw_refined       ?      ?      ? ?    'X-RAY DIFFRACTION' ? 
r_symmetry_vdw_other         ?      ?      ? ?    'X-RAY DIFFRACTION' ? 
r_symmetry_hbond_refined     ?      ?      ? ?    'X-RAY DIFFRACTION' ? 
r_symmetry_hbond_other       ?      ?      ? ?    'X-RAY DIFFRACTION' ? 
r_symmetry_metal_ion_refined ?      ?      ? ?    'X-RAY DIFFRACTION' ? 
r_symmetry_metal_ion_other   ?      ?      ? ?    'X-RAY DIFFRACTION' ? 
r_mcbond_it                  1.750  1.583  ? 267  'X-RAY DIFFRACTION' ? 
r_mcbond_other               1.590  1.555  ? 265  'X-RAY DIFFRACTION' ? 
r_mcangle_it                 2.061  2.361  ? 335  'X-RAY DIFFRACTION' ? 
r_mcangle_other              2.058  2.377  ? 336  'X-RAY DIFFRACTION' ? 
r_scbond_it                  2.910  2.147  ? 323  'X-RAY DIFFRACTION' ? 
r_scbond_other               2.865  2.147  ? 323  'X-RAY DIFFRACTION' ? 
r_scangle_it                 ?      ?      ? ?    'X-RAY DIFFRACTION' ? 
r_scangle_other              3.350  3.040  ? 458  'X-RAY DIFFRACTION' ? 
r_long_range_B_refined       4.181  23.658 ? 672  'X-RAY DIFFRACTION' ? 
r_long_range_B_other         3.758  22.297 ? 646  'X-RAY DIFFRACTION' ? 
r_rigid_bond_restr           7.999  3.000  ? 1075 'X-RAY DIFFRACTION' ? 
r_sphericity_free            29.170 1.000  ? 68   'X-RAY DIFFRACTION' ? 
r_sphericity_bonded          10.903 1.000  ? 1109 'X-RAY DIFFRACTION' ? 
# 
_refine_ls_shell.pdbx_refine_id                   'X-RAY DIFFRACTION' 
_refine_ls_shell.pdbx_total_number_of_bins_used   20 
_refine_ls_shell.d_res_high                       1.385 
_refine_ls_shell.d_res_low                        1.421 
_refine_ls_shell.number_reflns_R_work             1159 
_refine_ls_shell.R_factor_R_work                  0.317 
_refine_ls_shell.percent_reflns_obs               90.96 
_refine_ls_shell.R_factor_R_free                  0.394 
_refine_ls_shell.R_factor_R_free_error            ? 
_refine_ls_shell.percent_reflns_R_free            ? 
_refine_ls_shell.number_reflns_R_free             58 
_refine_ls_shell.number_reflns_all                ? 
_refine_ls_shell.R_factor_all                     ? 
_refine_ls_shell.R_factor_obs                     ? 
_refine_ls_shell.number_reflns_obs                ? 
# 
_struct.entry_id                     5M0W 
_struct.title                        'N-terminal domain of mouse Shisa 3' 
_struct.pdbx_model_details           ? 
_struct.pdbx_formula_weight          ? 
_struct.pdbx_formula_weight_method   ? 
_struct.pdbx_model_type_details      ? 
_struct.pdbx_CASP_flag               N 
# 
_struct_keywords.entry_id        5M0W 
_struct_keywords.text            
'Single-pass transmembrane protein, tumor suppressor gene, Wnt-signaling pathway, disulfide, signaling protein' 
_struct_keywords.pdbx_keywords   'SIGNALING PROTEIN' 
# 
loop_
_struct_asym.id 
_struct_asym.pdbx_blank_PDB_chainid_flag 
_struct_asym.pdbx_modified 
_struct_asym.entity_id 
_struct_asym.details 
A N N 1 ? 
B N N 2 ? 
C N N 2 ? 
D N N 3 ? 
E N N 3 ? 
F N N 3 ? 
G N N 4 ? 
H N N 4 ? 
I N N 4 ? 
J N N 5 ? 
K N N 6 ? 
L N N 7 ? 
# 
_struct_ref.id                         1 
_struct_ref.db_name                    UNP 
_struct_ref.db_code                    SHSA3_MOUSE 
_struct_ref.pdbx_db_accession          Q3UPR0 
_struct_ref.pdbx_db_isoform            ? 
_struct_ref.entity_id                  1 
_struct_ref.pdbx_seq_one_letter_code   QQPGEYCHGWVDAQGNYHEGFQCPEDFDTQDATICCGSCALRYCCAAADARLEQGGCTNDRGELEHPGITAQPV 
_struct_ref.pdbx_align_begin           22 
# 
_struct_ref_seq.align_id                      1 
_struct_ref_seq.ref_id                        1 
_struct_ref_seq.pdbx_PDB_id_code              5M0W 
_struct_ref_seq.pdbx_strand_id                A 
_struct_ref_seq.seq_align_beg                 1 
_struct_ref_seq.pdbx_seq_align_beg_ins_code   ? 
_struct_ref_seq.seq_align_end                 74 
_struct_ref_seq.pdbx_seq_align_end_ins_code   ? 
_struct_ref_seq.pdbx_db_accession             Q3UPR0 
_struct_ref_seq.db_align_beg                  22 
_struct_ref_seq.pdbx_db_align_beg_ins_code    ? 
_struct_ref_seq.db_align_end                  95 
_struct_ref_seq.pdbx_db_align_end_ins_code    ? 
_struct_ref_seq.pdbx_auth_seq_align_beg       22 
_struct_ref_seq.pdbx_auth_seq_align_end       95 
# 
loop_
_struct_ref_seq_dif.align_id 
_struct_ref_seq_dif.pdbx_pdb_id_code 
_struct_ref_seq_dif.mon_id 
_struct_ref_seq_dif.pdbx_pdb_strand_id 
_struct_ref_seq_dif.seq_num 
_struct_ref_seq_dif.pdbx_pdb_ins_code 
_struct_ref_seq_dif.pdbx_seq_db_name 
_struct_ref_seq_dif.pdbx_seq_db_accession_code 
_struct_ref_seq_dif.db_mon_id 
_struct_ref_seq_dif.pdbx_seq_db_seq_num 
_struct_ref_seq_dif.details 
_struct_ref_seq_dif.pdbx_auth_seq_num 
_struct_ref_seq_dif.pdbx_ordinal 
1 5M0W TRP A 75 ? UNP Q3UPR0 ? ? 'expression tag' 96  1 
1 5M0W SER A 76 ? UNP Q3UPR0 ? ? 'expression tag' 97  2 
1 5M0W HIS A 77 ? UNP Q3UPR0 ? ? 'expression tag' 98  3 
1 5M0W PRO A 78 ? UNP Q3UPR0 ? ? 'expression tag' 99  4 
1 5M0W GLN A 79 ? UNP Q3UPR0 ? ? 'expression tag' 100 5 
1 5M0W PHE A 80 ? UNP Q3UPR0 ? ? 'expression tag' 101 6 
1 5M0W GLU A 81 ? UNP Q3UPR0 ? ? 'expression tag' 102 7 
1 5M0W LYS A 82 ? UNP Q3UPR0 ? ? 'expression tag' 103 8 
# 
_pdbx_struct_assembly.id                   1 
_pdbx_struct_assembly.details              author_and_software_defined_assembly 
_pdbx_struct_assembly.method_details       PISA 
_pdbx_struct_assembly.oligomeric_details   monomeric 
_pdbx_struct_assembly.oligomeric_count     1 
# 
loop_
_pdbx_struct_assembly_prop.biol_id 
_pdbx_struct_assembly_prop.type 
_pdbx_struct_assembly_prop.value 
_pdbx_struct_assembly_prop.details 
1 'ABSA (A^2)' 2150 ? 
1 MORE         -21  ? 
1 'SSA (A^2)'  4550 ? 
# 
_pdbx_struct_assembly_gen.assembly_id       1 
_pdbx_struct_assembly_gen.oper_expression   1 
_pdbx_struct_assembly_gen.asym_id_list      A,B,C,D,E,F,G,H,I,J,K,L 
# 
_pdbx_struct_oper_list.id                   1 
_pdbx_struct_oper_list.type                 'identity operation' 
_pdbx_struct_oper_list.name                 1_555 
_pdbx_struct_oper_list.symmetry_operation   x,y,z 
_pdbx_struct_oper_list.matrix[1][1]         1.0000000000 
_pdbx_struct_oper_list.matrix[1][2]         0.0000000000 
_pdbx_struct_oper_list.matrix[1][3]         0.0000000000 
_pdbx_struct_oper_list.vector[1]            0.0000000000 
_pdbx_struct_oper_list.matrix[2][1]         0.0000000000 
_pdbx_struct_oper_list.matrix[2][2]         1.0000000000 
_pdbx_struct_oper_list.matrix[2][3]         0.0000000000 
_pdbx_struct_oper_list.vector[2]            0.0000000000 
_pdbx_struct_oper_list.matrix[3][1]         0.0000000000 
_pdbx_struct_oper_list.matrix[3][2]         0.0000000000 
_pdbx_struct_oper_list.matrix[3][3]         1.0000000000 
_pdbx_struct_oper_list.vector[3]            0.0000000000 
# 
loop_
_struct_conf.conf_type_id 
_struct_conf.id 
_struct_conf.pdbx_PDB_helix_id 
_struct_conf.beg_label_comp_id 
_struct_conf.beg_label_asym_id 
_struct_conf.beg_label_seq_id 
_struct_conf.pdbx_beg_PDB_ins_code 
_struct_conf.end_label_comp_id 
_struct_conf.end_label_asym_id 
_struct_conf.end_label_seq_id 
_struct_conf.pdbx_end_PDB_ins_code 
_struct_conf.beg_auth_comp_id 
_struct_conf.beg_auth_asym_id 
_struct_conf.beg_auth_seq_id 
_struct_conf.end_auth_comp_id 
_struct_conf.end_auth_asym_id 
_struct_conf.end_auth_seq_id 
_struct_conf.pdbx_PDB_helix_class 
_struct_conf.details 
_struct_conf.pdbx_PDB_helix_length 
HELX_P HELX_P1 AA1 ALA A 47 ? ARG A 51 ? ALA A 68 ARG A 72 5 ? 5 
HELX_P HELX_P2 AA2 GLU A 53 ? CYS A 57 ? GLU A 74 CYS A 78 5 ? 5 
# 
_struct_conf_type.id          HELX_P 
_struct_conf_type.criteria    ? 
_struct_conf_type.reference   ? 
# 
loop_
_struct_conn.id 
_struct_conn.conn_type_id 
_struct_conn.pdbx_leaving_atom_flag 
_struct_conn.pdbx_PDB_id 
_struct_conn.ptnr1_label_asym_id 
_struct_conn.ptnr1_label_comp_id 
_struct_conn.ptnr1_label_seq_id 
_struct_conn.ptnr1_label_atom_id 
_struct_conn.pdbx_ptnr1_label_alt_id 
_struct_conn.pdbx_ptnr1_PDB_ins_code 
_struct_conn.pdbx_ptnr1_standard_comp_id 
_struct_conn.ptnr1_symmetry 
_struct_conn.ptnr2_label_asym_id 
_struct_conn.ptnr2_label_comp_id 
_struct_conn.ptnr2_label_seq_id 
_struct_conn.ptnr2_label_atom_id 
_struct_conn.pdbx_ptnr2_label_alt_id 
_struct_conn.pdbx_ptnr2_PDB_ins_code 
_struct_conn.ptnr1_auth_asym_id 
_struct_conn.ptnr1_auth_comp_id 
_struct_conn.ptnr1_auth_seq_id 
_struct_conn.ptnr2_auth_asym_id 
_struct_conn.ptnr2_auth_comp_id 
_struct_conn.ptnr2_auth_seq_id 
_struct_conn.ptnr2_symmetry 
_struct_conn.pdbx_ptnr3_label_atom_id 
_struct_conn.pdbx_ptnr3_label_seq_id 
_struct_conn.pdbx_ptnr3_label_comp_id 
_struct_conn.pdbx_ptnr3_label_asym_id 
_struct_conn.pdbx_ptnr3_label_alt_id 
_struct_conn.pdbx_ptnr3_PDB_ins_code 
_struct_conn.details 
_struct_conn.pdbx_dist_value 
_struct_conn.pdbx_value_order 
_struct_conn.pdbx_role 
disulf1 disulf ?    ? A CYS 7  SG ? ? ? 1_555 A CYS 35 SG ? ? A CYS 28 A CYS 56 1_555 ? ? ? ? ? ? ? 2.085 ? ? 
disulf2 disulf ?    ? A CYS 23 SG ? ? ? 1_555 A CYS 44 SG ? ? A CYS 44 A CYS 65 1_555 ? ? ? ? ? ? ? 2.054 ? ? 
disulf3 disulf ?    ? A CYS 36 SG ? ? ? 1_555 A CYS 45 SG ? ? A CYS 57 A CYS 66 1_555 ? ? ? ? ? ? ? 2.054 ? ? 
disulf4 disulf ?    ? A CYS 39 SG ? ? ? 1_555 A CYS 57 SG ? ? A CYS 60 A CYS 78 1_555 ? ? ? ? ? ? ? 2.138 ? ? 
covale1 covale both ? A PCA 1  C  ? ? ? 1_555 A GLN 2  N  ? ? A PCA 22 A GLN 23 1_555 ? ? ? ? ? ? ? 1.310 ? ? 
# 
loop_
_struct_conn_type.id 
_struct_conn_type.criteria 
_struct_conn_type.reference 
disulf ? ? 
covale ? ? 
# 
loop_
_pdbx_modification_feature.ordinal 
_pdbx_modification_feature.label_comp_id 
_pdbx_modification_feature.label_asym_id 
_pdbx_modification_feature.label_seq_id 
_pdbx_modification_feature.label_alt_id 
_pdbx_modification_feature.modified_residue_label_comp_id 
_pdbx_modification_feature.modified_residue_label_asym_id 
_pdbx_modification_feature.modified_residue_label_seq_id 
_pdbx_modification_feature.modified_residue_label_alt_id 
_pdbx_modification_feature.auth_comp_id 
_pdbx_modification_feature.auth_asym_id 
_pdbx_modification_feature.auth_seq_id 
_pdbx_modification_feature.PDB_ins_code 
_pdbx_modification_feature.symmetry 
_pdbx_modification_feature.modified_residue_auth_comp_id 
_pdbx_modification_feature.modified_residue_auth_asym_id 
_pdbx_modification_feature.modified_residue_auth_seq_id 
_pdbx_modification_feature.modified_residue_PDB_ins_code 
_pdbx_modification_feature.modified_residue_symmetry 
_pdbx_modification_feature.comp_id_linking_atom 
_pdbx_modification_feature.modified_residue_id_linking_atom 
_pdbx_modification_feature.modified_residue_id 
_pdbx_modification_feature.ref_pcm_id 
_pdbx_modification_feature.ref_comp_id 
_pdbx_modification_feature.type 
_pdbx_modification_feature.category 
1 PCA A 1  ? .   . .  . PCA A 22 ? 1_555 .   . .  . .     .  .  GLN 1 PCA 'Pyrrolidone carboxylic acid' 
'Named protein modification' 
2 CYS A 7  ? CYS A 35 ? CYS A 28 ? 1_555 CYS A 56 ? 1_555 SG SG .   . .   None                          'Disulfide bridge' 
3 CYS A 23 ? CYS A 44 ? CYS A 44 ? 1_555 CYS A 65 ? 1_555 SG SG .   . .   None                          'Disulfide bridge' 
4 CYS A 36 ? CYS A 45 ? CYS A 57 ? 1_555 CYS A 66 ? 1_555 SG SG .   . .   None                          'Disulfide bridge' 
5 CYS A 39 ? CYS A 57 ? CYS A 60 ? 1_555 CYS A 78 ? 1_555 SG SG .   . .   None                          'Disulfide bridge' 
# 
_struct_mon_prot_cis.pdbx_id                1 
_struct_mon_prot_cis.label_comp_id          CYS 
_struct_mon_prot_cis.label_seq_id           23 
_struct_mon_prot_cis.label_asym_id          A 
_struct_mon_prot_cis.label_alt_id           . 
_struct_mon_prot_cis.pdbx_PDB_ins_code      ? 
_struct_mon_prot_cis.auth_comp_id           CYS 
_struct_mon_prot_cis.auth_seq_id            44 
_struct_mon_prot_cis.auth_asym_id           A 
_struct_mon_prot_cis.pdbx_label_comp_id_2   PRO 
_struct_mon_prot_cis.pdbx_label_seq_id_2    24 
_struct_mon_prot_cis.pdbx_label_asym_id_2   A 
_struct_mon_prot_cis.pdbx_PDB_ins_code_2    ? 
_struct_mon_prot_cis.pdbx_auth_comp_id_2    PRO 
_struct_mon_prot_cis.pdbx_auth_seq_id_2     45 
_struct_mon_prot_cis.pdbx_auth_asym_id_2    A 
_struct_mon_prot_cis.pdbx_PDB_model_num     1 
_struct_mon_prot_cis.pdbx_omega_angle       -15.44 
# 
loop_
_struct_sheet.id 
_struct_sheet.type 
_struct_sheet.number_strands 
_struct_sheet.details 
AA1 ? 2 ? 
AA2 ? 2 ? 
AA3 ? 2 ? 
# 
loop_
_struct_sheet_order.sheet_id 
_struct_sheet_order.range_id_1 
_struct_sheet_order.range_id_2 
_struct_sheet_order.offset 
_struct_sheet_order.sense 
AA1 1 2 ? anti-parallel 
AA2 1 2 ? anti-parallel 
AA3 1 2 ? anti-parallel 
# 
loop_
_struct_sheet_range.sheet_id 
_struct_sheet_range.id 
_struct_sheet_range.beg_label_comp_id 
_struct_sheet_range.beg_label_asym_id 
_struct_sheet_range.beg_label_seq_id 
_struct_sheet_range.pdbx_beg_PDB_ins_code 
_struct_sheet_range.end_label_comp_id 
_struct_sheet_range.end_label_asym_id 
_struct_sheet_range.end_label_seq_id 
_struct_sheet_range.pdbx_end_PDB_ins_code 
_struct_sheet_range.beg_auth_comp_id 
_struct_sheet_range.beg_auth_asym_id 
_struct_sheet_range.beg_auth_seq_id 
_struct_sheet_range.end_auth_comp_id 
_struct_sheet_range.end_auth_asym_id 
_struct_sheet_range.end_auth_seq_id 
AA1 1 TYR A 6  ? CYS A 7  ? TYR A 27 CYS A 28 
AA1 2 PHE A 21 ? GLN A 22 ? PHE A 42 GLN A 43 
AA2 1 TRP A 10 ? VAL A 11 ? TRP A 31 VAL A 32 
AA2 2 TYR A 17 ? HIS A 18 ? TYR A 38 HIS A 39 
AA3 1 ILE A 34 ? SER A 38 ? ILE A 55 SER A 59 
AA3 2 LEU A 41 ? CYS A 45 ? LEU A 62 CYS A 66 
# 
loop_
_pdbx_struct_sheet_hbond.sheet_id 
_pdbx_struct_sheet_hbond.range_id_1 
_pdbx_struct_sheet_hbond.range_id_2 
_pdbx_struct_sheet_hbond.range_1_label_atom_id 
_pdbx_struct_sheet_hbond.range_1_label_comp_id 
_pdbx_struct_sheet_hbond.range_1_label_asym_id 
_pdbx_struct_sheet_hbond.range_1_label_seq_id 
_pdbx_struct_sheet_hbond.range_1_PDB_ins_code 
_pdbx_struct_sheet_hbond.range_1_auth_atom_id 
_pdbx_struct_sheet_hbond.range_1_auth_comp_id 
_pdbx_struct_sheet_hbond.range_1_auth_asym_id 
_pdbx_struct_sheet_hbond.range_1_auth_seq_id 
_pdbx_struct_sheet_hbond.range_2_label_atom_id 
_pdbx_struct_sheet_hbond.range_2_label_comp_id 
_pdbx_struct_sheet_hbond.range_2_label_asym_id 
_pdbx_struct_sheet_hbond.range_2_label_seq_id 
_pdbx_struct_sheet_hbond.range_2_PDB_ins_code 
_pdbx_struct_sheet_hbond.range_2_auth_atom_id 
_pdbx_struct_sheet_hbond.range_2_auth_comp_id 
_pdbx_struct_sheet_hbond.range_2_auth_asym_id 
_pdbx_struct_sheet_hbond.range_2_auth_seq_id 
AA1 1 2 N CYS A 7  ? N CYS A 28 O PHE A 21 ? O PHE A 42 
AA2 1 2 N TRP A 10 ? N TRP A 31 O HIS A 18 ? O HIS A 39 
AA3 1 2 N CYS A 36 ? N CYS A 57 O TYR A 43 ? O TYR A 64 
# 
loop_
_struct_site.id 
_struct_site.pdbx_evidence_code 
_struct_site.pdbx_auth_asym_id 
_struct_site.pdbx_auth_comp_id 
_struct_site.pdbx_auth_seq_id 
_struct_site.pdbx_auth_ins_code 
_struct_site.pdbx_num_residues 
_struct_site.details 
AC1 Software A SO4 201 ? 6  'binding site for residue SO4 A 201' 
AC2 Software A SO4 202 ? 7  'binding site for residue SO4 A 202' 
AC3 Software A GOL 203 ? 4  'binding site for residue GOL A 203' 
AC4 Software A GOL 204 ? 7  'binding site for residue GOL A 204' 
AC5 Software A GOL 205 ? 6  'binding site for residue GOL A 205' 
AC6 Software A EDO 206 ? 5  'binding site for residue EDO A 206' 
AC7 Software A EDO 207 ? 5  'binding site for residue EDO A 207' 
AC8 Software A EDO 208 ? 9  'binding site for residue EDO A 208' 
AC9 Software A MES 209 ? 12 'binding site for residue MES A 209' 
AD1 Software A PEG 210 ? 4  'binding site for residue PEG A 210' 
# 
loop_
_struct_site_gen.id 
_struct_site_gen.site_id 
_struct_site_gen.pdbx_num_res 
_struct_site_gen.label_comp_id 
_struct_site_gen.label_asym_id 
_struct_site_gen.label_seq_id 
_struct_site_gen.pdbx_auth_ins_code 
_struct_site_gen.auth_comp_id 
_struct_site_gen.auth_asym_id 
_struct_site_gen.auth_seq_id 
_struct_site_gen.label_atom_id 
_struct_site_gen.label_alt_id 
_struct_site_gen.symmetry 
_struct_site_gen.details 
1  AC1 6  HIS A 8  ? HIS A 29  . ? 1_555 ? 
2  AC1 6  GLY A 9  ? GLY A 30  . ? 1_555 ? 
3  AC1 6  ARG A 61 ? ARG A 82  . ? 1_555 ? 
4  AC1 6  MES J .  ? MES A 209 . ? 1_555 ? 
5  AC1 6  HOH L .  ? HOH A 305 . ? 1_555 ? 
6  AC1 6  HOH L .  ? HOH A 360 . ? 8_665 ? 
7  AC2 7  ARG A 51 ? ARG A 72  . ? 1_555 ? 
8  AC2 7  GLU A 53 ? GLU A 74  . ? 1_555 ? 
9  AC2 7  GLN A 54 ? GLN A 75  . ? 1_555 ? 
10 AC2 7  GLY A 55 ? GLY A 76  . ? 1_555 ? 
11 AC2 7  HOH L .  ? HOH A 310 . ? 1_555 ? 
12 AC2 7  HOH L .  ? HOH A 343 . ? 1_555 ? 
13 AC2 7  HOH L .  ? HOH A 358 . ? 1_555 ? 
14 AC3 4  GLY A 4  ? GLY A 25  . ? 1_555 ? 
15 AC3 4  GLN A 22 ? GLN A 43  . ? 1_555 ? 
16 AC3 4  HOH L .  ? HOH A 362 . ? 1_555 ? 
17 AC3 4  HOH L .  ? HOH A 373 . ? 1_555 ? 
18 AC4 7  GLY A 9  ? GLY A 30  . ? 8_665 ? 
19 AC4 7  GLY A 9  ? GLY A 30  . ? 1_555 ? 
20 AC4 7  ASP A 60 ? ASP A 81  . ? 1_555 ? 
21 AC4 7  ASP A 60 ? ASP A 81  . ? 8_665 ? 
22 AC4 7  ARG A 61 ? ARG A 82  . ? 1_555 ? 
23 AC4 7  HOH L .  ? HOH A 305 . ? 1_555 ? 
24 AC4 7  HOH L .  ? HOH A 360 . ? 1_555 ? 
25 AC5 6  GLU A 5  ? GLU A 26  . ? 1_555 ? 
26 AC5 6  TYR A 6  ? TYR A 27  . ? 1_555 ? 
27 AC5 6  HIS A 8  ? HIS A 29  . ? 1_555 ? 
28 AC5 6  ARG A 51 ? ARG A 72  . ? 1_555 ? 
29 AC5 6  HOH L .  ? HOH A 373 . ? 7_556 ? 
30 AC5 6  HOH L .  ? HOH A 375 . ? 1_555 ? 
31 AC6 5  GLU A 25 ? GLU A 46  . ? 1_555 ? 
32 AC6 5  ASP A 26 ? ASP A 47  . ? 1_555 ? 
33 AC6 5  PHE A 27 ? PHE A 48  . ? 1_555 ? 
34 AC6 5  ASP A 28 ? ASP A 49  . ? 1_555 ? 
35 AC6 5  EDO H .  ? EDO A 207 . ? 3_544 ? 
36 AC7 5  EDO G .  ? EDO A 206 . ? 4_555 ? 
37 AC7 5  HOH L .  ? HOH A 311 . ? 1_555 ? 
38 AC7 5  HOH L .  ? HOH A 313 . ? 1_555 ? 
39 AC7 5  HOH L .  ? HOH A 340 . ? 1_555 ? 
40 AC7 5  HOH L .  ? HOH A 345 . ? 1_555 ? 
41 AC8 9  PRO A 3  ? PRO A 24  . ? 1_555 ? 
42 AC8 9  GLY A 4  ? GLY A 25  . ? 1_555 ? 
43 AC8 9  GLN A 22 ? GLN A 43  . ? 1_555 ? 
44 AC8 9  CYS A 23 ? CYS A 44  . ? 1_555 ? 
45 AC8 9  PRO A 24 ? PRO A 45  . ? 1_555 ? 
46 AC8 9  HOH L .  ? HOH A 328 . ? 1_555 ? 
47 AC8 9  HOH L .  ? HOH A 338 . ? 1_555 ? 
48 AC8 9  HOH L .  ? HOH A 362 . ? 1_555 ? 
49 AC8 9  HOH L .  ? HOH A 388 . ? 1_555 ? 
50 AC9 12 TYR A 6  ? TYR A 27  . ? 1_555 ? 
51 AC9 12 HIS A 8  ? HIS A 29  . ? 1_555 ? 
52 AC9 12 GLY A 9  ? GLY A 30  . ? 1_555 ? 
53 AC9 12 TYR A 17 ? TYR A 38  . ? 1_555 ? 
54 AC9 12 GLU A 19 ? GLU A 40  . ? 1_555 ? 
55 AC9 12 GLY A 20 ? GLY A 41  . ? 1_555 ? 
56 AC9 12 ARG A 61 ? ARG A 82  . ? 1_555 ? 
57 AC9 12 SO4 B .  ? SO4 A 201 . ? 1_555 ? 
58 AC9 12 HOH L .  ? HOH A 305 . ? 1_555 ? 
59 AC9 12 HOH L .  ? HOH A 339 . ? 1_555 ? 
60 AC9 12 HOH L .  ? HOH A 347 . ? 1_555 ? 
61 AC9 12 HOH L .  ? HOH A 360 . ? 8_665 ? 
62 AD1 4  GLY A 37 ? GLY A 58  . ? 1_555 ? 
63 AD1 4  ASP A 49 ? ASP A 70  . ? 1_555 ? 
64 AD1 4  ALA A 50 ? ALA A 71  . ? 1_555 ? 
65 AD1 4  HOH L .  ? HOH A 315 . ? 1_555 ? 
# 
_pdbx_entry_details.entry_id                   5M0W 
_pdbx_entry_details.compound_details           ? 
_pdbx_entry_details.source_details             ? 
_pdbx_entry_details.nonpolymer_details         ? 
_pdbx_entry_details.sequence_details           ? 
_pdbx_entry_details.has_ligand_of_interest     ? 
_pdbx_entry_details.has_protein_modification   Y 
# 
_pdbx_validate_torsion.id              1 
_pdbx_validate_torsion.PDB_model_num   1 
_pdbx_validate_torsion.auth_comp_id    ASN 
_pdbx_validate_torsion.auth_asym_id    A 
_pdbx_validate_torsion.auth_seq_id     80 
_pdbx_validate_torsion.PDB_ins_code    ? 
_pdbx_validate_torsion.label_alt_id    ? 
_pdbx_validate_torsion.phi             -99.70 
_pdbx_validate_torsion.psi             38.12 
# 
_pdbx_struct_mod_residue.id               1 
_pdbx_struct_mod_residue.label_asym_id    A 
_pdbx_struct_mod_residue.label_comp_id    PCA 
_pdbx_struct_mod_residue.label_seq_id     1 
_pdbx_struct_mod_residue.auth_asym_id     A 
_pdbx_struct_mod_residue.auth_comp_id     PCA 
_pdbx_struct_mod_residue.auth_seq_id      22 
_pdbx_struct_mod_residue.PDB_ins_code     ? 
_pdbx_struct_mod_residue.parent_comp_id   GLN 
_pdbx_struct_mod_residue.details          'modified residue' 
# 
_pdbx_struct_special_symmetry.id              1 
_pdbx_struct_special_symmetry.PDB_model_num   1 
_pdbx_struct_special_symmetry.auth_asym_id    A 
_pdbx_struct_special_symmetry.auth_comp_id    HOH 
_pdbx_struct_special_symmetry.auth_seq_id     357 
_pdbx_struct_special_symmetry.PDB_ins_code    ? 
_pdbx_struct_special_symmetry.label_asym_id   L 
_pdbx_struct_special_symmetry.label_comp_id   HOH 
_pdbx_struct_special_symmetry.label_seq_id    . 
# 
_pdbx_distant_solvent_atoms.id                                1 
_pdbx_distant_solvent_atoms.PDB_model_num                     1 
_pdbx_distant_solvent_atoms.auth_atom_id                      O 
_pdbx_distant_solvent_atoms.label_alt_id                      ? 
_pdbx_distant_solvent_atoms.auth_asym_id                      A 
_pdbx_distant_solvent_atoms.auth_comp_id                      HOH 
_pdbx_distant_solvent_atoms.auth_seq_id                       408 
_pdbx_distant_solvent_atoms.PDB_ins_code                      ? 
_pdbx_distant_solvent_atoms.neighbor_macromolecule_distance   6.63 
_pdbx_distant_solvent_atoms.neighbor_ligand_distance          . 
# 
loop_
_pdbx_unobs_or_zero_occ_residues.id 
_pdbx_unobs_or_zero_occ_residues.PDB_model_num 
_pdbx_unobs_or_zero_occ_residues.polymer_flag 
_pdbx_unobs_or_zero_occ_residues.occupancy_flag 
_pdbx_unobs_or_zero_occ_residues.auth_asym_id 
_pdbx_unobs_or_zero_occ_residues.auth_comp_id 
_pdbx_unobs_or_zero_occ_residues.auth_seq_id 
_pdbx_unobs_or_zero_occ_residues.PDB_ins_code 
_pdbx_unobs_or_zero_occ_residues.label_asym_id 
_pdbx_unobs_or_zero_occ_residues.label_comp_id 
_pdbx_unobs_or_zero_occ_residues.label_seq_id 
1  1 Y 1 A LEU 85  ? A LEU 64 
2  1 Y 1 A GLU 86  ? A GLU 65 
3  1 Y 1 A HIS 87  ? A HIS 66 
4  1 Y 1 A PRO 88  ? A PRO 67 
5  1 Y 1 A GLY 89  ? A GLY 68 
6  1 Y 1 A ILE 90  ? A ILE 69 
7  1 Y 1 A THR 91  ? A THR 70 
8  1 Y 1 A ALA 92  ? A ALA 71 
9  1 Y 1 A GLN 93  ? A GLN 72 
10 1 Y 1 A PRO 94  ? A PRO 73 
11 1 Y 1 A VAL 95  ? A VAL 74 
12 1 Y 1 A TRP 96  ? A TRP 75 
13 1 Y 1 A SER 97  ? A SER 76 
14 1 Y 1 A HIS 98  ? A HIS 77 
15 1 Y 1 A PRO 99  ? A PRO 78 
16 1 Y 1 A GLN 100 ? A GLN 79 
17 1 Y 1 A PHE 101 ? A PHE 80 
18 1 Y 1 A GLU 102 ? A GLU 81 
19 1 Y 1 A LYS 103 ? A LYS 82 
# 
loop_
_chem_comp_atom.comp_id 
_chem_comp_atom.atom_id 
_chem_comp_atom.type_symbol 
_chem_comp_atom.pdbx_aromatic_flag 
_chem_comp_atom.pdbx_stereo_config 
_chem_comp_atom.pdbx_ordinal 
ALA N    N N N 1   
ALA CA   C N S 2   
ALA C    C N N 3   
ALA O    O N N 4   
ALA CB   C N N 5   
ALA OXT  O N N 6   
ALA H    H N N 7   
ALA H2   H N N 8   
ALA HA   H N N 9   
ALA HB1  H N N 10  
ALA HB2  H N N 11  
ALA HB3  H N N 12  
ALA HXT  H N N 13  
ARG N    N N N 14  
ARG CA   C N S 15  
ARG C    C N N 16  
ARG O    O N N 17  
ARG CB   C N N 18  
ARG CG   C N N 19  
ARG CD   C N N 20  
ARG NE   N N N 21  
ARG CZ   C N N 22  
ARG NH1  N N N 23  
ARG NH2  N N N 24  
ARG OXT  O N N 25  
ARG H    H N N 26  
ARG H2   H N N 27  
ARG HA   H N N 28  
ARG HB2  H N N 29  
ARG HB3  H N N 30  
ARG HG2  H N N 31  
ARG HG3  H N N 32  
ARG HD2  H N N 33  
ARG HD3  H N N 34  
ARG HE   H N N 35  
ARG HH11 H N N 36  
ARG HH12 H N N 37  
ARG HH21 H N N 38  
ARG HH22 H N N 39  
ARG HXT  H N N 40  
ASN N    N N N 41  
ASN CA   C N S 42  
ASN C    C N N 43  
ASN O    O N N 44  
ASN CB   C N N 45  
ASN CG   C N N 46  
ASN OD1  O N N 47  
ASN ND2  N N N 48  
ASN OXT  O N N 49  
ASN H    H N N 50  
ASN H2   H N N 51  
ASN HA   H N N 52  
ASN HB2  H N N 53  
ASN HB3  H N N 54  
ASN HD21 H N N 55  
ASN HD22 H N N 56  
ASN HXT  H N N 57  
ASP N    N N N 58  
ASP CA   C N S 59  
ASP C    C N N 60  
ASP O    O N N 61  
ASP CB   C N N 62  
ASP CG   C N N 63  
ASP OD1  O N N 64  
ASP OD2  O N N 65  
ASP OXT  O N N 66  
ASP H    H N N 67  
ASP H2   H N N 68  
ASP HA   H N N 69  
ASP HB2  H N N 70  
ASP HB3  H N N 71  
ASP HD2  H N N 72  
ASP HXT  H N N 73  
CYS N    N N N 74  
CYS CA   C N R 75  
CYS C    C N N 76  
CYS O    O N N 77  
CYS CB   C N N 78  
CYS SG   S N N 79  
CYS OXT  O N N 80  
CYS H    H N N 81  
CYS H2   H N N 82  
CYS HA   H N N 83  
CYS HB2  H N N 84  
CYS HB3  H N N 85  
CYS HG   H N N 86  
CYS HXT  H N N 87  
EDO C1   C N N 88  
EDO O1   O N N 89  
EDO C2   C N N 90  
EDO O2   O N N 91  
EDO H11  H N N 92  
EDO H12  H N N 93  
EDO HO1  H N N 94  
EDO H21  H N N 95  
EDO H22  H N N 96  
EDO HO2  H N N 97  
GLN N    N N N 98  
GLN CA   C N S 99  
GLN C    C N N 100 
GLN O    O N N 101 
GLN CB   C N N 102 
GLN CG   C N N 103 
GLN CD   C N N 104 
GLN OE1  O N N 105 
GLN NE2  N N N 106 
GLN OXT  O N N 107 
GLN H    H N N 108 
GLN H2   H N N 109 
GLN HA   H N N 110 
GLN HB2  H N N 111 
GLN HB3  H N N 112 
GLN HG2  H N N 113 
GLN HG3  H N N 114 
GLN HE21 H N N 115 
GLN HE22 H N N 116 
GLN HXT  H N N 117 
GLU N    N N N 118 
GLU CA   C N S 119 
GLU C    C N N 120 
GLU O    O N N 121 
GLU CB   C N N 122 
GLU CG   C N N 123 
GLU CD   C N N 124 
GLU OE1  O N N 125 
GLU OE2  O N N 126 
GLU OXT  O N N 127 
GLU H    H N N 128 
GLU H2   H N N 129 
GLU HA   H N N 130 
GLU HB2  H N N 131 
GLU HB3  H N N 132 
GLU HG2  H N N 133 
GLU HG3  H N N 134 
GLU HE2  H N N 135 
GLU HXT  H N N 136 
GLY N    N N N 137 
GLY CA   C N N 138 
GLY C    C N N 139 
GLY O    O N N 140 
GLY OXT  O N N 141 
GLY H    H N N 142 
GLY H2   H N N 143 
GLY HA2  H N N 144 
GLY HA3  H N N 145 
GLY HXT  H N N 146 
GOL C1   C N N 147 
GOL O1   O N N 148 
GOL C2   C N N 149 
GOL O2   O N N 150 
GOL C3   C N N 151 
GOL O3   O N N 152 
GOL H11  H N N 153 
GOL H12  H N N 154 
GOL HO1  H N N 155 
GOL H2   H N N 156 
GOL HO2  H N N 157 
GOL H31  H N N 158 
GOL H32  H N N 159 
GOL HO3  H N N 160 
HIS N    N N N 161 
HIS CA   C N S 162 
HIS C    C N N 163 
HIS O    O N N 164 
HIS CB   C N N 165 
HIS CG   C Y N 166 
HIS ND1  N Y N 167 
HIS CD2  C Y N 168 
HIS CE1  C Y N 169 
HIS NE2  N Y N 170 
HIS OXT  O N N 171 
HIS H    H N N 172 
HIS H2   H N N 173 
HIS HA   H N N 174 
HIS HB2  H N N 175 
HIS HB3  H N N 176 
HIS HD1  H N N 177 
HIS HD2  H N N 178 
HIS HE1  H N N 179 
HIS HE2  H N N 180 
HIS HXT  H N N 181 
HOH O    O N N 182 
HOH H1   H N N 183 
HOH H2   H N N 184 
ILE N    N N N 185 
ILE CA   C N S 186 
ILE C    C N N 187 
ILE O    O N N 188 
ILE CB   C N S 189 
ILE CG1  C N N 190 
ILE CG2  C N N 191 
ILE CD1  C N N 192 
ILE OXT  O N N 193 
ILE H    H N N 194 
ILE H2   H N N 195 
ILE HA   H N N 196 
ILE HB   H N N 197 
ILE HG12 H N N 198 
ILE HG13 H N N 199 
ILE HG21 H N N 200 
ILE HG22 H N N 201 
ILE HG23 H N N 202 
ILE HD11 H N N 203 
ILE HD12 H N N 204 
ILE HD13 H N N 205 
ILE HXT  H N N 206 
LEU N    N N N 207 
LEU CA   C N S 208 
LEU C    C N N 209 
LEU O    O N N 210 
LEU CB   C N N 211 
LEU CG   C N N 212 
LEU CD1  C N N 213 
LEU CD2  C N N 214 
LEU OXT  O N N 215 
LEU H    H N N 216 
LEU H2   H N N 217 
LEU HA   H N N 218 
LEU HB2  H N N 219 
LEU HB3  H N N 220 
LEU HG   H N N 221 
LEU HD11 H N N 222 
LEU HD12 H N N 223 
LEU HD13 H N N 224 
LEU HD21 H N N 225 
LEU HD22 H N N 226 
LEU HD23 H N N 227 
LEU HXT  H N N 228 
LYS N    N N N 229 
LYS CA   C N S 230 
LYS C    C N N 231 
LYS O    O N N 232 
LYS CB   C N N 233 
LYS CG   C N N 234 
LYS CD   C N N 235 
LYS CE   C N N 236 
LYS NZ   N N N 237 
LYS OXT  O N N 238 
LYS H    H N N 239 
LYS H2   H N N 240 
LYS HA   H N N 241 
LYS HB2  H N N 242 
LYS HB3  H N N 243 
LYS HG2  H N N 244 
LYS HG3  H N N 245 
LYS HD2  H N N 246 
LYS HD3  H N N 247 
LYS HE2  H N N 248 
LYS HE3  H N N 249 
LYS HZ1  H N N 250 
LYS HZ2  H N N 251 
LYS HZ3  H N N 252 
LYS HXT  H N N 253 
MES O1   O N N 254 
MES C2   C N N 255 
MES C3   C N N 256 
MES N4   N N N 257 
MES C5   C N N 258 
MES C6   C N N 259 
MES C7   C N N 260 
MES C8   C N N 261 
MES S    S N N 262 
MES O1S  O N N 263 
MES O2S  O N N 264 
MES O3S  O N N 265 
MES H21  H N N 266 
MES H22  H N N 267 
MES H31  H N N 268 
MES H32  H N N 269 
MES HN4  H N N 270 
MES H51  H N N 271 
MES H52  H N N 272 
MES H61  H N N 273 
MES H62  H N N 274 
MES H71  H N N 275 
MES H72  H N N 276 
MES H81  H N N 277 
MES H82  H N N 278 
PCA N    N N N 279 
PCA CA   C N S 280 
PCA CB   C N N 281 
PCA CG   C N N 282 
PCA CD   C N N 283 
PCA OE   O N N 284 
PCA C    C N N 285 
PCA O    O N N 286 
PCA OXT  O N N 287 
PCA H    H N N 288 
PCA HA   H N N 289 
PCA HB2  H N N 290 
PCA HB3  H N N 291 
PCA HG2  H N N 292 
PCA HG3  H N N 293 
PCA HXT  H N N 294 
PEG C1   C N N 295 
PEG O1   O N N 296 
PEG C2   C N N 297 
PEG O2   O N N 298 
PEG C3   C N N 299 
PEG C4   C N N 300 
PEG O4   O N N 301 
PEG H11  H N N 302 
PEG H12  H N N 303 
PEG HO1  H N N 304 
PEG H21  H N N 305 
PEG H22  H N N 306 
PEG H31  H N N 307 
PEG H32  H N N 308 
PEG H41  H N N 309 
PEG H42  H N N 310 
PEG HO4  H N N 311 
PHE N    N N N 312 
PHE CA   C N S 313 
PHE C    C N N 314 
PHE O    O N N 315 
PHE CB   C N N 316 
PHE CG   C Y N 317 
PHE CD1  C Y N 318 
PHE CD2  C Y N 319 
PHE CE1  C Y N 320 
PHE CE2  C Y N 321 
PHE CZ   C Y N 322 
PHE OXT  O N N 323 
PHE H    H N N 324 
PHE H2   H N N 325 
PHE HA   H N N 326 
PHE HB2  H N N 327 
PHE HB3  H N N 328 
PHE HD1  H N N 329 
PHE HD2  H N N 330 
PHE HE1  H N N 331 
PHE HE2  H N N 332 
PHE HZ   H N N 333 
PHE HXT  H N N 334 
PRO N    N N N 335 
PRO CA   C N S 336 
PRO C    C N N 337 
PRO O    O N N 338 
PRO CB   C N N 339 
PRO CG   C N N 340 
PRO CD   C N N 341 
PRO OXT  O N N 342 
PRO H    H N N 343 
PRO HA   H N N 344 
PRO HB2  H N N 345 
PRO HB3  H N N 346 
PRO HG2  H N N 347 
PRO HG3  H N N 348 
PRO HD2  H N N 349 
PRO HD3  H N N 350 
PRO HXT  H N N 351 
SER N    N N N 352 
SER CA   C N S 353 
SER C    C N N 354 
SER O    O N N 355 
SER CB   C N N 356 
SER OG   O N N 357 
SER OXT  O N N 358 
SER H    H N N 359 
SER H2   H N N 360 
SER HA   H N N 361 
SER HB2  H N N 362 
SER HB3  H N N 363 
SER HG   H N N 364 
SER HXT  H N N 365 
SO4 S    S N N 366 
SO4 O1   O N N 367 
SO4 O2   O N N 368 
SO4 O3   O N N 369 
SO4 O4   O N N 370 
THR N    N N N 371 
THR CA   C N S 372 
THR C    C N N 373 
THR O    O N N 374 
THR CB   C N R 375 
THR OG1  O N N 376 
THR CG2  C N N 377 
THR OXT  O N N 378 
THR H    H N N 379 
THR H2   H N N 380 
THR HA   H N N 381 
THR HB   H N N 382 
THR HG1  H N N 383 
THR HG21 H N N 384 
THR HG22 H N N 385 
THR HG23 H N N 386 
THR HXT  H N N 387 
TRP N    N N N 388 
TRP CA   C N S 389 
TRP C    C N N 390 
TRP O    O N N 391 
TRP CB   C N N 392 
TRP CG   C Y N 393 
TRP CD1  C Y N 394 
TRP CD2  C Y N 395 
TRP NE1  N Y N 396 
TRP CE2  C Y N 397 
TRP CE3  C Y N 398 
TRP CZ2  C Y N 399 
TRP CZ3  C Y N 400 
TRP CH2  C Y N 401 
TRP OXT  O N N 402 
TRP H    H N N 403 
TRP H2   H N N 404 
TRP HA   H N N 405 
TRP HB2  H N N 406 
TRP HB3  H N N 407 
TRP HD1  H N N 408 
TRP HE1  H N N 409 
TRP HE3  H N N 410 
TRP HZ2  H N N 411 
TRP HZ3  H N N 412 
TRP HH2  H N N 413 
TRP HXT  H N N 414 
TYR N    N N N 415 
TYR CA   C N S 416 
TYR C    C N N 417 
TYR O    O N N 418 
TYR CB   C N N 419 
TYR CG   C Y N 420 
TYR CD1  C Y N 421 
TYR CD2  C Y N 422 
TYR CE1  C Y N 423 
TYR CE2  C Y N 424 
TYR CZ   C Y N 425 
TYR OH   O N N 426 
TYR OXT  O N N 427 
TYR H    H N N 428 
TYR H2   H N N 429 
TYR HA   H N N 430 
TYR HB2  H N N 431 
TYR HB3  H N N 432 
TYR HD1  H N N 433 
TYR HD2  H N N 434 
TYR HE1  H N N 435 
TYR HE2  H N N 436 
TYR HH   H N N 437 
TYR HXT  H N N 438 
VAL N    N N N 439 
VAL CA   C N S 440 
VAL C    C N N 441 
VAL O    O N N 442 
VAL CB   C N N 443 
VAL CG1  C N N 444 
VAL CG2  C N N 445 
VAL OXT  O N N 446 
VAL H    H N N 447 
VAL H2   H N N 448 
VAL HA   H N N 449 
VAL HB   H N N 450 
VAL HG11 H N N 451 
VAL HG12 H N N 452 
VAL HG13 H N N 453 
VAL HG21 H N N 454 
VAL HG22 H N N 455 
VAL HG23 H N N 456 
VAL HXT  H N N 457 
# 
loop_
_chem_comp_bond.comp_id 
_chem_comp_bond.atom_id_1 
_chem_comp_bond.atom_id_2 
_chem_comp_bond.value_order 
_chem_comp_bond.pdbx_aromatic_flag 
_chem_comp_bond.pdbx_stereo_config 
_chem_comp_bond.pdbx_ordinal 
ALA N   CA   sing N N 1   
ALA N   H    sing N N 2   
ALA N   H2   sing N N 3   
ALA CA  C    sing N N 4   
ALA CA  CB   sing N N 5   
ALA CA  HA   sing N N 6   
ALA C   O    doub N N 7   
ALA C   OXT  sing N N 8   
ALA CB  HB1  sing N N 9   
ALA CB  HB2  sing N N 10  
ALA CB  HB3  sing N N 11  
ALA OXT HXT  sing N N 12  
ARG N   CA   sing N N 13  
ARG N   H    sing N N 14  
ARG N   H2   sing N N 15  
ARG CA  C    sing N N 16  
ARG CA  CB   sing N N 17  
ARG CA  HA   sing N N 18  
ARG C   O    doub N N 19  
ARG C   OXT  sing N N 20  
ARG CB  CG   sing N N 21  
ARG CB  HB2  sing N N 22  
ARG CB  HB3  sing N N 23  
ARG CG  CD   sing N N 24  
ARG CG  HG2  sing N N 25  
ARG CG  HG3  sing N N 26  
ARG CD  NE   sing N N 27  
ARG CD  HD2  sing N N 28  
ARG CD  HD3  sing N N 29  
ARG NE  CZ   sing N N 30  
ARG NE  HE   sing N N 31  
ARG CZ  NH1  sing N N 32  
ARG CZ  NH2  doub N N 33  
ARG NH1 HH11 sing N N 34  
ARG NH1 HH12 sing N N 35  
ARG NH2 HH21 sing N N 36  
ARG NH2 HH22 sing N N 37  
ARG OXT HXT  sing N N 38  
ASN N   CA   sing N N 39  
ASN N   H    sing N N 40  
ASN N   H2   sing N N 41  
ASN CA  C    sing N N 42  
ASN CA  CB   sing N N 43  
ASN CA  HA   sing N N 44  
ASN C   O    doub N N 45  
ASN C   OXT  sing N N 46  
ASN CB  CG   sing N N 47  
ASN CB  HB2  sing N N 48  
ASN CB  HB3  sing N N 49  
ASN CG  OD1  doub N N 50  
ASN CG  ND2  sing N N 51  
ASN ND2 HD21 sing N N 52  
ASN ND2 HD22 sing N N 53  
ASN OXT HXT  sing N N 54  
ASP N   CA   sing N N 55  
ASP N   H    sing N N 56  
ASP N   H2   sing N N 57  
ASP CA  C    sing N N 58  
ASP CA  CB   sing N N 59  
ASP CA  HA   sing N N 60  
ASP C   O    doub N N 61  
ASP C   OXT  sing N N 62  
ASP CB  CG   sing N N 63  
ASP CB  HB2  sing N N 64  
ASP CB  HB3  sing N N 65  
ASP CG  OD1  doub N N 66  
ASP CG  OD2  sing N N 67  
ASP OD2 HD2  sing N N 68  
ASP OXT HXT  sing N N 69  
CYS N   CA   sing N N 70  
CYS N   H    sing N N 71  
CYS N   H2   sing N N 72  
CYS CA  C    sing N N 73  
CYS CA  CB   sing N N 74  
CYS CA  HA   sing N N 75  
CYS C   O    doub N N 76  
CYS C   OXT  sing N N 77  
CYS CB  SG   sing N N 78  
CYS CB  HB2  sing N N 79  
CYS CB  HB3  sing N N 80  
CYS SG  HG   sing N N 81  
CYS OXT HXT  sing N N 82  
EDO C1  O1   sing N N 83  
EDO C1  C2   sing N N 84  
EDO C1  H11  sing N N 85  
EDO C1  H12  sing N N 86  
EDO O1  HO1  sing N N 87  
EDO C2  O2   sing N N 88  
EDO C2  H21  sing N N 89  
EDO C2  H22  sing N N 90  
EDO O2  HO2  sing N N 91  
GLN N   CA   sing N N 92  
GLN N   H    sing N N 93  
GLN N   H2   sing N N 94  
GLN CA  C    sing N N 95  
GLN CA  CB   sing N N 96  
GLN CA  HA   sing N N 97  
GLN C   O    doub N N 98  
GLN C   OXT  sing N N 99  
GLN CB  CG   sing N N 100 
GLN CB  HB2  sing N N 101 
GLN CB  HB3  sing N N 102 
GLN CG  CD   sing N N 103 
GLN CG  HG2  sing N N 104 
GLN CG  HG3  sing N N 105 
GLN CD  OE1  doub N N 106 
GLN CD  NE2  sing N N 107 
GLN NE2 HE21 sing N N 108 
GLN NE2 HE22 sing N N 109 
GLN OXT HXT  sing N N 110 
GLU N   CA   sing N N 111 
GLU N   H    sing N N 112 
GLU N   H2   sing N N 113 
GLU CA  C    sing N N 114 
GLU CA  CB   sing N N 115 
GLU CA  HA   sing N N 116 
GLU C   O    doub N N 117 
GLU C   OXT  sing N N 118 
GLU CB  CG   sing N N 119 
GLU CB  HB2  sing N N 120 
GLU CB  HB3  sing N N 121 
GLU CG  CD   sing N N 122 
GLU CG  HG2  sing N N 123 
GLU CG  HG3  sing N N 124 
GLU CD  OE1  doub N N 125 
GLU CD  OE2  sing N N 126 
GLU OE2 HE2  sing N N 127 
GLU OXT HXT  sing N N 128 
GLY N   CA   sing N N 129 
GLY N   H    sing N N 130 
GLY N   H2   sing N N 131 
GLY CA  C    sing N N 132 
GLY CA  HA2  sing N N 133 
GLY CA  HA3  sing N N 134 
GLY C   O    doub N N 135 
GLY C   OXT  sing N N 136 
GLY OXT HXT  sing N N 137 
GOL C1  O1   sing N N 138 
GOL C1  C2   sing N N 139 
GOL C1  H11  sing N N 140 
GOL C1  H12  sing N N 141 
GOL O1  HO1  sing N N 142 
GOL C2  O2   sing N N 143 
GOL C2  C3   sing N N 144 
GOL C2  H2   sing N N 145 
GOL O2  HO2  sing N N 146 
GOL C3  O3   sing N N 147 
GOL C3  H31  sing N N 148 
GOL C3  H32  sing N N 149 
GOL O3  HO3  sing N N 150 
HIS N   CA   sing N N 151 
HIS N   H    sing N N 152 
HIS N   H2   sing N N 153 
HIS CA  C    sing N N 154 
HIS CA  CB   sing N N 155 
HIS CA  HA   sing N N 156 
HIS C   O    doub N N 157 
HIS C   OXT  sing N N 158 
HIS CB  CG   sing N N 159 
HIS CB  HB2  sing N N 160 
HIS CB  HB3  sing N N 161 
HIS CG  ND1  sing Y N 162 
HIS CG  CD2  doub Y N 163 
HIS ND1 CE1  doub Y N 164 
HIS ND1 HD1  sing N N 165 
HIS CD2 NE2  sing Y N 166 
HIS CD2 HD2  sing N N 167 
HIS CE1 NE2  sing Y N 168 
HIS CE1 HE1  sing N N 169 
HIS NE2 HE2  sing N N 170 
HIS OXT HXT  sing N N 171 
HOH O   H1   sing N N 172 
HOH O   H2   sing N N 173 
ILE N   CA   sing N N 174 
ILE N   H    sing N N 175 
ILE N   H2   sing N N 176 
ILE CA  C    sing N N 177 
ILE CA  CB   sing N N 178 
ILE CA  HA   sing N N 179 
ILE C   O    doub N N 180 
ILE C   OXT  sing N N 181 
ILE CB  CG1  sing N N 182 
ILE CB  CG2  sing N N 183 
ILE CB  HB   sing N N 184 
ILE CG1 CD1  sing N N 185 
ILE CG1 HG12 sing N N 186 
ILE CG1 HG13 sing N N 187 
ILE CG2 HG21 sing N N 188 
ILE CG2 HG22 sing N N 189 
ILE CG2 HG23 sing N N 190 
ILE CD1 HD11 sing N N 191 
ILE CD1 HD12 sing N N 192 
ILE CD1 HD13 sing N N 193 
ILE OXT HXT  sing N N 194 
LEU N   CA   sing N N 195 
LEU N   H    sing N N 196 
LEU N   H2   sing N N 197 
LEU CA  C    sing N N 198 
LEU CA  CB   sing N N 199 
LEU CA  HA   sing N N 200 
LEU C   O    doub N N 201 
LEU C   OXT  sing N N 202 
LEU CB  CG   sing N N 203 
LEU CB  HB2  sing N N 204 
LEU CB  HB3  sing N N 205 
LEU CG  CD1  sing N N 206 
LEU CG  CD2  sing N N 207 
LEU CG  HG   sing N N 208 
LEU CD1 HD11 sing N N 209 
LEU CD1 HD12 sing N N 210 
LEU CD1 HD13 sing N N 211 
LEU CD2 HD21 sing N N 212 
LEU CD2 HD22 sing N N 213 
LEU CD2 HD23 sing N N 214 
LEU OXT HXT  sing N N 215 
LYS N   CA   sing N N 216 
LYS N   H    sing N N 217 
LYS N   H2   sing N N 218 
LYS CA  C    sing N N 219 
LYS CA  CB   sing N N 220 
LYS CA  HA   sing N N 221 
LYS C   O    doub N N 222 
LYS C   OXT  sing N N 223 
LYS CB  CG   sing N N 224 
LYS CB  HB2  sing N N 225 
LYS CB  HB3  sing N N 226 
LYS CG  CD   sing N N 227 
LYS CG  HG2  sing N N 228 
LYS CG  HG3  sing N N 229 
LYS CD  CE   sing N N 230 
LYS CD  HD2  sing N N 231 
LYS CD  HD3  sing N N 232 
LYS CE  NZ   sing N N 233 
LYS CE  HE2  sing N N 234 
LYS CE  HE3  sing N N 235 
LYS NZ  HZ1  sing N N 236 
LYS NZ  HZ2  sing N N 237 
LYS NZ  HZ3  sing N N 238 
LYS OXT HXT  sing N N 239 
MES O1  C2   sing N N 240 
MES O1  C6   sing N N 241 
MES C2  C3   sing N N 242 
MES C2  H21  sing N N 243 
MES C2  H22  sing N N 244 
MES C3  N4   sing N N 245 
MES C3  H31  sing N N 246 
MES C3  H32  sing N N 247 
MES N4  C5   sing N N 248 
MES N4  C7   sing N N 249 
MES N4  HN4  sing N N 250 
MES C5  C6   sing N N 251 
MES C5  H51  sing N N 252 
MES C5  H52  sing N N 253 
MES C6  H61  sing N N 254 
MES C6  H62  sing N N 255 
MES C7  C8   sing N N 256 
MES C7  H71  sing N N 257 
MES C7  H72  sing N N 258 
MES C8  S    sing N N 259 
MES C8  H81  sing N N 260 
MES C8  H82  sing N N 261 
MES S   O1S  doub N N 262 
MES S   O2S  doub N N 263 
MES S   O3S  sing N N 264 
PCA N   CA   sing N N 265 
PCA N   CD   sing N N 266 
PCA N   H    sing N N 267 
PCA CA  CB   sing N N 268 
PCA CA  C    sing N N 269 
PCA CA  HA   sing N N 270 
PCA CB  CG   sing N N 271 
PCA CB  HB2  sing N N 272 
PCA CB  HB3  sing N N 273 
PCA CG  CD   sing N N 274 
PCA CG  HG2  sing N N 275 
PCA CG  HG3  sing N N 276 
PCA CD  OE   doub N N 277 
PCA C   O    doub N N 278 
PCA C   OXT  sing N N 279 
PCA OXT HXT  sing N N 280 
PEG C1  O1   sing N N 281 
PEG C1  C2   sing N N 282 
PEG C1  H11  sing N N 283 
PEG C1  H12  sing N N 284 
PEG O1  HO1  sing N N 285 
PEG C2  O2   sing N N 286 
PEG C2  H21  sing N N 287 
PEG C2  H22  sing N N 288 
PEG O2  C3   sing N N 289 
PEG C3  C4   sing N N 290 
PEG C3  H31  sing N N 291 
PEG C3  H32  sing N N 292 
PEG C4  O4   sing N N 293 
PEG C4  H41  sing N N 294 
PEG C4  H42  sing N N 295 
PEG O4  HO4  sing N N 296 
PHE N   CA   sing N N 297 
PHE N   H    sing N N 298 
PHE N   H2   sing N N 299 
PHE CA  C    sing N N 300 
PHE CA  CB   sing N N 301 
PHE CA  HA   sing N N 302 
PHE C   O    doub N N 303 
PHE C   OXT  sing N N 304 
PHE CB  CG   sing N N 305 
PHE CB  HB2  sing N N 306 
PHE CB  HB3  sing N N 307 
PHE CG  CD1  doub Y N 308 
PHE CG  CD2  sing Y N 309 
PHE CD1 CE1  sing Y N 310 
PHE CD1 HD1  sing N N 311 
PHE CD2 CE2  doub Y N 312 
PHE CD2 HD2  sing N N 313 
PHE CE1 CZ   doub Y N 314 
PHE CE1 HE1  sing N N 315 
PHE CE2 CZ   sing Y N 316 
PHE CE2 HE2  sing N N 317 
PHE CZ  HZ   sing N N 318 
PHE OXT HXT  sing N N 319 
PRO N   CA   sing N N 320 
PRO N   CD   sing N N 321 
PRO N   H    sing N N 322 
PRO CA  C    sing N N 323 
PRO CA  CB   sing N N 324 
PRO CA  HA   sing N N 325 
PRO C   O    doub N N 326 
PRO C   OXT  sing N N 327 
PRO CB  CG   sing N N 328 
PRO CB  HB2  sing N N 329 
PRO CB  HB3  sing N N 330 
PRO CG  CD   sing N N 331 
PRO CG  HG2  sing N N 332 
PRO CG  HG3  sing N N 333 
PRO CD  HD2  sing N N 334 
PRO CD  HD3  sing N N 335 
PRO OXT HXT  sing N N 336 
SER N   CA   sing N N 337 
SER N   H    sing N N 338 
SER N   H2   sing N N 339 
SER CA  C    sing N N 340 
SER CA  CB   sing N N 341 
SER CA  HA   sing N N 342 
SER C   O    doub N N 343 
SER C   OXT  sing N N 344 
SER CB  OG   sing N N 345 
SER CB  HB2  sing N N 346 
SER CB  HB3  sing N N 347 
SER OG  HG   sing N N 348 
SER OXT HXT  sing N N 349 
SO4 S   O1   doub N N 350 
SO4 S   O2   doub N N 351 
SO4 S   O3   sing N N 352 
SO4 S   O4   sing N N 353 
THR N   CA   sing N N 354 
THR N   H    sing N N 355 
THR N   H2   sing N N 356 
THR CA  C    sing N N 357 
THR CA  CB   sing N N 358 
THR CA  HA   sing N N 359 
THR C   O    doub N N 360 
THR C   OXT  sing N N 361 
THR CB  OG1  sing N N 362 
THR CB  CG2  sing N N 363 
THR CB  HB   sing N N 364 
THR OG1 HG1  sing N N 365 
THR CG2 HG21 sing N N 366 
THR CG2 HG22 sing N N 367 
THR CG2 HG23 sing N N 368 
THR OXT HXT  sing N N 369 
TRP N   CA   sing N N 370 
TRP N   H    sing N N 371 
TRP N   H2   sing N N 372 
TRP CA  C    sing N N 373 
TRP CA  CB   sing N N 374 
TRP CA  HA   sing N N 375 
TRP C   O    doub N N 376 
TRP C   OXT  sing N N 377 
TRP CB  CG   sing N N 378 
TRP CB  HB2  sing N N 379 
TRP CB  HB3  sing N N 380 
TRP CG  CD1  doub Y N 381 
TRP CG  CD2  sing Y N 382 
TRP CD1 NE1  sing Y N 383 
TRP CD1 HD1  sing N N 384 
TRP CD2 CE2  doub Y N 385 
TRP CD2 CE3  sing Y N 386 
TRP NE1 CE2  sing Y N 387 
TRP NE1 HE1  sing N N 388 
TRP CE2 CZ2  sing Y N 389 
TRP CE3 CZ3  doub Y N 390 
TRP CE3 HE3  sing N N 391 
TRP CZ2 CH2  doub Y N 392 
TRP CZ2 HZ2  sing N N 393 
TRP CZ3 CH2  sing Y N 394 
TRP CZ3 HZ3  sing N N 395 
TRP CH2 HH2  sing N N 396 
TRP OXT HXT  sing N N 397 
TYR N   CA   sing N N 398 
TYR N   H    sing N N 399 
TYR N   H2   sing N N 400 
TYR CA  C    sing N N 401 
TYR CA  CB   sing N N 402 
TYR CA  HA   sing N N 403 
TYR C   O    doub N N 404 
TYR C   OXT  sing N N 405 
TYR CB  CG   sing N N 406 
TYR CB  HB2  sing N N 407 
TYR CB  HB3  sing N N 408 
TYR CG  CD1  doub Y N 409 
TYR CG  CD2  sing Y N 410 
TYR CD1 CE1  sing Y N 411 
TYR CD1 HD1  sing N N 412 
TYR CD2 CE2  doub Y N 413 
TYR CD2 HD2  sing N N 414 
TYR CE1 CZ   doub Y N 415 
TYR CE1 HE1  sing N N 416 
TYR CE2 CZ   sing Y N 417 
TYR CE2 HE2  sing N N 418 
TYR CZ  OH   sing N N 419 
TYR OH  HH   sing N N 420 
TYR OXT HXT  sing N N 421 
VAL N   CA   sing N N 422 
VAL N   H    sing N N 423 
VAL N   H2   sing N N 424 
VAL CA  C    sing N N 425 
VAL CA  CB   sing N N 426 
VAL CA  HA   sing N N 427 
VAL C   O    doub N N 428 
VAL C   OXT  sing N N 429 
VAL CB  CG1  sing N N 430 
VAL CB  CG2  sing N N 431 
VAL CB  HB   sing N N 432 
VAL CG1 HG11 sing N N 433 
VAL CG1 HG12 sing N N 434 
VAL CG1 HG13 sing N N 435 
VAL CG2 HG21 sing N N 436 
VAL CG2 HG22 sing N N 437 
VAL CG2 HG23 sing N N 438 
VAL OXT HXT  sing N N 439 
# 
loop_
_pdbx_audit_support.funding_organization 
_pdbx_audit_support.country 
_pdbx_audit_support.grant_number 
_pdbx_audit_support.ordinal 
VR                                     Sweden  2007-5648 1 
'Knut and Alice Wallenberg Foundation' Sweden  ?         2 
VR                                     Sweden  ?         3 
'Novo Nordisk Foundation'              Denmark ?         4 
# 
_pdbx_initial_refinement_model.accession_code   ? 
_pdbx_initial_refinement_model.id               1 
_pdbx_initial_refinement_model.entity_id_list   ? 
_pdbx_initial_refinement_model.type             other 
_pdbx_initial_refinement_model.source_name      ? 
_pdbx_initial_refinement_model.details          'Single sulphur' 
# 
_atom_sites.entry_id                    5M0W 
_atom_sites.fract_transf_matrix[1][1]   -0.00470800 
_atom_sites.fract_transf_matrix[1][2]   0.01294175 
_atom_sites.fract_transf_matrix[1][3]   0.00950293 
_atom_sites.fract_transf_matrix[2][1]   0.01017237 
_atom_sites.fract_transf_matrix[2][2]   0.01006619 
_atom_sites.fract_transf_matrix[2][3]   -0.00866917 
_atom_sites.fract_transf_matrix[3][1]   -0.01527936 
_atom_sites.fract_transf_matrix[3][2]   0.00410578 
_atom_sites.fract_transf_matrix[3][3]   -0.01316131 
_atom_sites.fract_transf_vector[1]      0.439968 
_atom_sites.fract_transf_vector[2]      0.255659 
_atom_sites.fract_transf_vector[3]      0.335025 
# 
loop_
_atom_type.symbol 
C 
N 
O 
S 
# 
loop_
_atom_site.group_PDB 
_atom_site.id 
_atom_site.type_symbol 
_atom_site.label_atom_id 
_atom_site.label_alt_id 
_atom_site.label_comp_id 
_atom_site.label_asym_id 
_atom_site.label_entity_id 
_atom_site.label_seq_id 
_atom_site.pdbx_PDB_ins_code 
_atom_site.Cartn_x 
_atom_site.Cartn_y 
_atom_site.Cartn_z 
_atom_site.occupancy 
_atom_site.B_iso_or_equiv 
_atom_site.pdbx_formal_charge 
_atom_site.auth_seq_id 
_atom_site.auth_comp_id 
_atom_site.auth_asym_id 
_atom_site.auth_atom_id 
_atom_site.pdbx_PDB_model_num 
HETATM 1   N N   . PCA A 1 1  ? 1.513   -12.139 -17.142 1.00 24.63 ?  22  PCA A N   1 
HETATM 2   C CA  . PCA A 1 1  ? 1.069   -12.007 -15.731 1.00 25.38 ?  22  PCA A CA  1 
HETATM 3   C CB  . PCA A 1 1  ? 1.962   -13.003 -14.982 1.00 27.86 ?  22  PCA A CB  1 
HETATM 4   C CG  . PCA A 1 1  ? 3.162   -13.176 -15.907 1.00 27.32 ?  22  PCA A CG  1 
HETATM 5   C CD  . PCA A 1 1  ? 2.699   -12.734 -17.274 1.00 25.94 ?  22  PCA A CD  1 
HETATM 6   O OE  . PCA A 1 1  ? 3.317   -12.867 -18.345 1.00 29.10 ?  22  PCA A OE  1 
HETATM 7   C C   . PCA A 1 1  ? 1.297   -10.570 -15.256 1.00 17.89 ?  22  PCA A C   1 
HETATM 8   O O   . PCA A 1 1  ? 2.407   -10.041 -15.279 1.00 19.95 -1 22  PCA A O   1 
ATOM   9   N N   . GLN A 1 2  ? 0.206   -9.965  -14.854 1.00 18.89 ?  23  GLN A N   1 
ATOM   10  C CA  . GLN A 1 2  ? 0.273   -8.580  -14.453 1.00 16.66 ?  23  GLN A CA  1 
ATOM   11  C C   . GLN A 1 2  ? 1.072   -8.472  -13.129 1.00 15.33 ?  23  GLN A C   1 
ATOM   12  O O   . GLN A 1 2  ? 0.878   -9.290  -12.225 1.00 18.28 ?  23  GLN A O   1 
ATOM   13  C CB  . GLN A 1 2  ? -1.152  -8.164  -14.263 1.00 21.85 ?  23  GLN A CB  1 
ATOM   14  C CG  . GLN A 1 2  ? -1.382  -6.796  -13.833 1.00 20.49 ?  23  GLN A CG  1 
ATOM   15  C CD  . GLN A 1 2  ? -2.852  -6.561  -13.392 1.00 18.52 ?  23  GLN A CD  1 
ATOM   16  O OE1 . GLN A 1 2  ? -3.782  -7.388  -13.569 1.00 23.84 ?  23  GLN A OE1 1 
ATOM   17  N NE2 . GLN A 1 2  ? -3.051  -5.414  -12.880 1.00 16.83 ?  23  GLN A NE2 1 
ATOM   18  N N   . PRO A 1 3  ? 1.921   -7.456  -13.008 1.00 14.18 ?  24  PRO A N   1 
ATOM   19  C CA  . PRO A 1 3  ? 2.625   -7.248  -11.760 1.00 15.33 ?  24  PRO A CA  1 
ATOM   20  C C   . PRO A 1 3  ? 1.718   -6.786  -10.645 1.00 14.02 ?  24  PRO A C   1 
ATOM   21  O O   . PRO A 1 3  ? 0.640   -6.210  -10.880 1.00 14.16 ?  24  PRO A O   1 
ATOM   22  C CB  . PRO A 1 3  ? 3.669   -6.201  -12.079 1.00 18.17 ?  24  PRO A CB  1 
ATOM   23  C CG  . PRO A 1 3  ? 3.160   -5.472  -13.254 1.00 19.52 ?  24  PRO A CG  1 
ATOM   24  C CD  . PRO A 1 3  ? 2.328   -6.479  -14.034 1.00 15.46 ?  24  PRO A CD  1 
ATOM   25  N N   . GLY A 1 4  ? 2.143   -7.063  -9.413  1.00 13.82 ?  25  GLY A N   1 
ATOM   26  C CA  . GLY A 1 4  ? 1.407   -6.576  -8.292  1.00 13.17 ?  25  GLY A CA  1 
ATOM   27  C C   . GLY A 1 4  ? 1.423   -5.064  -8.171  1.00 12.96 ?  25  GLY A C   1 
ATOM   28  O O   . GLY A 1 4  ? 2.265   -4.363  -8.780  1.00 13.47 ?  25  GLY A O   1 
ATOM   29  N N   . GLU A 1 5  ? 0.513   -4.557  -7.352  1.00 12.77 ?  26  GLU A N   1 
ATOM   30  C CA  . GLU A 1 5  ? 0.506   -3.146  -7.007  1.00 12.45 ?  26  GLU A CA  1 
ATOM   31  C C   . GLU A 1 5  ? 1.665   -2.782  -6.102  1.00 12.80 ?  26  GLU A C   1 
ATOM   32  O O   . GLU A 1 5  ? 2.281   -3.634  -5.475  1.00 14.14 ?  26  GLU A O   1 
ATOM   33  C CB  . GLU A 1 5  ? -0.830  -2.787  -6.357  1.00 12.56 ?  26  GLU A CB  1 
ATOM   34  C CG  . GLU A 1 5  ? -2.028  -3.042  -7.263  1.00 13.00 ?  26  GLU A CG  1 
ATOM   35  C CD  . GLU A 1 5  ? -3.333  -2.505  -6.769  1.00 13.45 ?  26  GLU A CD  1 
ATOM   36  O OE1 . GLU A 1 5  ? -3.433  -2.083  -5.589  1.00 13.46 ?  26  GLU A OE1 1 
ATOM   37  O OE2 . GLU A 1 5  ? -4.333  -2.551  -7.559  1.00 15.39 ?  26  GLU A OE2 1 
ATOM   38  N N   . TYR A 1 6  ? 1.917   -1.483  -6.019  1.00 12.32 ?  27  TYR A N   1 
ATOM   39  C CA  . TYR A 1 6  ? 2.944   -0.908  -5.141  1.00 12.41 ?  27  TYR A CA  1 
ATOM   40  C C   . TYR A 1 6  ? 2.236   -0.066  -4.110  1.00 12.21 ?  27  TYR A C   1 
ATOM   41  O O   . TYR A 1 6  ? 1.444   0.793   -4.470  1.00 13.64 ?  27  TYR A O   1 
ATOM   42  C CB  . TYR A 1 6  ? 3.905   -0.038  -5.989  1.00 13.95 ?  27  TYR A CB  1 
ATOM   43  C CG  . TYR A 1 6  ? 5.135   0.389   -5.256  1.00 15.31 ?  27  TYR A CG  1 
ATOM   44  C CD1 . TYR A 1 6  ? 6.226   -0.425  -5.199  1.00 17.61 ?  27  TYR A CD1 1 
ATOM   45  C CD2 . TYR A 1 6  ? 5.178   1.575   -4.582  1.00 18.90 ?  27  TYR A CD2 1 
ATOM   46  C CE1 . TYR A 1 6  ? 7.366   -0.047  -4.520  1.00 20.17 ?  27  TYR A CE1 1 
ATOM   47  C CE2 . TYR A 1 6  ? 6.329   1.969   -3.882  1.00 19.06 ?  27  TYR A CE2 1 
ATOM   48  C CZ  . TYR A 1 6  ? 7.404   1.113   -3.848  1.00 19.90 ?  27  TYR A CZ  1 
ATOM   49  O OH  . TYR A 1 6  ? 8.587   1.441   -3.168  1.00 25.59 ?  27  TYR A OH  1 
ATOM   50  N N   . CYS A 1 7  ? 2.535   -0.306  -2.841  1.00 11.48 ?  28  CYS A N   1 
ATOM   51  C CA  . CYS A 1 7  ? 2.100   0.590   -1.767  1.00 11.70 ?  28  CYS A CA  1 
ATOM   52  C C   . CYS A 1 7  ? 3.123   1.703   -1.621  1.00 12.21 ?  28  CYS A C   1 
ATOM   53  O O   . CYS A 1 7  ? 4.267   1.451   -1.259  1.00 13.06 ?  28  CYS A O   1 
ATOM   54  C CB  . CYS A 1 7  ? 1.981   -0.134  -0.429  1.00 12.22 ?  28  CYS A CB  1 
ATOM   55  S SG  . CYS A 1 7  ? 0.610   -1.306  -0.235  1.00 13.41 ?  28  CYS A SG  1 
ATOM   56  N N   . HIS A 1 8  ? 2.721   2.921   -1.953  1.00 11.91 ?  29  HIS A N   1 
ATOM   57  C CA  . HIS A 1 8  ? 3.635   4.058   -1.850  1.00 12.34 ?  29  HIS A CA  1 
ATOM   58  C C   . HIS A 1 8  ? 3.879   4.438   -0.411  1.00 12.44 ?  29  HIS A C   1 
ATOM   59  O O   . HIS A 1 8  ? 3.047   4.230   0.452   1.00 13.53 ?  29  HIS A O   1 
ATOM   60  C CB  . HIS A 1 8  ? 3.036   5.247   -2.599  1.00 13.45 ?  29  HIS A CB  1 
ATOM   61  C CG  . HIS A 1 8  ? 2.942   4.999   -4.054  1.00 15.52 ?  29  HIS A CG  1 
ATOM   62  N ND1 . HIS A 1 8  ? 4.023   5.166   -4.892  1.00 18.88 ?  29  HIS A ND1 1 
ATOM   63  C CD2 . HIS A 1 8  ? 1.945   4.498   -4.813  1.00 18.64 ?  29  HIS A CD2 1 
ATOM   64  C CE1 . HIS A 1 8  ? 3.687   4.810   -6.113  1.00 23.51 ?  29  HIS A CE1 1 
ATOM   65  N NE2 . HIS A 1 8  ? 2.432   4.400   -6.093  1.00 23.83 ?  29  HIS A NE2 1 
ATOM   66  N N   . GLY A 1 9  ? 5.057   5.004   -0.149  1.00 12.76 ?  30  GLY A N   1 
ATOM   67  C CA  . GLY A 1 9  ? 5.414   5.438   1.182   1.00 12.80 ?  30  GLY A CA  1 
ATOM   68  C C   . GLY A 1 9  ? 4.477   6.510   1.706   1.00 12.07 ?  30  GLY A C   1 
ATOM   69  O O   . GLY A 1 9  ? 3.907   7.283   0.928   1.00 13.77 ?  30  GLY A O   1 
ATOM   70  N N   . TRP A 1 10 ? 4.302   6.533   3.018   1.00 11.52 ?  31  TRP A N   1 
ATOM   71  C CA  . TRP A 1 10 ? 3.321   7.429   3.607   1.00 11.91 ?  31  TRP A CA  1 
ATOM   72  C C   . TRP A 1 10 ? 3.694   7.779   5.031   1.00 11.00 ?  31  TRP A C   1 
ATOM   73  O O   . TRP A 1 10 ? 4.544   7.124   5.610   1.00 13.45 ?  31  TRP A O   1 
ATOM   74  C CB  . TRP A 1 10 ? 1.915   6.794   3.588   1.00 12.29 ?  31  TRP A CB  1 
ATOM   75  C CG  . TRP A 1 10 ? 1.708   5.724   4.621   1.00 11.37 ?  31  TRP A CG  1 
ATOM   76  C CD1 . TRP A 1 10 ? 1.147   5.884   5.840   1.00 12.71 ?  31  TRP A CD1 1 
ATOM   77  C CD2 . TRP A 1 10 ? 2.063   4.336   4.526   1.00 11.88 ?  31  TRP A CD2 1 
ATOM   78  N NE1 . TRP A 1 10 ? 1.135   4.690   6.520   1.00 12.63 ?  31  TRP A NE1 1 
ATOM   79  C CE2 . TRP A 1 10 ? 1.658   3.718   5.708   1.00 12.71 ?  31  TRP A CE2 1 
ATOM   80  C CE3 . TRP A 1 10 ? 2.647   3.554   3.537   1.00 12.99 ?  31  TRP A CE3 1 
ATOM   81  C CZ2 . TRP A 1 10 ? 1.847   2.352   5.942   1.00 13.53 ?  31  TRP A CZ2 1 
ATOM   82  C CZ3 . TRP A 1 10 ? 2.832   2.200   3.765   1.00 13.76 ?  31  TRP A CZ3 1 
ATOM   83  C CH2 . TRP A 1 10 ? 2.462   1.619   4.969   1.00 13.83 ?  31  TRP A CH2 1 
ATOM   84  N N   . VAL A 1 11 ? 3.031   8.799   5.567   1.00 11.14 ?  32  VAL A N   1 
ATOM   85  C CA  . VAL A 1 11 ? 3.167   9.126   6.980   1.00 11.66 ?  32  VAL A CA  1 
ATOM   86  C C   . VAL A 1 11 ? 1.844   8.852   7.654   1.00 12.32 ?  32  VAL A C   1 
ATOM   87  O O   . VAL A 1 11 ? 0.774   9.282   7.187   1.00 12.66 ?  32  VAL A O   1 
ATOM   88  C CB  . VAL A 1 11 ? 3.564   10.601  7.179   1.00 12.14 ?  32  VAL A CB  1 
ATOM   89  C CG1 . VAL A 1 11 ? 3.567   11.009  8.643   1.00 12.63 ?  32  VAL A CG1 1 
ATOM   90  C CG2 . VAL A 1 11 ? 4.942   10.871  6.567   1.00 13.42 ?  32  VAL A CG2 1 
ATOM   91  N N   . ASP A 1 12 ? 1.921   8.124   8.771   1.00 12.69 ?  33  ASP A N   1 
ATOM   92  C CA  . ASP A 1 12 ? 0.714   7.736   9.501   1.00 13.70 ?  33  ASP A CA  1 
ATOM   93  C C   . ASP A 1 12 ? 0.196   8.833   10.446  1.00 14.64 ?  33  ASP A C   1 
ATOM   94  O O   . ASP A 1 12 ? 0.779   9.916   10.503  1.00 14.48 ?  33  ASP A O   1 
ATOM   95  C CB  . ASP A 1 12 ? 0.919   6.381   10.178  1.00 15.32 ?  33  ASP A CB  1 
ATOM   96  C CG  . ASP A 1 12 ? 1.874   6.399   11.353  1.00 15.02 ?  33  ASP A CG  1 
ATOM   97  O OD1 . ASP A 1 12 ? 2.046   7.436   11.985  1.00 14.94 ?  33  ASP A OD1 1 
ATOM   98  O OD2 . ASP A 1 12 ? 2.429   5.292   11.615  1.00 16.84 ?  33  ASP A OD2 1 
ATOM   99  N N   . ALA A 1 13 ? -0.909  8.559   11.154  1.00 15.91 ?  34  ALA A N   1 
ATOM   100 C CA  . ALA A 1 13 ? -1.538  9.582   11.953  1.00 17.69 ?  34  ALA A CA  1 
ATOM   101 C C   . ALA A 1 13 ? -0.743  9.919   13.217  1.00 17.42 ?  34  ALA A C   1 
ATOM   102 O O   . ALA A 1 13 ? -1.031  10.947  13.860  1.00 20.59 ?  34  ALA A O   1 
ATOM   103 C CB  . ALA A 1 13 ? -2.945  9.167   12.302  1.00 19.68 ?  34  ALA A CB  1 
ATOM   104 N N   . GLN A 1 14 ? 0.225   9.069   13.561  1.00 15.66 ?  35  GLN A N   1 
ATOM   105 C CA  . GLN A 1 14 ? 1.149   9.334   14.645  1.00 15.46 ?  35  GLN A CA  1 
ATOM   106 C C   . GLN A 1 14 ? 2.440   9.946   14.134  1.00 16.29 ?  35  GLN A C   1 
ATOM   107 O O   . GLN A 1 14 ? 3.420   10.084  14.885  1.00 17.56 ?  35  GLN A O   1 
ATOM   108 C CB  . GLN A 1 14 ? 1.438   8.043   15.399  1.00 18.40 ?  35  GLN A CB  1 
ATOM   109 C CG  . GLN A 1 14 ? 0.239   7.531   16.158  1.00 21.05 ?  35  GLN A CG  1 
ATOM   110 C CD  . GLN A 1 14 ? -0.824  6.932   15.288  1.00 24.58 ?  35  GLN A CD  1 
ATOM   111 O OE1 . GLN A 1 14 ? -0.526  6.116   14.428  1.00 25.91 ?  35  GLN A OE1 1 
ATOM   112 N NE2 . GLN A 1 14 ? -2.076  7.311   15.519  1.00 29.01 ?  35  GLN A NE2 1 
ATOM   113 N N   . GLY A 1 15 ? 2.428   10.432  12.889  1.00 14.36 ?  36  GLY A N   1 
ATOM   114 C CA  . GLY A 1 15 ? 3.586   11.135  12.355  1.00 14.41 ?  36  GLY A CA  1 
ATOM   115 C C   . GLY A 1 15 ? 4.772   10.321  11.932  1.00 13.22 ?  36  GLY A C   1 
ATOM   116 O O   . GLY A 1 15 ? 5.858   10.873  11.709  1.00 14.64 ?  36  GLY A O   1 
ATOM   117 N N   . ASN A 1 16 ? 4.567   9.010   11.777  1.00 13.27 ?  37  ASN A N   1 
ATOM   118 C CA  . ASN A 1 16 ? 5.659   8.116   11.420  1.00 13.58 ?  37  ASN A CA  1 
ATOM   119 C C   . ASN A 1 16 ? 5.636   7.753   9.935   1.00 13.47 ?  37  ASN A C   1 
ATOM   120 O O   . ASN A 1 16 ? 4.614   7.317   9.425   1.00 13.90 ?  37  ASN A O   1 
ATOM   121 C CB  . ASN A 1 16 ? 5.640   6.880   12.273  1.00 15.26 ?  37  ASN A CB  1 
ATOM   122 C CG  . ASN A 1 16 ? 5.893   7.184   13.719  1.00 18.16 ?  37  ASN A CG  1 
ATOM   123 O OD1 . ASN A 1 16 ? 6.774   7.976   14.067  1.00 19.17 ?  37  ASN A OD1 1 
ATOM   124 N ND2 . ASN A 1 16 ? 5.093   6.599   14.576  1.00 22.88 ?  37  ASN A ND2 1 
ATOM   125 N N   . TYR A 1 17 ? 6.765   7.925   9.278   1.00 14.05 ?  38  TYR A N   1 
ATOM   126 C CA  . TYR A 1 17 ? 6.938   7.487   7.923   1.00 13.57 ?  38  TYR A CA  1 
ATOM   127 C C   . TYR A 1 17 ? 7.060   5.975   7.814   1.00 14.59 ?  38  TYR A C   1 
ATOM   128 O O   . TYR A 1 17 ? 7.756   5.340   8.617   1.00 16.72 ?  38  TYR A O   1 
ATOM   129 C CB  . TYR A 1 17 ? 8.199   8.141   7.352   1.00 14.72 ?  38  TYR A CB  1 
ATOM   130 C CG  . TYR A 1 17 ? 8.485   7.749   5.943   1.00 14.66 ?  38  TYR A CG  1 
ATOM   131 C CD1 . TYR A 1 17 ? 7.692   8.184   4.921   1.00 16.25 ?  38  TYR A CD1 1 
ATOM   132 C CD2 . TYR A 1 17 ? 9.552   6.945   5.636   1.00 17.11 ?  38  TYR A CD2 1 
ATOM   133 C CE1 . TYR A 1 17 ? 7.932   7.812   3.612   1.00 17.66 ?  38  TYR A CE1 1 
ATOM   134 C CE2 . TYR A 1 17 ? 9.787   6.580   4.322   1.00 18.60 ?  38  TYR A CE2 1 
ATOM   135 C CZ  . TYR A 1 17 ? 8.985   7.019   3.319   1.00 16.90 ?  38  TYR A CZ  1 
ATOM   136 O OH  . TYR A 1 17 ? 9.247   6.657   2.004   1.00 24.24 ?  38  TYR A OH  1 
ATOM   137 N N   . HIS A 1 18 ? 6.415   5.436   6.783   1.00 13.60 ?  39  HIS A N   1 
ATOM   138 C CA  A HIS A 1 18 ? 6.538   4.047   6.364   0.65 13.55 ?  39  HIS A CA  1 
ATOM   139 C CA  B HIS A 1 18 ? 6.587   4.064   6.365   0.35 14.42 ?  39  HIS A CA  1 
ATOM   140 C C   . HIS A 1 18 ? 7.030   4.016   4.926   1.00 14.17 ?  39  HIS A C   1 
ATOM   141 O O   . HIS A 1 18 ? 6.421   4.618   4.068   1.00 13.87 ?  39  HIS A O   1 
ATOM   142 C CB  A HIS A 1 18 ? 5.176   3.354   6.388   0.65 13.47 ?  39  HIS A CB  1 
ATOM   143 C CB  B HIS A 1 18 ? 5.276   3.342   6.536   0.35 15.07 ?  39  HIS A CB  1 
ATOM   144 C CG  A HIS A 1 18 ? 4.510   3.308   7.729   0.65 14.18 ?  39  HIS A CG  1 
ATOM   145 C CG  B HIS A 1 18 ? 4.784   3.382   7.939   0.35 17.07 ?  39  HIS A CG  1 
ATOM   146 N ND1 A HIS A 1 18 ? 4.196   2.126   8.372   0.65 17.33 ?  39  HIS A ND1 1 
ATOM   147 N ND1 B HIS A 1 18 ? 5.250   2.521   8.907   0.35 20.15 ?  39  HIS A ND1 1 
ATOM   148 C CD2 A HIS A 1 18 ? 4.054   4.299   8.519   0.65 13.75 ?  39  HIS A CD2 1 
ATOM   149 C CD2 B HIS A 1 18 ? 3.927   4.224   8.557   0.35 17.14 ?  39  HIS A CD2 1 
ATOM   150 C CE1 A HIS A 1 18 ? 3.580   2.399   9.505   0.65 17.21 ?  39  HIS A CE1 1 
ATOM   151 C CE1 B HIS A 1 18 ? 4.658   2.803   10.054  0.35 19.79 ?  39  HIS A CE1 1 
ATOM   152 N NE2 A HIS A 1 18 ? 3.492   3.718   9.622   0.65 16.62 ?  39  HIS A NE2 1 
ATOM   153 N NE2 B HIS A 1 18 ? 3.869   3.847   9.872   0.35 19.06 ?  39  HIS A NE2 1 
ATOM   154 N N   . GLU A 1 19 ? 8.105   3.280   4.672   1.00 15.54 ?  40  GLU A N   1 
ATOM   155 C CA  A GLU A 1 19 ? 8.612   3.132   3.325   0.35 15.94 ?  40  GLU A CA  1 
ATOM   156 C CA  B GLU A 1 19 ? 8.618   3.119   3.329   0.30 15.61 ?  40  GLU A CA  1 
ATOM   157 C CA  C GLU A 1 19 ? 8.608   3.121   3.326   0.35 15.84 ?  40  GLU A CA  1 
ATOM   158 C C   . GLU A 1 19 ? 7.606   2.342   2.476   1.00 14.35 ?  40  GLU A C   1 
ATOM   159 O O   . GLU A 1 19 ? 6.902   1.491   2.961   1.00 16.38 ?  40  GLU A O   1 
ATOM   160 C CB  A GLU A 1 19 ? 9.973   2.422   3.322   0.35 20.87 ?  40  GLU A CB  1 
ATOM   161 C CB  B GLU A 1 19 ? 9.955   2.367   3.353   0.30 19.13 ?  40  GLU A CB  1 
ATOM   162 C CB  C GLU A 1 19 ? 9.932   2.366   3.324   0.35 20.03 ?  40  GLU A CB  1 
ATOM   163 C CG  A GLU A 1 19 ? 9.979   1.031   3.951   0.35 26.19 ?  40  GLU A CG  1 
ATOM   164 C CG  B GLU A 1 19 ? 11.072  3.098   4.099   0.30 20.28 ?  40  GLU A CG  1 
ATOM   165 C CG  C GLU A 1 19 ? 10.652  2.429   1.990   0.35 22.58 ?  40  GLU A CG  1 
ATOM   166 C CD  A GLU A 1 19 ? 11.369  0.405   4.055   0.35 30.56 ?  40  GLU A CD  1 
ATOM   167 C CD  B GLU A 1 19 ? 12.382  2.355   4.114   0.30 25.22 ?  40  GLU A CD  1 
ATOM   168 C CD  C GLU A 1 19 ? 11.935  1.644   1.953   0.35 26.21 ?  40  GLU A CD  1 
ATOM   169 O OE1 A GLU A 1 19 ? 12.321  1.106   4.462   0.35 32.20 ?  40  GLU A OE1 1 
ATOM   170 O OE1 B GLU A 1 19 ? 12.832  1.907   3.044   0.30 26.64 ?  40  GLU A OE1 1 
ATOM   171 O OE1 C GLU A 1 19 ? 12.104  0.712   2.766   0.35 30.63 ?  40  GLU A OE1 1 
ATOM   172 O OE2 A GLU A 1 19 ? 11.496  -0.805  3.761   0.35 31.62 ?  40  GLU A OE2 1 
ATOM   173 O OE2 B GLU A 1 19 ? 12.977  2.264   5.203   0.30 34.09 ?  40  GLU A OE2 1 
ATOM   174 O OE2 C GLU A 1 19 ? 12.751  1.946   1.068   0.35 36.11 ?  40  GLU A OE2 1 
ATOM   175 N N   . GLY A 1 20 ? 7.587   2.639   1.185   1.00 14.42 ?  41  GLY A N   1 
ATOM   176 C CA  . GLY A 1 20 ? 6.764   1.936   0.241   1.00 13.85 ?  41  GLY A CA  1 
ATOM   177 C C   . GLY A 1 20 ? 7.328   0.559   -0.060  1.00 14.01 ?  41  GLY A C   1 
ATOM   178 O O   . GLY A 1 20 ? 8.471   0.229   0.294   1.00 16.27 ?  41  GLY A O   1 
ATOM   179 N N   . PHE A 1 21 ? 6.503   -0.239  -0.717  1.00 12.71 ?  42  PHE A N   1 
ATOM   180 C CA  . PHE A 1 21 ? 6.888   -1.623  -1.022  1.00 13.58 ?  42  PHE A CA  1 
ATOM   181 C C   . PHE A 1 21 ? 6.031   -2.176  -2.142  1.00 13.25 ?  42  PHE A C   1 
ATOM   182 O O   . PHE A 1 21 ? 4.854   -1.859  -2.292  1.00 13.42 ?  42  PHE A O   1 
ATOM   183 C CB  . PHE A 1 21 ? 6.796   -2.529  0.220   1.00 14.86 ?  42  PHE A CB  1 
ATOM   184 C CG  . PHE A 1 21 ? 5.530   -2.352  1.018   1.00 14.24 ?  42  PHE A CG  1 
ATOM   185 C CD1 . PHE A 1 21 ? 4.403   -3.105  0.769   1.00 13.91 ?  42  PHE A CD1 1 
ATOM   186 C CD2 . PHE A 1 21 ? 5.476   -1.430  2.046   1.00 14.25 ?  42  PHE A CD2 1 
ATOM   187 C CE1 . PHE A 1 21 ? 3.221   -2.911  1.486   1.00 13.92 ?  42  PHE A CE1 1 
ATOM   188 C CE2 . PHE A 1 21 ? 4.324   -1.234  2.768   1.00 15.18 ?  42  PHE A CE2 1 
ATOM   189 C CZ  . PHE A 1 21 ? 3.197   -1.973  2.512   1.00 14.48 ?  42  PHE A CZ  1 
ATOM   190 N N   . GLN A 1 22 ? 6.674   -3.045  -2.918  1.00 13.99 ?  43  GLN A N   1 
ATOM   191 C CA  . GLN A 1 22 ? 6.031   -3.796  -3.951  1.00 14.50 ?  43  GLN A CA  1 
ATOM   192 C C   . GLN A 1 22 ? 5.255   -4.979  -3.380  1.00 14.10 ?  43  GLN A C   1 
ATOM   193 O O   . GLN A 1 22 ? 5.787   -5.715  -2.531  1.00 15.67 ?  43  GLN A O   1 
ATOM   194 C CB  . GLN A 1 22 ? 7.133   -4.315  -4.860  1.00 16.50 ?  43  GLN A CB  1 
ATOM   195 C CG  . GLN A 1 22 ? 6.654   -5.162  -6.005  1.00 17.67 ?  43  GLN A CG  1 
ATOM   196 C CD  . GLN A 1 22 ? 5.799   -4.412  -6.962  1.00 18.59 ?  43  GLN A CD  1 
ATOM   197 O OE1 . GLN A 1 22 ? 6.192   -3.350  -7.500  1.00 21.32 ?  43  GLN A OE1 1 
ATOM   198 N NE2 . GLN A 1 22 ? 4.627   -4.957  -7.226  1.00 18.21 ?  43  GLN A NE2 1 
ATOM   199 N N   . CYS A 1 23 ? 4.040   -5.188  -3.869  1.00 12.55 ?  44  CYS A N   1 
ATOM   200 C CA  . CYS A 1 23 ? 3.229   -6.343  -3.486  1.00 13.20 ?  44  CYS A CA  1 
ATOM   201 C C   . CYS A 1 23 ? 3.364   -7.473  -4.492  1.00 13.85 ?  44  CYS A C   1 
ATOM   202 O O   . CYS A 1 23 ? 3.495   -7.215  -5.689  1.00 14.50 ?  44  CYS A O   1 
ATOM   203 C CB  . CYS A 1 23 ? 1.758   -5.986  -3.346  1.00 13.16 ?  44  CYS A CB  1 
ATOM   204 S SG  . CYS A 1 23 ? 1.435   -4.779  -2.035  1.00 14.24 ?  44  CYS A SG  1 
ATOM   205 N N   . PRO A 1 24 ? 3.261   -8.720  -4.037  1.00 14.25 ?  45  PRO A N   1 
ATOM   206 C CA  . PRO A 1 24 ? 3.343   -9.148  -2.635  1.00 13.83 ?  45  PRO A CA  1 
ATOM   207 C C   . PRO A 1 24 ? 4.751   -8.923  -2.109  1.00 14.93 ?  45  PRO A C   1 
ATOM   208 O O   . PRO A 1 24 ? 5.733   -8.989  -2.845  1.00 16.10 ?  45  PRO A O   1 
ATOM   209 C CB  . PRO A 1 24 ? 3.020   -10.647 -2.673  1.00 15.54 ?  45  PRO A CB  1 
ATOM   210 C CG  . PRO A 1 24 ? 2.715   -10.966 -4.053  1.00 20.42 ?  45  PRO A CG  1 
ATOM   211 C CD  . PRO A 1 24 ? 3.154   -9.869  -4.944  1.00 14.98 ?  45  PRO A CD  1 
ATOM   212 N N   . GLU A 1 25 ? 4.842   -8.662  -0.795  1.00 13.99 ?  46  GLU A N   1 
ATOM   213 C CA  . GLU A 1 25 ? 6.153   -8.640  -0.186  1.00 14.48 ?  46  GLU A CA  1 
ATOM   214 C C   . GLU A 1 25 ? 6.722   -10.062 -0.126  1.00 16.01 ?  46  GLU A C   1 
ATOM   215 O O   . GLU A 1 25 ? 6.001   -11.044 -0.370  1.00 16.13 ?  46  GLU A O   1 
ATOM   216 C CB  . GLU A 1 25 ? 6.144   -7.965  1.162   1.00 16.23 ?  46  GLU A CB  1 
ATOM   217 C CG  . GLU A 1 25 ? 5.678   -6.527  1.111   1.00 16.64 ?  46  GLU A CG  1 
ATOM   218 C CD  . GLU A 1 25 ? 5.892   -5.810  2.425   1.00 18.05 ?  46  GLU A CD  1 
ATOM   219 O OE1 . GLU A 1 25 ? 4.939   -5.814  3.245   1.00 20.09 ?  46  GLU A OE1 1 
ATOM   220 O OE2 . GLU A 1 25 ? 7.018   -5.287  2.609   1.00 22.03 ?  46  GLU A OE2 1 
ATOM   221 N N   . ASP A 1 26 ? 8.005   -10.166 0.184   1.00 15.86 ?  47  ASP A N   1 
ATOM   222 C CA  . ASP A 1 26 ? 8.684   -11.473 0.071   1.00 16.02 ?  47  ASP A CA  1 
ATOM   223 C C   . ASP A 1 26 ? 8.085   -12.619 0.896   1.00 18.36 ?  47  ASP A C   1 
ATOM   224 O O   . ASP A 1 26 ? 8.167   -13.799 0.511   1.00 20.89 ?  47  ASP A O   1 
ATOM   225 C CB  . ASP A 1 26 ? 10.175  -11.323 0.361   1.00 19.07 ?  47  ASP A CB  1 
ATOM   226 C CG  . ASP A 1 26 ? 10.931  -10.591 -0.768  1.00 18.94 ?  47  ASP A CG  1 
ATOM   227 O OD1 . ASP A 1 26 ? 10.400  -10.455 -1.879  1.00 23.35 ?  47  ASP A OD1 1 
ATOM   228 O OD2 . ASP A 1 26 ? 12.096  -10.219 -0.511  1.00 26.50 ?  47  ASP A OD2 1 
ATOM   229 N N   . PHE A 1 27 ? 7.494   -12.278 2.021   1.00 16.35 ?  48  PHE A N   1 
ATOM   230 C CA  . PHE A 1 27 ? 6.861   -13.242 2.921   1.00 16.69 ?  48  PHE A CA  1 
ATOM   231 C C   . PHE A 1 27 ? 5.351   -13.066 3.014   1.00 16.73 ?  48  PHE A C   1 
ATOM   232 O O   . PHE A 1 27 ? 4.706   -13.568 3.938   1.00 19.13 ?  48  PHE A O   1 
ATOM   233 C CB  . PHE A 1 27 ? 7.597   -13.309 4.291   1.00 17.42 ?  48  PHE A CB  1 
ATOM   234 C CG  . PHE A 1 27 ? 9.022   -13.785 4.156   1.00 17.41 ?  48  PHE A CG  1 
ATOM   235 C CD1 . PHE A 1 27 ? 10.043  -12.935 3.763   1.00 19.61 ?  48  PHE A CD1 1 
ATOM   236 C CD2 . PHE A 1 27 ? 9.330   -15.124 4.384   1.00 17.28 ?  48  PHE A CD2 1 
ATOM   237 C CE1 . PHE A 1 27 ? 11.327  -13.398 3.593   1.00 20.01 ?  48  PHE A CE1 1 
ATOM   238 C CE2 . PHE A 1 27 ? 10.626  -15.586 4.238   1.00 17.21 ?  48  PHE A CE2 1 
ATOM   239 C CZ  . PHE A 1 27 ? 11.625  -14.736 3.847   1.00 20.56 ?  48  PHE A CZ  1 
ATOM   240 N N   . ASP A 1 28 ? 4.774   -12.427 2.004   1.00 16.16 ?  49  ASP A N   1 
ATOM   241 C CA  . ASP A 1 28 ? 3.337   -12.387 1.837   1.00 16.06 ?  49  ASP A CA  1 
ATOM   242 C C   . ASP A 1 28 ? 2.930   -13.633 1.034   1.00 14.88 ?  49  ASP A C   1 
ATOM   243 O O   . ASP A 1 28 ? 3.740   -14.249 0.366   1.00 16.50 ?  49  ASP A O   1 
ATOM   244 C CB  . ASP A 1 28 ? 2.890   -11.141 1.063   1.00 16.81 ?  49  ASP A CB  1 
ATOM   245 C CG  . ASP A 1 28 ? 2.784   -9.887  1.914   1.00 18.13 ?  49  ASP A CG  1 
ATOM   246 O OD1 . ASP A 1 28 ? 2.529   -10.010 3.120   1.00 28.40 ?  49  ASP A OD1 1 
ATOM   247 O OD2 . ASP A 1 28 ? 2.965   -8.755  1.364   1.00 16.66 ?  49  ASP A OD2 1 
ATOM   248 N N   . THR A 1 29 ? 1.650   -13.953 1.093   1.00 13.96 ?  50  THR A N   1 
ATOM   249 C CA  . THR A 1 29 ? 1.136   -14.958 0.165   1.00 15.57 ?  50  THR A CA  1 
ATOM   250 C C   . THR A 1 29 ? 1.199   -14.413 -1.258  1.00 15.87 ?  50  THR A C   1 
ATOM   251 O O   . THR A 1 29 ? 1.113   -13.185 -1.505  1.00 17.97 ?  50  THR A O   1 
ATOM   252 C CB  . THR A 1 29 ? -0.293  -15.384 0.499   1.00 16.48 ?  50  THR A CB  1 
ATOM   253 O OG1 . THR A 1 29 ? -1.192  -14.243 0.508   1.00 19.40 ?  50  THR A OG1 1 
ATOM   254 C CG2 . THR A 1 29 ? -0.354  -16.064 1.837   1.00 17.13 ?  50  THR A CG2 1 
ATOM   255 N N   . GLN A 1 30 ? 1.266   -15.322 -2.218  1.00 17.98 ?  51  GLN A N   1 
ATOM   256 C CA  A GLN A 1 30 ? 1.507   -14.910 -3.603  0.60 18.41 ?  51  GLN A CA  1 
ATOM   257 C CA  B GLN A 1 30 ? 1.441   -14.981 -3.640  0.40 19.09 ?  51  GLN A CA  1 
ATOM   258 C C   . GLN A 1 30 ? 0.274   -14.192 -4.218  1.00 18.04 ?  51  GLN A C   1 
ATOM   259 O O   . GLN A 1 30 ? 0.415   -13.477 -5.213  1.00 21.31 ?  51  GLN A O   1 
ATOM   260 C CB  A GLN A 1 30 ? 1.978   -16.118 -4.447  0.60 23.92 ?  51  GLN A CB  1 
ATOM   261 C CB  B GLN A 1 30 ? 1.576   -16.261 -4.468  0.40 22.76 ?  51  GLN A CB  1 
ATOM   262 C CG  A GLN A 1 30 ? 0.949   -17.235 -4.566  0.60 28.39 ?  51  GLN A CG  1 
ATOM   263 C CG  B GLN A 1 30 ? 2.909   -16.944 -4.322  0.40 26.32 ?  51  GLN A CG  1 
ATOM   264 C CD  A GLN A 1 30 ? 1.268   -18.313 -5.599  0.60 34.31 ?  51  GLN A CD  1 
ATOM   265 C CD  B GLN A 1 30 ? 3.114   -18.024 -5.369  0.40 30.56 ?  51  GLN A CD  1 
ATOM   266 O OE1 A GLN A 1 30 ? 2.153   -18.170 -6.450  0.60 42.27 ?  51  GLN A OE1 1 
ATOM   267 O OE1 B GLN A 1 30 ? 2.451   -19.060 -5.344  0.40 40.82 ?  51  GLN A OE1 1 
ATOM   268 N NE2 A GLN A 1 30 ? 0.525   -19.408 -5.522  0.60 43.41 ?  51  GLN A NE2 1 
ATOM   269 N NE2 B GLN A 1 30 ? 4.029   -17.777 -6.303  0.40 38.27 ?  51  GLN A NE2 1 
ATOM   270 N N   . ASP A 1 31 ? -0.907  -14.370 -3.638  1.00 18.04 ?  52  ASP A N   1 
ATOM   271 C CA  . ASP A 1 31 ? -2.100  -13.687 -4.083  1.00 19.85 ?  52  ASP A CA  1 
ATOM   272 C C   . ASP A 1 31 ? -2.301  -12.299 -3.478  1.00 16.04 ?  52  ASP A C   1 
ATOM   273 O O   . ASP A 1 31 ? -3.240  -11.614 -3.832  1.00 16.74 ?  52  ASP A O   1 
ATOM   274 C CB  . ASP A 1 31 ? -3.376  -14.530 -3.876  1.00 22.14 ?  52  ASP A CB  1 
ATOM   275 C CG  . ASP A 1 31 ? -3.699  -14.785 -2.435  1.00 24.76 ?  52  ASP A CG  1 
ATOM   276 O OD1 . ASP A 1 31 ? -2.843  -14.576 -1.561  1.00 31.63 ?  52  ASP A OD1 1 
ATOM   277 O OD2 . ASP A 1 31 ? -4.801  -15.258 -2.147  1.00 31.28 ?  52  ASP A OD2 1 
ATOM   278 N N   . ALA A 1 32 ? -1.380  -11.880 -2.599  1.00 15.62 ?  53  ALA A N   1 
ATOM   279 C CA  . ALA A 1 32 ? -1.504  -10.569 -1.947  1.00 15.63 ?  53  ALA A CA  1 
ATOM   280 C C   . ALA A 1 32 ? -0.894  -9.480  -2.828  1.00 13.48 ?  53  ALA A C   1 
ATOM   281 O O   . ALA A 1 32 ? 0.148   -8.928  -2.541  1.00 14.49 ?  53  ALA A O   1 
ATOM   282 C CB  . ALA A 1 32 ? -0.838  -10.582 -0.586  1.00 15.12 ?  53  ALA A CB  1 
ATOM   283 N N   . THR A 1 33 ? -1.553  -9.246  -3.960  1.00 13.36 ?  54  THR A N   1 
ATOM   284 C CA  . THR A 1 33 ? -1.022  -8.433  -5.039  1.00 14.03 ?  54  THR A CA  1 
ATOM   285 C C   . THR A 1 33 ? -1.598  -7.006  -5.084  1.00 13.92 ?  54  THR A C   1 
ATOM   286 O O   . THR A 1 33 ? -1.223  -6.217  -5.968  1.00 14.93 ?  54  THR A O   1 
ATOM   287 C CB  . THR A 1 33 ? -1.298  -9.076  -6.397  1.00 16.45 ?  54  THR A CB  1 
ATOM   288 O OG1 . THR A 1 33 ? -2.706  -9.165  -6.553  1.00 19.17 ?  54  THR A OG1 1 
ATOM   289 C CG2 . THR A 1 33 ? -0.691  -10.450 -6.506  1.00 17.26 ?  54  THR A CG2 1 
ATOM   290 N N   . ILE A 1 34 ? -2.503  -6.703  -4.164  1.00 12.46 ?  55  ILE A N   1 
ATOM   291 C CA  . ILE A 1 34 ? -3.217  -5.440  -4.080  1.00 11.93 ?  55  ILE A CA  1 
ATOM   292 C C   . ILE A 1 34 ? -2.669  -4.610  -2.913  1.00 11.82 ?  55  ILE A C   1 
ATOM   293 O O   . ILE A 1 34 ? -2.407  -5.147  -1.852  1.00 13.24 ?  55  ILE A O   1 
ATOM   294 C CB  . ILE A 1 34 ? -4.733  -5.664  -3.862  1.00 13.70 ?  55  ILE A CB  1 
ATOM   295 C CG1 . ILE A 1 34 ? -5.303  -6.580  -4.925  1.00 14.48 ?  55  ILE A CG1 1 
ATOM   296 C CG2 . ILE A 1 34 ? -5.463  -4.323  -3.841  1.00 16.40 ?  55  ILE A CG2 1 
ATOM   297 C CD1 . ILE A 1 34 ? -6.710  -7.026  -4.659  1.00 17.83 ?  55  ILE A CD1 1 
ATOM   298 N N   . CYS A 1 35 ? -2.502  -3.284  -3.114  1.00 11.82 ?  56  CYS A N   1 
ATOM   299 C CA  . CYS A 1 35 ? -2.214  -2.408  -1.978  1.00 12.30 ?  56  CYS A CA  1 
ATOM   300 C C   . CYS A 1 35 ? -3.567  -2.117  -1.312  1.00 12.67 ?  56  CYS A C   1 
ATOM   301 O O   . CYS A 1 35 ? -4.415  -1.430  -1.884  1.00 13.23 ?  56  CYS A O   1 
ATOM   302 C CB  . CYS A 1 35 ? -1.518  -1.135  -2.383  1.00 12.37 ?  56  CYS A CB  1 
ATOM   303 S SG  . CYS A 1 35 ? -1.047  -0.217  -0.880  1.00 13.18 ?  56  CYS A SG  1 
ATOM   304 N N   . CYS A 1 36 ? -3.738  -2.695  -0.120  1.00 12.38 ?  57  CYS A N   1 
ATOM   305 C CA  . CYS A 1 36 ? -4.958  -2.620  0.648   1.00 13.47 ?  57  CYS A CA  1 
ATOM   306 C C   . CYS A 1 36 ? -4.827  -1.711  1.872   1.00 13.08 ?  57  CYS A C   1 
ATOM   307 O O   . CYS A 1 36 ? -3.741  -1.299  2.246   1.00 13.35 ?  57  CYS A O   1 
ATOM   308 C CB  . CYS A 1 36 ? -5.318  -4.013  1.163   1.00 13.90 ?  57  CYS A CB  1 
ATOM   309 S SG  . CYS A 1 36 ? -5.538  -5.165  -0.203  1.00 15.55 ?  57  CYS A SG  1 
ATOM   310 N N   . GLY A 1 37 ? -5.982  -1.401  2.467   1.00 13.71 ?  58  GLY A N   1 
ATOM   311 C CA  . GLY A 1 37 ? -6.015  -0.743  3.750   1.00 13.96 ?  58  GLY A CA  1 
ATOM   312 C C   . GLY A 1 37 ? -6.582  0.667   3.699   1.00 14.47 ?  58  GLY A C   1 
ATOM   313 O O   . GLY A 1 37 ? -7.539  0.952   2.987   1.00 17.29 ?  58  GLY A O   1 
ATOM   314 N N   . SER A 1 38 ? -5.939  1.525   4.478   1.00 13.54 ?  59  SER A N   1 
ATOM   315 C CA  . SER A 1 38 ? -6.313  2.896   4.591   1.00 12.91 ?  59  SER A CA  1 
ATOM   316 C C   . SER A 1 38 ? -5.102  3.762   4.281   1.00 11.87 ?  59  SER A C   1 
ATOM   317 O O   . SER A 1 38 ? -3.983  3.286   4.280   1.00 12.38 ?  59  SER A O   1 
ATOM   318 C CB  . SER A 1 38 ? -6.816  3.177   5.988   1.00 16.28 ?  59  SER A CB  1 
ATOM   319 O OG  . SER A 1 38 ? -5.771  3.066   6.909   1.00 19.47 ?  59  SER A OG  1 
ATOM   320 N N   . CYS A 1 39 ? -5.324  5.048   4.060   1.00 12.48 ?  60  CYS A N   1 
ATOM   321 C CA  . CYS A 1 39 ? -4.184  5.916   3.732   1.00 11.98 ?  60  CYS A CA  1 
ATOM   322 C C   . CYS A 1 39 ? -3.098  5.848   4.796   1.00 11.45 ?  60  CYS A C   1 
ATOM   323 O O   . CYS A 1 39 ? -1.921  5.937   4.462   1.00 12.08 ?  60  CYS A O   1 
ATOM   324 C CB  . CYS A 1 39 ? -4.642  7.358   3.550   1.00 13.42 ?  60  CYS A CB  1 
ATOM   325 S SG  . CYS A 1 39 ? -5.720  7.597   2.095   1.00 14.61 ?  60  CYS A SG  1 
ATOM   326 N N   . ALA A 1 40 ? -3.498  5.695   6.066   1.00 12.57 ?  61  ALA A N   1 
ATOM   327 C CA  . ALA A 1 40 ? -2.571  5.625   7.190   1.00 12.88 ?  61  ALA A CA  1 
ATOM   328 C C   . ALA A 1 40 ? -1.988  4.237   7.505   1.00 12.54 ?  61  ALA A C   1 
ATOM   329 O O   . ALA A 1 40 ? -1.072  4.160   8.297   1.00 14.56 ?  61  ALA A O   1 
ATOM   330 C CB  . ALA A 1 40 ? -3.189  6.248   8.445   1.00 15.41 ?  61  ALA A CB  1 
ATOM   331 N N   . LEU A 1 41 ? -2.539  3.196   6.893   1.00 13.02 ?  62  LEU A N   1 
ATOM   332 C CA  A LEU A 1 41 ? -2.082  1.846   7.136   0.50 13.71 ?  62  LEU A CA  1 
ATOM   333 C CA  B LEU A 1 41 ? -2.086  1.844   7.138   0.50 13.76 ?  62  LEU A CA  1 
ATOM   334 C C   . LEU A 1 41 ? -2.293  1.009   5.883   1.00 13.05 ?  62  LEU A C   1 
ATOM   335 O O   . LEU A 1 41 ? -3.398  0.501   5.632   1.00 14.68 ?  62  LEU A O   1 
ATOM   336 C CB  A LEU A 1 41 ? -2.748  1.231   8.364   0.50 16.43 ?  62  LEU A CB  1 
ATOM   337 C CB  B LEU A 1 41 ? -2.783  1.236   8.351   0.50 16.70 ?  62  LEU A CB  1 
ATOM   338 C CG  A LEU A 1 41 ? -1.913  0.122   8.987   0.50 19.37 ?  62  LEU A CG  1 
ATOM   339 C CG  B LEU A 1 41 ? -2.360  -0.178  8.722   0.50 18.46 ?  62  LEU A CG  1 
ATOM   340 C CD1 A LEU A 1 41 ? -2.414  -0.215  10.372  0.50 24.25 ?  62  LEU A CD1 1 
ATOM   341 C CD1 B LEU A 1 41 ? -0.848  -0.196  8.994   0.50 22.94 ?  62  LEU A CD1 1 
ATOM   342 C CD2 A LEU A 1 41 ? -1.826  -1.111  8.111   0.50 18.53 ?  62  LEU A CD2 1 
ATOM   343 C CD2 B LEU A 1 41 ? -3.200  -0.653  9.902   0.50 24.58 ?  62  LEU A CD2 1 
ATOM   344 N N   . ARG A 1 42 ? -1.224  0.915   5.087   1.00 12.70 ?  63  ARG A N   1 
ATOM   345 C CA  . ARG A 1 42 ? -1.276  0.239   3.791   1.00 12.64 ?  63  ARG A CA  1 
ATOM   346 C C   . ARG A 1 42 ? -0.564  -1.098  3.913   1.00 13.44 ?  63  ARG A C   1 
ATOM   347 O O   . ARG A 1 42 ? 0.437   -1.207  4.619   1.00 14.78 ?  63  ARG A O   1 
ATOM   348 C CB  . ARG A 1 42 ? -0.572  1.115   2.736   1.00 12.76 ?  63  ARG A CB  1 
ATOM   349 C CG  . ARG A 1 42 ? -0.937  2.582   2.809   1.00 12.63 ?  63  ARG A CG  1 
ATOM   350 C CD  . ARG A 1 42 ? -0.457  3.418   1.661   1.00 11.85 ?  63  ARG A CD  1 
ATOM   351 N NE  . ARG A 1 42 ? -0.790  4.814   1.898   1.00 11.45 ?  63  ARG A NE  1 
ATOM   352 C CZ  . ARG A 1 42 ? -0.653  5.794   1.012   1.00 11.71 ?  63  ARG A CZ  1 
ATOM   353 N NH1 . ARG A 1 42 ? -0.248  5.574   -0.219  1.00 12.84 ?  63  ARG A NH1 1 
ATOM   354 N NH2 . ARG A 1 42 ? -0.894  7.032   1.380   1.00 12.17 ?  63  ARG A NH2 1 
ATOM   355 N N   . TYR A 1 43 ? -1.086  -2.126  3.250   1.00 12.75 ?  64  TYR A N   1 
ATOM   356 C CA  . TYR A 1 43 ? -0.500  -3.450  3.337   1.00 12.78 ?  64  TYR A CA  1 
ATOM   357 C C   . TYR A 1 43 ? -0.962  -4.250  2.116   1.00 12.19 ?  64  TYR A C   1 
ATOM   358 O O   . TYR A 1 43 ? -2.014  -3.997  1.560   1.00 13.51 ?  64  TYR A O   1 
ATOM   359 C CB  . TYR A 1 43 ? -0.909  -4.166  4.636   1.00 14.94 ?  64  TYR A CB  1 
ATOM   360 C CG  . TYR A 1 43 ? -2.376  -4.358  4.800   1.00 17.34 ?  64  TYR A CG  1 
ATOM   361 C CD1 . TYR A 1 43 ? -3.166  -3.337  5.268   1.00 19.29 ?  64  TYR A CD1 1 
ATOM   362 C CD2 . TYR A 1 43 ? -2.986  -5.562  4.457   1.00 18.81 ?  64  TYR A CD2 1 
ATOM   363 C CE1 . TYR A 1 43 ? -4.542  -3.505  5.402   1.00 22.71 ?  64  TYR A CE1 1 
ATOM   364 C CE2 . TYR A 1 43 ? -4.349  -5.727  4.571   1.00 23.39 ?  64  TYR A CE2 1 
ATOM   365 C CZ  . TYR A 1 43 ? -5.127  -4.696  5.006   1.00 23.60 ?  64  TYR A CZ  1 
ATOM   366 O OH  . TYR A 1 43 ? -6.499  -4.914  5.105   1.00 32.09 ?  64  TYR A OH  1 
ATOM   367 N N   . CYS A 1 44 ? -0.169  -5.241  1.718   1.00 12.96 ?  65  CYS A N   1 
ATOM   368 C CA  . CYS A 1 44 ? -0.566  -6.074  0.576   1.00 13.36 ?  65  CYS A CA  1 
ATOM   369 C C   . CYS A 1 44 ? -1.631  -7.052  0.992   1.00 14.78 ?  65  CYS A C   1 
ATOM   370 O O   . CYS A 1 44 ? -1.529  -7.707  2.043   1.00 16.29 ?  65  CYS A O   1 
ATOM   371 C CB  . CYS A 1 44 ? 0.622   -6.839  0.047   1.00 14.03 ?  65  CYS A CB  1 
ATOM   372 S SG  . CYS A 1 44 ? 2.043   -5.842  -0.386  1.00 14.30 ?  65  CYS A SG  1 
ATOM   373 N N   . CYS A 1 45 ? -2.629  -7.203  0.137   1.00 13.91 ?  66  CYS A N   1 
ATOM   374 C CA  . CYS A 1 45 ? -3.675  -8.197  0.373   1.00 15.51 ?  66  CYS A CA  1 
ATOM   375 C C   . CYS A 1 45 ? -4.305  -8.694  -0.915  1.00 15.46 ?  66  CYS A C   1 
ATOM   376 O O   . CYS A 1 45 ? -3.981  -8.194  -2.003  1.00 15.26 ?  66  CYS A O   1 
ATOM   377 C CB  . CYS A 1 45 ? -4.713  -7.671  1.365   1.00 16.77 ?  66  CYS A CB  1 
ATOM   378 S SG  . CYS A 1 45 ? -6.206  -6.855  0.757   1.00 18.49 ?  66  CYS A SG  1 
ATOM   379 N N   . ALA A 1 46 ? -5.188  -9.703  -0.795  1.00 18.20 ?  67  ALA A N   1 
ATOM   380 C CA  . ALA A 1 46 ? -5.749  -10.362 -1.967  1.00 18.21 ?  67  ALA A CA  1 
ATOM   381 C C   . ALA A 1 46 ? -7.188  -9.944  -2.326  1.00 19.27 ?  67  ALA A C   1 
ATOM   382 O O   . ALA A 1 46 ? -7.722  -10.321 -3.368  1.00 23.54 ?  67  ALA A O   1 
ATOM   383 C CB  . ALA A 1 46 ? -5.701  -11.852 -1.718  1.00 21.28 ?  67  ALA A CB  1 
ATOM   384 N N   . ALA A 1 47 ? -7.814  -9.176  -1.457  1.00 19.18 ?  68  ALA A N   1 
ATOM   385 C CA  . ALA A 1 47 ? -9.214  -8.827  -1.528  1.00 20.68 ?  68  ALA A CA  1 
ATOM   386 C C   . ALA A 1 47 ? -9.466  -7.480  -2.183  1.00 20.38 ?  68  ALA A C   1 
ATOM   387 O O   . ALA A 1 47 ? -9.099  -6.439  -1.656  1.00 21.54 ?  68  ALA A O   1 
ATOM   388 C CB  . ALA A 1 47 ? -9.802  -8.824  -0.108  1.00 26.23 ?  68  ALA A CB  1 
ATOM   389 N N   . ALA A 1 48 ? -10.181 -7.509  -3.296  1.00 20.82 ?  69  ALA A N   1 
ATOM   390 C CA  . ALA A 1 48 ? -10.526 -6.311  -4.015  1.00 21.92 ?  69  ALA A CA  1 
ATOM   391 C C   . ALA A 1 48 ? -11.318 -5.317  -3.155  1.00 22.82 ?  69  ALA A C   1 
ATOM   392 O O   . ALA A 1 48 ? -11.135 -4.096  -3.295  1.00 22.70 ?  69  ALA A O   1 
ATOM   393 C CB  . ALA A 1 48 ? -11.304 -6.656  -5.270  1.00 25.96 ?  69  ALA A CB  1 
ATOM   394 N N   . ASP A 1 49 ? -12.172 -5.808  -2.259  1.00 24.17 ?  70  ASP A N   1 
ATOM   395 C CA  . ASP A 1 49 ? -12.948 -4.888  -1.432  1.00 24.03 ?  70  ASP A CA  1 
ATOM   396 C C   . ASP A 1 49 ? -12.149 -4.126  -0.402  1.00 24.48 ?  70  ASP A C   1 
ATOM   397 O O   . ASP A 1 49 ? -12.662 -3.161  0.173   1.00 26.47 ?  70  ASP A O   1 
ATOM   398 C CB  . ASP A 1 49 ? -14.162 -5.551  -0.741  1.00 28.62 ?  70  ASP A CB  1 
ATOM   399 C CG  . ASP A 1 49 ? -13.820 -6.675  0.216   1.00 37.16 ?  70  ASP A CG  1 
ATOM   400 O OD1 . ASP A 1 49 ? -12.662 -6.926  0.576   1.00 45.03 ?  70  ASP A OD1 1 
ATOM   401 O OD2 . ASP A 1 49 ? -14.803 -7.382  0.605   1.00 51.71 ?  70  ASP A OD2 1 
ATOM   402 N N   . ALA A 1 50 ? -10.893 -4.546  -0.190  1.00 20.14 ?  71  ALA A N   1 
ATOM   403 C CA  . ALA A 1 50 ? -10.004 -3.867  0.749   1.00 19.71 ?  71  ALA A CA  1 
ATOM   404 C C   . ALA A 1 50 ? -8.993  -2.959  0.048   1.00 17.48 ?  71  ALA A C   1 
ATOM   405 O O   . ALA A 1 50 ? -8.135  -2.390  0.695   1.00 17.28 ?  71  ALA A O   1 
ATOM   406 C CB  . ALA A 1 50 ? -9.272  -4.913  1.590   1.00 20.84 ?  71  ALA A CB  1 
ATOM   407 N N   . ARG A 1 51 ? -9.072  -2.869  -1.277  1.00 16.05 ?  72  ARG A N   1 
ATOM   408 C CA  . ARG A 1 51 ? -8.100  -2.070  -2.031  1.00 14.91 ?  72  ARG A CA  1 
ATOM   409 C C   . ARG A 1 51 ? -8.119  -0.639  -1.602  1.00 15.07 ?  72  ARG A C   1 
ATOM   410 O O   . ARG A 1 51 ? -9.181  -0.050  -1.389  1.00 17.08 ?  72  ARG A O   1 
ATOM   411 C CB  . ARG A 1 51 ? -8.364  -2.124  -3.534  1.00 16.16 ?  72  ARG A CB  1 
ATOM   412 C CG  . ARG A 1 51 ? -7.339  -1.398  -4.394  1.00 14.35 ?  72  ARG A CG  1 
ATOM   413 C CD  . ARG A 1 51 ? -7.530  -1.767  -5.867  1.00 15.76 ?  72  ARG A CD  1 
ATOM   414 N NE  . ARG A 1 51 ? -6.507  -1.157  -6.687  1.00 15.74 ?  72  ARG A NE  1 
ATOM   415 C CZ  . ARG A 1 51 ? -6.536  0.102   -7.111  1.00 17.05 ?  72  ARG A CZ  1 
ATOM   416 N NH1 . ARG A 1 51 ? -7.591  0.885   -6.871  1.00 19.75 ?  72  ARG A NH1 1 
ATOM   417 N NH2 . ARG A 1 51 ? -5.506  0.584   -7.796  1.00 20.36 ?  72  ARG A NH2 1 
ATOM   418 N N   . LEU A 1 52 ? -6.919  -0.077  -1.478  1.00 13.53 ?  73  LEU A N   1 
ATOM   419 C CA  . LEU A 1 52 ? -6.742  1.343   -1.232  1.00 13.81 ?  73  LEU A CA  1 
ATOM   420 C C   . LEU A 1 52 ? -6.538  2.090   -2.543  1.00 13.67 ?  73  LEU A C   1 
ATOM   421 O O   . LEU A 1 52 ? -5.628  1.774   -3.285  1.00 14.22 ?  73  LEU A O   1 
ATOM   422 C CB  . LEU A 1 52 ? -5.558  1.546   -0.316  1.00 13.68 ?  73  LEU A CB  1 
ATOM   423 C CG  . LEU A 1 52 ? -5.206  3.016   -0.017  1.00 13.37 ?  73  LEU A CG  1 
ATOM   424 C CD1 . LEU A 1 52 ? -6.339  3.734   0.687   1.00 16.03 ?  73  LEU A CD1 1 
ATOM   425 C CD2 . LEU A 1 52 ? -3.966  3.026   0.850   1.00 14.46 ?  73  LEU A CD2 1 
ATOM   426 N N   . GLU A 1 53 ? -7.368  3.105   -2.783  1.00 15.26 ?  74  GLU A N   1 
ATOM   427 C CA  A GLU A 1 53 ? -7.228  3.981   -3.945  0.70 14.72 ?  74  GLU A CA  1 
ATOM   428 C CA  B GLU A 1 53 ? -7.233  3.980   -3.932  0.30 15.70 ?  74  GLU A CA  1 
ATOM   429 C C   . GLU A 1 53 ? -6.246  5.072   -3.542  1.00 14.78 ?  74  GLU A C   1 
ATOM   430 O O   . GLU A 1 53 ? -6.622  6.160   -3.087  1.00 15.71 ?  74  GLU A O   1 
ATOM   431 C CB  A GLU A 1 53 ? -8.598  4.507   -4.364  0.70 19.24 ?  74  GLU A CB  1 
ATOM   432 C CB  B GLU A 1 53 ? -8.597  4.539   -4.295  0.30 18.93 ?  74  GLU A CB  1 
ATOM   433 C CG  A GLU A 1 53 ? -9.531  3.376   -4.812  0.70 23.91 ?  74  GLU A CG  1 
ATOM   434 C CG  B GLU A 1 53 ? -8.686  5.132   -5.685  0.30 22.28 ?  74  GLU A CG  1 
ATOM   435 C CD  A GLU A 1 53 ? -10.942 3.778   -5.236  0.70 34.46 ?  74  GLU A CD  1 
ATOM   436 C CD  B GLU A 1 53 ? -10.095 5.626   -5.969  0.30 28.50 ?  74  GLU A CD  1 
ATOM   437 O OE1 A GLU A 1 53 ? -11.440 4.849   -4.835  0.70 46.70 ?  74  GLU A OE1 1 
ATOM   438 O OE1 B GLU A 1 53 ? -11.022 4.781   -5.990  0.30 28.99 ?  74  GLU A OE1 1 
ATOM   439 O OE2 A GLU A 1 53 ? -11.573 2.961   -5.961  0.70 45.19 ?  74  GLU A OE2 1 
ATOM   440 O OE2 B GLU A 1 53 ? -10.283 6.852   -6.145  0.30 38.07 ?  74  GLU A OE2 1 
ATOM   441 N N   . GLN A 1 54 ? -4.966  4.761   -3.720  1.00 13.71 ?  75  GLN A N   1 
ATOM   442 C CA  . GLN A 1 54 ? -3.912  5.591   -3.173  1.00 13.13 ?  75  GLN A CA  1 
ATOM   443 C C   . GLN A 1 54 ? -3.822  6.963   -3.769  1.00 12.95 ?  75  GLN A C   1 
ATOM   444 O O   . GLN A 1 54 ? -3.289  7.877   -3.129  1.00 13.81 ?  75  GLN A O   1 
ATOM   445 C CB  . GLN A 1 54 ? -2.580  4.895   -3.314  1.00 12.88 ?  75  GLN A CB  1 
ATOM   446 C CG  . GLN A 1 54 ? -2.438  3.581   -2.530  1.00 12.34 ?  75  GLN A CG  1 
ATOM   447 C CD  . GLN A 1 54 ? -1.073  2.957   -2.771  1.00 12.62 ?  75  GLN A CD  1 
ATOM   448 O OE1 . GLN A 1 54 ? -0.084  3.371   -2.157  1.00 12.47 ?  75  GLN A OE1 1 
ATOM   449 N NE2 . GLN A 1 54 ? -1.000  2.022   -3.700  1.00 12.85 ?  75  GLN A NE2 1 
ATOM   450 N N   . GLY A 1 55 ? -4.299  7.114   -5.004  1.00 14.04 ?  76  GLY A N   1 
ATOM   451 C CA  . GLY A 1 55 ? -4.286  8.416   -5.632  1.00 13.87 ?  76  GLY A CA  1 
ATOM   452 C C   . GLY A 1 55 ? -4.999  9.513   -4.872  1.00 14.49 ?  76  GLY A C   1 
ATOM   453 O O   . GLY A 1 55 ? -4.675  10.688  -5.031  1.00 17.52 ?  76  GLY A O   1 
ATOM   454 N N   . GLY A 1 56 ? -5.980  9.112   -4.069  1.00 14.13 ?  77  GLY A N   1 
ATOM   455 C CA  . GLY A 1 56 ? -6.708  10.065  -3.270  1.00 14.71 ?  77  GLY A CA  1 
ATOM   456 C C   . GLY A 1 56 ? -6.139  10.389  -1.919  1.00 12.86 ?  77  GLY A C   1 
ATOM   457 O O   . GLY A 1 56 ? -6.633  11.277  -1.217  1.00 14.26 ?  77  GLY A O   1 
ATOM   458 N N   . CYS A 1 57 ? -5.119  9.665   -1.512  1.00 12.26 ?  78  CYS A N   1 
ATOM   459 C CA  . CYS A 1 57 ? -4.542  9.910   -0.180  1.00 13.12 ?  78  CYS A CA  1 
ATOM   460 C C   . CYS A 1 57 ? -3.772  11.229  -0.187  1.00 13.98 ?  78  CYS A C   1 
ATOM   461 O O   . CYS A 1 57 ? -3.094  11.569  -1.169  1.00 14.53 ?  78  CYS A O   1 
ATOM   462 C CB  . CYS A 1 57 ? -3.584  8.787   0.202   1.00 12.57 ?  78  CYS A CB  1 
ATOM   463 S SG  . CYS A 1 57 ? -4.439  7.191   0.433   1.00 13.51 ?  78  CYS A SG  1 
ATOM   464 N N   . THR A 1 58 ? -3.791  11.902  0.959   1.00 12.43 ?  79  THR A N   1 
ATOM   465 C CA  . THR A 1 58 ? -3.110  13.169  1.085   1.00 13.61 ?  79  THR A CA  1 
ATOM   466 C C   . THR A 1 58 ? -1.758  13.048  1.785   1.00 12.25 ?  79  THR A C   1 
ATOM   467 O O   . THR A 1 58 ? -0.934  13.989  1.721   1.00 13.58 ?  79  THR A O   1 
ATOM   468 C CB  . THR A 1 58 ? -3.975  14.214  1.855   1.00 14.13 ?  79  THR A CB  1 
ATOM   469 O OG1 . THR A 1 58 ? -4.278  13.705  3.141   1.00 15.28 ?  79  THR A OG1 1 
ATOM   470 C CG2 . THR A 1 58 ? -5.254  14.437  1.142   1.00 17.99 ?  79  THR A CG2 1 
ATOM   471 N N   . ASN A 1 59 ? -1.515  11.899  2.420   1.00 12.27 ?  80  ASN A N   1 
ATOM   472 C CA  . ASN A 1 59 ? -0.394  11.730  3.329   1.00 12.40 ?  80  ASN A CA  1 
ATOM   473 C C   . ASN A 1 59 ? 0.782   11.022  2.669   1.00 12.18 ?  80  ASN A C   1 
ATOM   474 O O   . ASN A 1 59 ? 1.493   10.266  3.317   1.00 13.15 ?  80  ASN A O   1 
ATOM   475 C CB  . ASN A 1 59 ? -0.847  10.945  4.556   1.00 12.46 ?  80  ASN A CB  1 
ATOM   476 C CG  . ASN A 1 59 ? -1.277  9.537   4.215   1.00 11.55 ?  80  ASN A CG  1 
ATOM   477 O OD1 . ASN A 1 59 ? -1.799  9.276   3.131   1.00 11.70 ?  80  ASN A OD1 1 
ATOM   478 N ND2 . ASN A 1 59 ? -1.056  8.627   5.151   1.00 11.97 ?  80  ASN A ND2 1 
ATOM   479 N N   . ASP A 1 60 ? 1.003   11.354  1.398   1.00 13.01 ?  81  ASP A N   1 
ATOM   480 C CA  . ASP A 1 60 ? 2.077   10.801  0.622   1.00 13.96 ?  81  ASP A CA  1 
ATOM   481 C C   . ASP A 1 60 ? 2.489   11.825  -0.410  1.00 13.56 ?  81  ASP A C   1 
ATOM   482 O O   . ASP A 1 60 ? 1.867   12.866  -0.525  1.00 15.15 ?  81  ASP A O   1 
ATOM   483 C CB  . ASP A 1 60 ? 1.685   9.431   0.021   1.00 13.68 ?  81  ASP A CB  1 
ATOM   484 C CG  . ASP A 1 60 ? 0.541   9.511   -0.960  1.00 14.86 ?  81  ASP A CG  1 
ATOM   485 O OD1 . ASP A 1 60 ? 0.562   10.418  -1.840  1.00 15.73 ?  81  ASP A OD1 1 
ATOM   486 O OD2 . ASP A 1 60 ? -0.344  8.604   -0.919  1.00 15.33 ?  81  ASP A OD2 1 
ATOM   487 N N   . ARG A 1 61 ? 3.549   11.541  -1.168  1.00 16.44 ?  82  ARG A N   1 
ATOM   488 C CA  . ARG A 1 61 ? 4.052   12.561  -2.066  1.00 17.43 ?  82  ARG A CA  1 
ATOM   489 C C   . ARG A 1 61 ? 3.426   12.536  -3.437  1.00 18.99 ?  82  ARG A C   1 
ATOM   490 O O   . ARG A 1 61 ? 3.824   13.296  -4.323  1.00 25.04 ?  82  ARG A O   1 
ATOM   491 C CB  . ARG A 1 61 ? 5.551   12.566  -2.110  1.00 21.40 ?  82  ARG A CB  1 
ATOM   492 C CG  . ARG A 1 61 ? 6.176   11.332  -2.639  1.00 21.73 ?  82  ARG A CG  1 
ATOM   493 C CD  . ARG A 1 61 ? 7.706   11.526  -2.733  1.00 22.68 ?  82  ARG A CD  1 
ATOM   494 N NE  . ARG A 1 61 ? 8.311   10.281  -3.140  1.00 26.10 ?  82  ARG A NE  1 
ATOM   495 C CZ  . ARG A 1 61 ? 9.501   10.180  -3.695  1.00 33.14 ?  82  ARG A CZ  1 
ATOM   496 N NH1 . ARG A 1 61 ? 10.228  11.266  -3.915  1.00 40.63 ?  82  ARG A NH1 1 
ATOM   497 N NH2 . ARG A 1 61 ? 9.963   8.992   -4.026  1.00 36.21 ?  82  ARG A NH2 1 
ATOM   498 N N   . GLY A 1 62 ? 2.456   11.653  -3.627  1.00 18.35 ?  83  GLY A N   1 
ATOM   499 C CA  . GLY A 1 62 ? 1.869   11.436  -4.915  1.00 24.29 ?  83  GLY A CA  1 
ATOM   500 C C   . GLY A 1 62 ? 0.897   12.483  -5.340  1.00 30.04 ?  83  GLY A C   1 
ATOM   501 O O   . GLY A 1 62 ? 0.188   13.066  -4.504  1.00 36.51 ?  83  GLY A O   1 
ATOM   502 N N   A GLU A 1 63 ? 0.847   12.705  -6.664  0.50 32.46 ?  84  GLU A N   1 
ATOM   503 N N   B GLU A 1 63 ? 0.804   12.673  -6.664  0.50 43.43 ?  84  GLU A N   1 
ATOM   504 C CA  A GLU A 1 63 ? -0.240  13.443  -7.311  0.50 40.59 ?  84  GLU A CA  1 
ATOM   505 C CA  B GLU A 1 63 ? -0.083  13.670  -7.277  0.50 49.08 ?  84  GLU A CA  1 
ATOM   506 C C   A GLU A 1 63 ? -1.595  12.718  -7.135  0.50 35.15 ?  84  GLU A C   1 
ATOM   507 C C   B GLU A 1 63 ? 0.223   15.096  -6.811  0.50 55.11 ?  84  GLU A C   1 
ATOM   508 O O   A GLU A 1 63 ? -1.788  11.891  -6.211  0.50 35.58 ?  84  GLU A O   1 
ATOM   509 O O   B GLU A 1 63 ? 1.318   15.618  -7.051  0.50 79.69 ?  84  GLU A O   1 
ATOM   510 C CB  A GLU A 1 63 ? 0.096   13.630  -8.808  0.50 42.20 ?  84  GLU A CB  1 
ATOM   511 C CB  B GLU A 1 63 ? -1.560  13.343  -7.016  0.50 37.38 ?  84  GLU A CB  1 
ATOM   512 C CG  A GLU A 1 63 ? -0.969  14.317  -9.655  0.50 47.70 ?  84  GLU A CG  1 
ATOM   513 C CG  B GLU A 1 63 ? -2.265  14.458  -6.273  0.50 34.13 ?  84  GLU A CG  1 
ATOM   514 C CD  A GLU A 1 63 ? -1.157  15.792  -9.320  0.50 48.22 ?  84  GLU A CD  1 
ATOM   515 C CD  B GLU A 1 63 ? -3.755  14.230  -6.122  0.50 42.21 ?  84  GLU A CD  1 
ATOM   516 O OE1 A GLU A 1 63 ? -0.922  16.169  -8.152  0.50 47.93 ?  84  GLU A OE1 1 
ATOM   517 O OE1 B GLU A 1 63 ? -4.317  13.345  -6.815  0.50 52.42 ?  84  GLU A OE1 1 
ATOM   518 O OE2 A GLU A 1 63 ? -1.562  16.568  -10.220 0.50 53.42 ?  84  GLU A OE2 1 
ATOM   519 O OE2 B GLU A 1 63 ? -4.369  14.955  -5.306  0.50 48.96 ?  84  GLU A OE2 1 
HETATM 520 S S   A SO4 B 2 .  ? 7.224   6.461   -3.040  0.50 19.77 ?  201 SO4 A S   1 
HETATM 521 O O1  A SO4 B 2 .  ? 6.895   5.300   -2.251  0.50 16.17 ?  201 SO4 A O1  1 
HETATM 522 O O2  A SO4 B 2 .  ? 8.656   6.345   -3.400  0.50 23.29 ?  201 SO4 A O2  1 
HETATM 523 O O3  A SO4 B 2 .  ? 7.035   7.756   -2.306  0.50 23.86 ?  201 SO4 A O3  1 
HETATM 524 O O4  A SO4 B 2 .  ? 6.420   6.533   -4.300  0.50 26.35 ?  201 SO4 A O4  1 
HETATM 525 S S   A SO4 C 2 .  ? -6.353  4.546   -7.728  0.60 27.66 ?  202 SO4 A S   1 
HETATM 526 O O1  A SO4 C 2 .  ? -6.127  5.566   -6.664  0.60 21.29 ?  202 SO4 A O1  1 
HETATM 527 O O2  A SO4 C 2 .  ? -5.264  3.564   -7.976  0.60 29.39 ?  202 SO4 A O2  1 
HETATM 528 O O3  A SO4 C 2 .  ? -7.586  3.770   -7.439  0.60 29.39 ?  202 SO4 A O3  1 
HETATM 529 O O4  A SO4 C 2 .  ? -6.585  5.254   -8.992  0.60 37.38 ?  202 SO4 A O4  1 
HETATM 530 C C1  . GOL D 3 .  ? 3.215   -1.732  -9.802  0.80 39.64 ?  203 GOL A C1  1 
HETATM 531 O O1  . GOL D 3 .  ? 2.327   -2.476  -10.641 0.80 39.59 ?  203 GOL A O1  1 
HETATM 532 C C2  . GOL D 3 .  ? 4.640   -2.228  -10.047 0.80 48.39 ?  203 GOL A C2  1 
HETATM 533 O O2  . GOL D 3 .  ? 5.479   -1.464  -9.183  0.80 41.98 ?  203 GOL A O2  1 
HETATM 534 C C3  . GOL D 3 .  ? 5.060   -2.036  -11.510 0.80 48.70 ?  203 GOL A C3  1 
HETATM 535 O O3  . GOL D 3 .  ? 5.937   -3.082  -11.971 0.80 58.45 ?  203 GOL A O3  1 
HETATM 536 C C1  . GOL E 3 .  ? 6.636   12.269  3.246   0.50 19.76 ?  204 GOL A C1  1 
HETATM 537 O O1  . GOL E 3 .  ? 7.793   13.098  3.050   0.50 28.34 ?  204 GOL A O1  1 
HETATM 538 C C2  . GOL E 3 .  ? 6.379   11.797  1.812   0.50 27.29 ?  204 GOL A C2  1 
HETATM 539 O O2  . GOL E 3 .  ? 7.630   11.716  1.091   0.50 27.09 ?  204 GOL A O2  1 
HETATM 540 C C3  . GOL E 3 .  ? 5.697   10.451  1.839   0.50 29.38 ?  204 GOL A C3  1 
HETATM 541 O O3  . GOL E 3 .  ? 5.299   10.122  0.507   0.50 27.28 ?  204 GOL A O3  1 
HETATM 542 C C1  . GOL F 3 .  ? 0.518   2.217   -7.140  0.80 37.66 ?  205 GOL A C1  1 
HETATM 543 O O1  . GOL F 3 .  ? 0.987   3.143   -8.104  0.80 41.08 ?  205 GOL A O1  1 
HETATM 544 C C2  . GOL F 3 .  ? -0.309  1.262   -7.946  0.80 38.79 ?  205 GOL A C2  1 
HETATM 545 O O2  . GOL F 3 .  ? 0.442   0.121   -7.931  0.80 20.94 ?  205 GOL A O2  1 
HETATM 546 C C3  . GOL F 3 .  ? -1.675  0.949   -7.396  0.80 38.59 ?  205 GOL A C3  1 
HETATM 547 O O3  . GOL F 3 .  ? -2.489  0.359   -8.427  0.80 29.16 ?  205 GOL A O3  1 
HETATM 548 C C1  . EDO G 4 .  ? 5.872   -8.624  4.930   0.70 34.89 ?  206 EDO A C1  1 
HETATM 549 O O1  . EDO G 4 .  ? 4.530   -8.430  4.507   0.70 30.13 ?  206 EDO A O1  1 
HETATM 550 C C2  . EDO G 4 .  ? 6.317   -9.978  4.422   0.70 30.93 ?  206 EDO A C2  1 
HETATM 551 O O2  . EDO G 4 .  ? 7.544   -9.866  3.697   0.70 25.37 ?  206 EDO A O2  1 
HETATM 552 C C1  . EDO H 4 .  ? -5.753  6.522   12.152  0.80 51.93 ?  207 EDO A C1  1 
HETATM 553 O O1  . EDO H 4 .  ? -4.724  5.574   11.794  0.80 47.77 ?  207 EDO A O1  1 
HETATM 554 C C2  . EDO H 4 .  ? -6.202  7.291   10.911  0.80 47.26 ?  207 EDO A C2  1 
HETATM 555 O O2  . EDO H 4 .  ? -6.698  6.392   9.887   0.80 38.54 ?  207 EDO A O2  1 
HETATM 556 C C1  B EDO I 4 .  ? 5.559   -7.795  -9.648  0.50 29.69 ?  208 EDO A C1  1 
HETATM 557 O O1  B EDO I 4 .  ? 6.936   -7.773  -9.293  0.50 42.30 ?  208 EDO A O1  1 
HETATM 558 C C2  B EDO I 4 .  ? 4.876   -8.998  -9.014  0.50 30.22 ?  208 EDO A C2  1 
HETATM 559 O O2  B EDO I 4 .  ? 4.086   -8.507  -7.932  0.50 21.85 ?  208 EDO A O2  1 
HETATM 560 O O1  B MES J 5 .  ? 11.487  3.546   -1.653  0.30 32.66 ?  209 MES A O1  1 
HETATM 561 C C2  B MES J 5 .  ? 11.245  3.660   -0.251  0.30 28.03 ?  209 MES A C2  1 
HETATM 562 C C3  B MES J 5 .  ? 10.277  4.793   0.072   0.30 26.14 ?  209 MES A C3  1 
HETATM 563 N N4  B MES J 5 .  ? 8.967   4.643   -0.591  0.30 20.16 ?  209 MES A N4  1 
HETATM 564 C C5  B MES J 5 .  ? 9.051   3.654   -1.674  0.30 20.39 ?  209 MES A C5  1 
HETATM 565 C C6  B MES J 5 .  ? 10.346  3.879   -2.454  0.30 26.08 ?  209 MES A C6  1 
HETATM 566 C C7  B MES J 5 .  ? 8.363   5.816   -1.184  0.30 18.39 ?  209 MES A C7  1 
HETATM 567 C C8  B MES J 5 .  ? 7.620   5.211   -2.367  0.30 17.91 ?  209 MES A C8  1 
HETATM 568 S S   B MES J 5 .  ? 7.241   6.549   -3.225  0.30 20.38 ?  209 MES A S   1 
HETATM 569 O O1S B MES J 5 .  ? 7.002   7.756   -2.383  0.30 20.10 ?  209 MES A O1S 1 
HETATM 570 O O2S B MES J 5 .  ? 8.489   6.759   -4.003  0.30 20.23 ?  209 MES A O2S 1 
HETATM 571 O O3S B MES J 5 .  ? 6.116   6.365   -4.168  0.30 26.77 ?  209 MES A O3S 1 
HETATM 572 C C1  . PEG K 6 .  ? -10.165 -2.269  4.571   0.60 47.98 ?  210 PEG A C1  1 
HETATM 573 O O1  . PEG K 6 .  ? -9.818  -1.329  3.552   0.60 45.93 ?  210 PEG A O1  1 
HETATM 574 C C2  . PEG K 6 .  ? -11.607 -2.698  4.343   0.60 49.46 ?  210 PEG A C2  1 
HETATM 575 O O2  . PEG K 6 .  ? -11.758 -4.077  4.687   0.60 54.70 ?  210 PEG A O2  1 
HETATM 576 C C3  . PEG K 6 .  ? -12.734 -4.796  3.924   0.60 48.26 ?  210 PEG A C3  1 
HETATM 577 C C4  . PEG K 6 .  ? -14.150 -4.299  4.197   0.60 48.32 ?  210 PEG A C4  1 
HETATM 578 O O4  . PEG K 6 .  ? -14.563 -3.256  3.304   0.60 51.39 ?  210 PEG A O4  1 
HETATM 579 O O   . HOH L 7 .  ? -12.033 -7.704  2.772   1.00 53.24 ?  301 HOH A O   1 
HETATM 580 O O   . HOH L 7 .  ? 9.835   -1.393  2.033   1.00 36.76 ?  302 HOH A O   1 
HETATM 581 O O   . HOH L 7 .  ? 10.596  -0.073  -3.048  1.00 46.97 ?  303 HOH A O   1 
HETATM 582 O O   . HOH L 7 .  ? 1.040   4.308   15.289  0.50 34.39 ?  304 HOH A O   1 
HETATM 583 O O   . HOH L 7 .  ? 4.649   8.460   -1.355  1.00 19.34 ?  305 HOH A O   1 
HETATM 584 O O   . HOH L 7 .  ? 8.997   -11.976 -3.457  1.00 31.13 ?  306 HOH A O   1 
HETATM 585 O O   . HOH L 7 .  ? 3.160   4.604   14.024  1.00 28.51 ?  307 HOH A O   1 
HETATM 586 O O   A HOH L 7 .  ? 0.614   14.533  -2.368  0.50 25.26 ?  308 HOH A O   1 
HETATM 587 O O   B HOH L 7 .  ? -0.592  13.408  -1.823  0.50 24.18 ?  308 HOH A O   1 
HETATM 588 O O   . HOH L 7 .  ? 5.697   -13.957 -18.074 1.00 55.83 ?  309 HOH A O   1 
HETATM 589 O O   . HOH L 7 .  ? -3.738  3.006   -5.905  1.00 18.37 ?  310 HOH A O   1 
HETATM 590 O O   . HOH L 7 .  ? -4.446  2.972   11.453  1.00 47.53 ?  311 HOH A O   1 
HETATM 591 O O   . HOH L 7 .  ? 9.018   -5.432  0.888   1.00 27.60 ?  312 HOH A O   1 
HETATM 592 O O   . HOH L 7 .  ? -6.195  3.559   9.476   1.00 42.80 ?  313 HOH A O   1 
HETATM 593 O O   . HOH L 7 .  ? 2.158   -12.895 -7.125  1.00 30.74 ?  314 HOH A O   1 
HETATM 594 O O   . HOH L 7 .  ? -9.648  0.654   1.400   1.00 45.29 ?  315 HOH A O   1 
HETATM 595 O O   . HOH L 7 .  ? 2.217   -1.855  6.493   1.00 33.31 ?  316 HOH A O   1 
HETATM 596 O O   . HOH L 7 .  ? 8.313   -6.070  -1.755  1.00 23.87 ?  317 HOH A O   1 
HETATM 597 O O   . HOH L 7 .  ? 6.754   -10.819 -4.498  1.00 40.50 ?  318 HOH A O   1 
HETATM 598 O O   . HOH L 7 .  ? -7.244  -12.358 -5.038  1.00 58.42 ?  319 HOH A O   1 
HETATM 599 O O   B HOH L 7 .  ? -4.835  -15.909 0.456   0.30 25.90 ?  320 HOH A O   1 
HETATM 600 O O   . HOH L 7 .  ? -11.391 -2.598  -5.511  0.50 26.21 ?  321 HOH A O   1 
HETATM 601 O O   . HOH L 7 .  ? -5.162  -12.091 -5.658  0.50 28.85 ?  322 HOH A O   1 
HETATM 602 O O   . HOH L 7 .  ? 8.759   -2.538  -7.658  1.00 45.30 ?  323 HOH A O   1 
HETATM 603 O O   . HOH L 7 .  ? -11.211 0.344   -3.145  1.00 48.43 ?  324 HOH A O   1 
HETATM 604 O O   . HOH L 7 .  ? 6.704   0.049   5.265   1.00 24.42 ?  325 HOH A O   1 
HETATM 605 O O   . HOH L 7 .  ? 0.483   -7.953  3.873   1.00 27.11 ?  326 HOH A O   1 
HETATM 606 O O   . HOH L 7 .  ? -7.297  -15.024 -3.233  1.00 51.27 ?  327 HOH A O   1 
HETATM 607 O O   A HOH L 7 .  ? 4.322   -8.536  -8.639  0.50 29.31 ?  328 HOH A O   1 
HETATM 608 O O   . HOH L 7 .  ? 2.213   -6.110  3.160   1.00 25.46 ?  329 HOH A O   1 
HETATM 609 O O   . HOH L 7 .  ? -3.608  0.537   -4.669  1.00 14.35 ?  330 HOH A O   1 
HETATM 610 O O   . HOH L 7 .  ? -0.945  12.140  16.333  1.00 41.99 ?  331 HOH A O   1 
HETATM 611 O O   . HOH L 7 .  ? -1.742  10.316  -3.339  1.00 19.01 ?  332 HOH A O   1 
HETATM 612 O O   . HOH L 7 .  ? 0.217   7.273   -3.266  1.00 21.11 ?  333 HOH A O   1 
HETATM 613 O O   . HOH L 7 .  ? 9.988   13.941  -3.292  1.00 47.72 ?  334 HOH A O   1 
HETATM 614 O O   . HOH L 7 .  ? -2.734  -9.778  3.445   0.50 35.27 ?  335 HOH A O   1 
HETATM 615 O O   . HOH L 7 .  ? -3.344  -14.298 2.265   0.50 32.35 ?  336 HOH A O   1 
HETATM 616 O O   . HOH L 7 .  ? -6.455  -7.987  -13.071 1.00 25.08 ?  337 HOH A O   1 
HETATM 617 O O   . HOH L 7 .  ? 2.202   -10.496 -8.456  1.00 31.38 ?  338 HOH A O   1 
HETATM 618 O O   A HOH L 7 .  ? 9.190   4.658   0.050   0.70 36.19 ?  339 HOH A O   1 
HETATM 619 O O   . HOH L 7 .  ? -1.949  5.908   11.937  1.00 23.58 ?  340 HOH A O   1 
HETATM 620 O O   . HOH L 7 .  ? 4.516   -0.378  7.150   1.00 29.09 ?  341 HOH A O   1 
HETATM 621 O O   . HOH L 7 .  ? 4.865   -9.416  -14.073 1.00 36.99 ?  342 HOH A O   1 
HETATM 622 O O   B HOH L 7 .  ? -5.731  6.041   -7.172  0.40 29.64 ?  343 HOH A O   1 
HETATM 623 O O   . HOH L 7 .  ? -1.333  3.545   11.029  1.00 36.58 ?  344 HOH A O   1 
HETATM 624 O O   . HOH L 7 .  ? -6.263  6.189   7.104   1.00 20.81 ?  345 HOH A O   1 
HETATM 625 O O   . HOH L 7 .  ? 6.160   10.186  15.724  1.00 21.50 ?  346 HOH A O   1 
HETATM 626 O O   A HOH L 7 .  ? 11.002  1.369   -0.301  0.50 34.07 ?  347 HOH A O   1 
HETATM 627 O O   . HOH L 7 .  ? 9.241   6.416   10.787  1.00 46.00 ?  348 HOH A O   1 
HETATM 628 O O   . HOH L 7 .  ? -0.430  -4.111  -12.474 1.00 18.01 ?  349 HOH A O   1 
HETATM 629 O O   . HOH L 7 .  ? -1.877  -18.722 -4.157  0.50 47.71 ?  350 HOH A O   1 
HETATM 630 O O   . HOH L 7 .  ? 9.741   -8.002  0.822   1.00 33.67 ?  351 HOH A O   1 
HETATM 631 O O   . HOH L 7 .  ? -5.229  11.023  3.268   1.00 15.35 ?  352 HOH A O   1 
HETATM 632 O O   . HOH L 7 .  ? 5.564   -13.515 -1.720  1.00 20.58 ?  353 HOH A O   1 
HETATM 633 O O   . HOH L 7 .  ? 7.759   -5.848  5.305   1.00 70.85 ?  354 HOH A O   1 
HETATM 634 O O   . HOH L 7 .  ? 2.206   16.101  -4.385  0.50 39.47 ?  355 HOH A O   1 
HETATM 635 O O   . HOH L 7 .  ? 5.292   -3.874  5.308   1.00 45.52 ?  356 HOH A O   1 
HETATM 636 O O   . HOH L 7 .  ? -2.321  13.484  13.525  0.50 30.01 ?  357 HOH A O   1 
HETATM 637 O O   A HOH L 7 .  ? -7.889  7.839   -6.680  0.84 38.70 ?  358 HOH A O   1 
HETATM 638 O O   . HOH L 7 .  ? -2.974  9.465   17.224  1.00 51.79 ?  359 HOH A O   1 
HETATM 639 O O   . HOH L 7 .  ? 9.026   14.054  0.099   1.00 32.03 ?  360 HOH A O   1 
HETATM 640 O O   A HOH L 7 .  ? 10.362  4.093   8.341   0.50 33.48 ?  361 HOH A O   1 
HETATM 641 O O   A HOH L 7 .  ? 6.897   -5.499  -10.681 1.00 53.64 ?  362 HOH A O   1 
HETATM 642 O O   . HOH L 7 .  ? -8.151  5.777   3.930   1.00 22.35 ?  363 HOH A O   1 
HETATM 643 O O   . HOH L 7 .  ? -13.073 -8.588  -2.134  1.00 35.69 ?  364 HOH A O   1 
HETATM 644 O O   A HOH L 7 .  ? 9.671   2.113   6.849   0.50 24.14 ?  365 HOH A O   1 
HETATM 645 O O   B HOH L 7 .  ? 8.427   1.032   7.234   0.50 31.66 ?  365 HOH A O   1 
HETATM 646 O O   A HOH L 7 .  ? 9.456   -3.598  -2.191  0.50 19.57 ?  366 HOH A O   1 
HETATM 647 O O   B HOH L 7 .  ? 9.784   -3.025  -2.862  0.50 24.56 ?  366 HOH A O   1 
HETATM 648 O O   . HOH L 7 .  ? 0.173   -12.250 2.983   1.00 23.36 ?  367 HOH A O   1 
HETATM 649 O O   A HOH L 7 .  ? 7.343   3.259   10.672  0.91 54.22 ?  368 HOH A O   1 
HETATM 650 O O   . HOH L 7 .  ? 5.261   6.698   17.529  1.00 36.95 ?  369 HOH A O   1 
HETATM 651 O O   . HOH L 7 .  ? 8.711   -8.265  -2.998  1.00 50.93 ?  370 HOH A O   1 
HETATM 652 O O   . HOH L 7 .  ? -10.319 0.262   -5.756  1.00 31.16 ?  371 HOH A O   1 
HETATM 653 O O   . HOH L 7 .  ? -9.711  3.671   -0.996  1.00 26.19 ?  372 HOH A O   1 
HETATM 654 O O   . HOH L 7 .  ? -0.527  -1.761  -11.327 0.50 31.02 ?  373 HOH A O   1 
HETATM 655 O O   . HOH L 7 .  ? -4.524  -11.265 1.716   1.00 41.39 ?  374 HOH A O   1 
HETATM 656 O O   . HOH L 7 .  ? -1.516  4.446   -6.908  1.00 43.36 ?  375 HOH A O   1 
HETATM 657 O O   . HOH L 7 .  ? -5.849  -0.367  7.323   1.00 37.47 ?  376 HOH A O   1 
HETATM 658 O O   . HOH L 7 .  ? 12.869  10.862  -5.541  0.50 38.30 ?  377 HOH A O   1 
HETATM 659 O O   . HOH L 7 .  ? -6.704  -10.735 1.768   1.00 40.60 ?  378 HOH A O   1 
HETATM 660 O O   . HOH L 7 .  ? 2.751   8.471   -3.603  1.00 23.12 ?  379 HOH A O   1 
HETATM 661 O O   . HOH L 7 .  ? 2.932   -11.504 -11.159 1.00 51.03 ?  380 HOH A O   1 
HETATM 662 O O   B HOH L 7 .  ? -1.049  10.092  -6.134  0.50 29.21 ?  381 HOH A O   1 
HETATM 663 O O   . HOH L 7 .  ? 7.575   -2.726  4.648   1.00 46.21 ?  382 HOH A O   1 
HETATM 664 O O   . HOH L 7 .  ? 4.230   8.749   -5.779  1.00 53.49 ?  383 HOH A O   1 
HETATM 665 O O   . HOH L 7 .  ? 1.198   2.075   11.859  0.40 36.22 ?  384 HOH A O   1 
HETATM 666 O O   . HOH L 7 .  ? -2.929  -17.730 -0.119  1.00 33.83 ?  385 HOH A O   1 
HETATM 667 O O   . HOH L 7 .  ? -6.771  9.979   -7.819  0.75 55.68 ?  386 HOH A O   1 
HETATM 668 O O   . HOH L 7 .  ? -0.810  6.995   -5.795  1.00 30.10 ?  387 HOH A O   1 
HETATM 669 O O   . HOH L 7 .  ? 5.261   -9.977  -11.703 1.00 47.39 ?  388 HOH A O   1 
HETATM 670 O O   . HOH L 7 .  ? 5.502   2.905   13.022  1.00 60.84 ?  389 HOH A O   1 
HETATM 671 O O   . HOH L 7 .  ? -7.899  -14.479 -0.309  1.00 75.70 ?  390 HOH A O   1 
HETATM 672 O O   . HOH L 7 .  ? 2.747   -4.382  5.890   1.00 41.89 ?  391 HOH A O   1 
HETATM 673 O O   . HOH L 7 .  ? -8.665  -12.317 0.893   0.50 41.41 ?  392 HOH A O   1 
HETATM 674 O O   A HOH L 7 .  ? -5.724  -11.013 -8.492  0.50 31.14 ?  393 HOH A O   1 
HETATM 675 O O   B HOH L 7 .  ? -4.576  -10.616 -7.875  0.50 33.25 ?  393 HOH A O   1 
HETATM 676 O O   . HOH L 7 .  ? -9.548  4.401   2.017   1.00 45.64 ?  394 HOH A O   1 
HETATM 677 O O   A HOH L 7 .  ? -10.170 7.316   -8.563  1.00 69.67 ?  395 HOH A O   1 
HETATM 678 O O   . HOH L 7 .  ? 10.893  8.122   10.216  1.00 45.23 ?  396 HOH A O   1 
HETATM 679 O O   . HOH L 7 .  ? 10.600  -3.510  0.483   1.00 47.38 ?  397 HOH A O   1 
HETATM 680 O O   . HOH L 7 .  ? -3.450  -10.970 -10.426 1.00 55.30 ?  398 HOH A O   1 
HETATM 681 O O   . HOH L 7 .  ? 5.650   -6.892  -15.447 0.50 30.27 ?  399 HOH A O   1 
HETATM 682 O O   . HOH L 7 .  ? 5.245   -13.835 -4.412  1.00 36.13 ?  400 HOH A O   1 
HETATM 683 O O   . HOH L 7 .  ? -1.227  14.816  16.254  1.00 49.73 ?  401 HOH A O   1 
HETATM 684 O O   . HOH L 7 .  ? -0.631  9.332   19.351  0.50 40.73 ?  402 HOH A O   1 
HETATM 685 O O   . HOH L 7 .  ? -8.745  -8.417  3.146   1.00 54.25 ?  403 HOH A O   1 
HETATM 686 O O   . HOH L 7 .  ? 10.380  -2.666  -5.628  0.50 45.84 ?  404 HOH A O   1 
HETATM 687 O O   . HOH L 7 .  ? -9.562  6.085   6.216   1.00 36.25 ?  405 HOH A O   1 
HETATM 688 O O   . HOH L 7 .  ? -6.790  -11.029 -13.269 1.00 56.57 ?  406 HOH A O   1 
HETATM 689 O O   . HOH L 7 .  ? 1.683   8.365   19.606  0.50 37.70 ?  407 HOH A O   1 
HETATM 690 O O   . HOH L 7 .  ? -7.470  -12.812 -9.503  1.00 62.07 ?  408 HOH A O   1 
# 
loop_
_atom_site_anisotrop.id 
_atom_site_anisotrop.type_symbol 
_atom_site_anisotrop.pdbx_label_atom_id 
_atom_site_anisotrop.pdbx_label_alt_id 
_atom_site_anisotrop.pdbx_label_comp_id 
_atom_site_anisotrop.pdbx_label_asym_id 
_atom_site_anisotrop.pdbx_label_seq_id 
_atom_site_anisotrop.pdbx_PDB_ins_code 
_atom_site_anisotrop.U[1][1] 
_atom_site_anisotrop.U[2][2] 
_atom_site_anisotrop.U[3][3] 
_atom_site_anisotrop.U[1][2] 
_atom_site_anisotrop.U[1][3] 
_atom_site_anisotrop.U[2][3] 
_atom_site_anisotrop.pdbx_auth_seq_id 
_atom_site_anisotrop.pdbx_auth_comp_id 
_atom_site_anisotrop.pdbx_auth_asym_id 
_atom_site_anisotrop.pdbx_auth_atom_id 
1   N N   . PCA A 1  ? 0.4033 0.2467 0.2858 0.0573  -0.0044 -0.0431 22  PCA A N   
2   C CA  . PCA A 1  ? 0.4924 0.2299 0.2417 0.0046  0.0183  -0.0290 22  PCA A CA  
3   C CB  . PCA A 1  ? 0.4483 0.2701 0.3398 0.0282  -0.0263 0.0349  22  PCA A CB  
4   C CG  . PCA A 1  ? 0.4790 0.2650 0.2939 0.0122  0.0015  0.0285  22  PCA A CG  
5   C CD  . PCA A 1  ? 0.3693 0.2787 0.3375 0.0546  0.0316  0.0055  22  PCA A CD  
6   O OE  . PCA A 1  ? 0.5389 0.2306 0.3361 0.0992  0.0472  0.0318  22  PCA A OE  
7   C C   . PCA A 1  ? 0.2418 0.2013 0.2367 -0.0126 -0.0035 -0.0056 22  PCA A C   
8   O O   . PCA A 1  ? 0.2814 0.2047 0.2717 0.0390  -0.0067 -0.0127 22  PCA A O   
9   N N   . GLN A 2  ? 0.2815 0.2185 0.2176 -0.0049 -0.0171 -0.0184 23  GLN A N   
10  C CA  . GLN A 2  ? 0.2898 0.1745 0.1688 -0.0224 -0.0218 -0.0237 23  GLN A CA  
11  C C   . GLN A 2  ? 0.2282 0.1814 0.1727 0.0103  -0.0089 -0.0168 23  GLN A C   
12  O O   . GLN A 2  ? 0.2928 0.2037 0.1978 0.0168  -0.0186 0.0036  23  GLN A O   
13  C CB  . GLN A 2  ? 0.2619 0.2970 0.2713 0.0121  -0.0399 -0.0095 23  GLN A CB  
14  C CG  . GLN A 2  ? 0.2481 0.2740 0.2561 0.0152  -0.0665 0.0038  23  GLN A CG  
15  C CD  . GLN A 2  ? 0.2151 0.2889 0.1996 0.0438  -0.0178 -0.0113 23  GLN A CD  
16  O OE1 . GLN A 2  ? 0.2621 0.3492 0.2942 0.0318  -0.0389 -0.0738 23  GLN A OE1 
17  N NE2 . GLN A 2  ? 0.2442 0.2473 0.1480 0.0271  -0.0092 -0.0012 23  GLN A NE2 
18  N N   . PRO A 3  ? 0.2164 0.1906 0.1318 0.0042  0.0001  -0.0018 24  PRO A N   
19  C CA  . PRO A 3  ? 0.2211 0.2045 0.1566 0.0341  -0.0204 0.0003  24  PRO A CA  
20  C C   . PRO A 3  ? 0.2028 0.1719 0.1579 0.0116  -0.0061 -0.0011 24  PRO A C   
21  O O   . PRO A 3  ? 0.2080 0.1721 0.1579 0.0144  -0.0165 0.0026  24  PRO A O   
22  C CB  . PRO A 3  ? 0.2202 0.2997 0.1705 0.0209  -0.0016 -0.0221 24  PRO A CB  
23  C CG  . PRO A 3  ? 0.2563 0.2525 0.2329 -0.0170 -0.0405 0.0417  24  PRO A CG  
24  C CD  . PRO A 3  ? 0.2265 0.1892 0.1712 0.0027  0.0148  -0.0081 24  PRO A CD  
25  N N   . GLY A 4  ? 0.2330 0.1455 0.1465 0.0156  -0.0256 0.0009  25  GLY A N   
26  C CA  . GLY A 4  ? 0.2197 0.1415 0.1390 0.0055  -0.0171 0.0103  25  GLY A CA  
27  C C   . GLY A 4  ? 0.1951 0.1436 0.1538 0.0112  -0.0156 0.0171  25  GLY A C   
28  O O   . GLY A 4  ? 0.2073 0.1417 0.1625 0.0092  -0.0005 0.0029  25  GLY A O   
29  N N   . GLU A 5  ? 0.1766 0.1509 0.1576 -0.0049 0.0092  0.0058  26  GLU A N   
30  C CA  . GLU A 5  ? 0.1861 0.1420 0.1450 -0.0023 0.0024  0.0062  26  GLU A CA  
31  C C   . GLU A 5  ? 0.1790 0.1427 0.1646 0.0116  -0.0026 0.0129  26  GLU A C   
32  O O   . GLU A 5  ? 0.2037 0.1480 0.1852 0.0032  -0.0146 0.0260  26  GLU A O   
33  C CB  . GLU A 5  ? 0.1799 0.1389 0.1582 -0.0103 -0.0005 0.0140  26  GLU A CB  
34  C CG  . GLU A 5  ? 0.1811 0.1577 0.1552 -0.0074 0.0038  0.0069  26  GLU A CG  
35  C CD  . GLU A 5  ? 0.1881 0.1683 0.1546 -0.0032 0.0111  0.0090  26  GLU A CD  
36  O OE1 . GLU A 5  ? 0.1832 0.1713 0.1567 -0.0079 -0.0090 0.0059  26  GLU A OE1 
37  O OE2 . GLU A 5  ? 0.1872 0.2364 0.1611 -0.0148 -0.0115 -0.0016 26  GLU A OE2 
38  N N   . TYR A 6  ? 0.1861 0.1403 0.1417 -0.0034 -0.0031 0.0051  27  TYR A N   
39  C CA  . TYR A 6  ? 0.1670 0.1432 0.1612 -0.0084 0.0140  -0.0024 27  TYR A CA  
40  C C   . TYR A 6  ? 0.1556 0.1498 0.1582 -0.0128 0.0040  0.0025  27  TYR A C   
41  O O   . TYR A 6  ? 0.1928 0.1548 0.1705 0.0085  0.0096  0.0075  27  TYR A O   
42  C CB  . TYR A 6  ? 0.1856 0.1571 0.1873 0.0009  0.0256  -0.0088 27  TYR A CB  
43  C CG  . TYR A 6  ? 0.1885 0.1940 0.1990 -0.0033 0.0408  -0.0120 27  TYR A CG  
44  C CD1 . TYR A 6  ? 0.2000 0.2098 0.2593 -0.0418 -0.0072 0.0098  27  TYR A CD1 
45  C CD2 . TYR A 6  ? 0.1918 0.2630 0.2631 -0.0199 0.0605  -0.0481 27  TYR A CD2 
46  C CE1 . TYR A 6  ? 0.2341 0.2557 0.2765 -0.0438 -0.0021 0.0473  27  TYR A CE1 
47  C CE2 . TYR A 6  ? 0.1743 0.2930 0.2568 -0.0544 0.0247  -0.0573 27  TYR A CE2 
48  C CZ  . TYR A 6  ? 0.1823 0.3167 0.2571 -0.0766 0.0117  -0.0320 27  TYR A CZ  
49  O OH  . TYR A 6  ? 0.2273 0.4115 0.3332 -0.0951 -0.0221 0.0076  27  TYR A OH  
50  N N   . CYS A 7  ? 0.1646 0.1192 0.1521 0.0042  0.0086  -0.0111 28  CYS A N   
51  C CA  . CYS A 7  ? 0.1460 0.1294 0.1688 0.0002  -0.0026 -0.0177 28  CYS A CA  
52  C C   . CYS A 7  ? 0.1575 0.1504 0.1560 -0.0036 0.0024  -0.0203 28  CYS A C   
53  O O   . CYS A 7  ? 0.1558 0.1381 0.2021 -0.0114 0.0085  -0.0034 28  CYS A O   
54  C CB  . CYS A 7  ? 0.1427 0.1634 0.1581 -0.0230 0.0058  0.0048  28  CYS A CB  
55  S SG  . CYS A 7  ? 0.1761 0.1643 0.1688 -0.0150 0.0023  0.0054  28  CYS A SG  
56  N N   . HIS A 8  ? 0.1384 0.1494 0.1645 0.0016  0.0028  0.0034  29  HIS A N   
57  C CA  . HIS A 8  ? 0.1516 0.1392 0.1778 -0.0006 0.0010  -0.0113 29  HIS A CA  
58  C C   . HIS A 8  ? 0.1542 0.1361 0.1822 0.0037  0.0031  -0.0061 29  HIS A C   
59  O O   . HIS A 8  ? 0.1630 0.1763 0.1746 -0.0254 0.0153  -0.0030 29  HIS A O   
60  C CB  . HIS A 8  ? 0.1954 0.1348 0.1807 -0.0234 0.0083  0.0013  29  HIS A CB  
61  C CG  . HIS A 8  ? 0.2292 0.1799 0.1804 -0.0418 0.0058  0.0198  29  HIS A CG  
62  N ND1 . HIS A 8  ? 0.2511 0.2490 0.2170 -0.0651 0.0296  0.0158  29  HIS A ND1 
63  C CD2 . HIS A 8  ? 0.2760 0.2559 0.1763 -0.0644 0.0345  0.0335  29  HIS A CD2 
64  C CE1 . HIS A 8  ? 0.3284 0.3425 0.2224 -0.0783 0.0171  -0.0142 29  HIS A CE1 
65  N NE2 . HIS A 8  ? 0.3626 0.3709 0.1719 -0.1120 0.0010  -0.0073 29  HIS A NE2 
66  N N   . GLY A 9  ? 0.1480 0.1583 0.1783 -0.0089 0.0047  -0.0030 30  GLY A N   
67  C CA  . GLY A 9  ? 0.1518 0.1578 0.1766 -0.0063 -0.0148 -0.0192 30  GLY A CA  
68  C C   . GLY A 9  ? 0.1586 0.1389 0.1611 -0.0040 -0.0076 -0.0144 30  GLY A C   
69  O O   . GLY A 9  ? 0.1835 0.1706 0.1690 0.0211  -0.0025 -0.0019 30  GLY A O   
70  N N   . TRP A 10 ? 0.1545 0.1251 0.1579 0.0088  -0.0082 -0.0114 31  TRP A N   
71  C CA  . TRP A 10 ? 0.1623 0.1282 0.1620 0.0088  -0.0145 -0.0078 31  TRP A CA  
72  C C   . TRP A 10 ? 0.1355 0.1249 0.1573 0.0072  -0.0083 -0.0005 31  TRP A C   
73  O O   . TRP A 10 ? 0.1654 0.1583 0.1873 0.0215  -0.0294 -0.0063 31  TRP A O   
74  C CB  . TRP A 10 ? 0.1608 0.1464 0.1595 -0.0068 0.0067  -0.0036 31  TRP A CB  
75  C CG  . TRP A 10 ? 0.1459 0.1356 0.1502 -0.0122 -0.0108 -0.0054 31  TRP A CG  
76  C CD1 . TRP A 10 ? 0.1523 0.1696 0.1607 -0.0215 -0.0078 0.0051  31  TRP A CD1 
77  C CD2 . TRP A 10 ? 0.1410 0.1580 0.1520 -0.0186 -0.0006 -0.0108 31  TRP A CD2 
78  N NE1 . TRP A 10 ? 0.1643 0.1694 0.1461 -0.0197 -0.0049 -0.0002 31  TRP A NE1 
79  C CE2 . TRP A 10 ? 0.1695 0.1558 0.1574 -0.0144 -0.0045 -0.0044 31  TRP A CE2 
80  C CE3 . TRP A 10 ? 0.1847 0.1435 0.1654 -0.0060 -0.0005 -0.0036 31  TRP A CE3 
81  C CZ2 . TRP A 10 ? 0.1835 0.1628 0.1677 -0.0116 -0.0006 0.0040  31  TRP A CZ2 
82  C CZ3 . TRP A 10 ? 0.1919 0.1551 0.1757 -0.0099 0.0066  -0.0033 31  TRP A CZ3 
83  C CH2 . TRP A 10 ? 0.1959 0.1512 0.1781 -0.0213 -0.0021 0.0053  31  TRP A CH2 
84  N N   . VAL A 11 ? 0.1525 0.1193 0.1514 -0.0007 -0.0072 0.0062  32  VAL A N   
85  C CA  . VAL A 11 ? 0.1659 0.1422 0.1348 -0.0070 -0.0195 -0.0041 32  VAL A CA  
86  C C   . VAL A 11 ? 0.1570 0.1584 0.1526 -0.0166 -0.0218 -0.0059 32  VAL A C   
87  O O   . VAL A 11 ? 0.1714 0.1683 0.1414 -0.0129 -0.0157 -0.0077 32  VAL A O   
88  C CB  . VAL A 11 ? 0.1602 0.1396 0.1615 -0.0086 -0.0159 -0.0126 32  VAL A CB  
89  C CG1 . VAL A 11 ? 0.1704 0.1574 0.1519 -0.0211 -0.0058 -0.0117 32  VAL A CG1 
90  C CG2 . VAL A 11 ? 0.1917 0.1446 0.1734 0.0015  -0.0222 -0.0031 32  VAL A CG2 
91  N N   . ASP A 12 ? 0.1381 0.1794 0.1644 -0.0275 0.0005  0.0184  33  ASP A N   
92  C CA  . ASP A 12 ? 0.1523 0.1928 0.1753 -0.0322 -0.0068 0.0096  33  ASP A CA  
93  C C   . ASP A 12 ? 0.1769 0.2243 0.1551 -0.0211 0.0012  0.0154  33  ASP A C   
94  O O   . ASP A 12 ? 0.1695 0.2011 0.1792 -0.0065 -0.0045 -0.0028 33  ASP A O   
95  C CB  . ASP A 12 ? 0.2150 0.1874 0.1795 -0.0404 -0.0082 0.0227  33  ASP A CB  
96  C CG  . ASP A 12 ? 0.2104 0.1891 0.1710 -0.0162 0.0127  0.0211  33  ASP A CG  
97  O OD1 . ASP A 12 ? 0.2037 0.1998 0.1638 -0.0293 -0.0144 0.0180  33  ASP A OD1 
98  O OD2 . ASP A 12 ? 0.2500 0.1921 0.1978 -0.0097 -0.0114 0.0218  33  ASP A OD2 
99  N N   . ALA A 13 ? 0.1611 0.2628 0.1804 -0.0428 0.0056  0.0045  34  ALA A N   
100 C CA  . ALA A 13 ? 0.1843 0.2895 0.1982 -0.0260 0.0067  0.0188  34  ALA A CA  
101 C C   . ALA A 13 ? 0.1915 0.2498 0.2205 0.0042  0.0050  -0.0051 34  ALA A C   
102 O O   . ALA A 13 ? 0.2589 0.3128 0.2106 0.0209  0.0158  -0.0045 34  ALA A O   
103 C CB  . ALA A 13 ? 0.1738 0.3076 0.2662 -0.0257 0.0072  0.0383  34  ALA A CB  
104 N N   . GLN A 14 ? 0.1981 0.2473 0.1496 -0.0337 0.0078  0.0024  35  GLN A N   
105 C CA  . GLN A 14 ? 0.1849 0.2458 0.1567 -0.0207 0.0079  -0.0296 35  GLN A CA  
106 C C   . GLN A 14 ? 0.1860 0.2635 0.1690 -0.0286 -0.0087 -0.0070 35  GLN A C   
107 O O   . GLN A 14 ? 0.2095 0.3076 0.1498 -0.0328 -0.0016 -0.0172 35  GLN A O   
108 C CB  . GLN A 14 ? 0.2460 0.3040 0.1490 -0.0195 0.0124  0.0146  35  GLN A CB  
109 C CG  . GLN A 14 ? 0.2877 0.3412 0.1708 -0.0532 -0.0069 0.0321  35  GLN A CG  
110 C CD  . GLN A 14 ? 0.3283 0.3478 0.2577 -0.0280 0.0231  0.0388  35  GLN A CD  
111 O OE1 . GLN A 14 ? 0.3415 0.3309 0.3119 -0.0977 0.0008  0.0330  35  GLN A OE1 
112 N NE2 . GLN A 14 ? 0.3170 0.5150 0.2701 -0.0615 0.0466  0.0257  35  GLN A NE2 
113 N N   . GLY A 15 ? 0.1923 0.1988 0.1544 -0.0347 -0.0026 -0.0067 36  GLY A N   
114 C CA  . GLY A 15 ? 0.2095 0.1826 0.1552 -0.0174 -0.0075 -0.0116 36  GLY A CA  
115 C C   . GLY A 15 ? 0.1781 0.1716 0.1525 -0.0055 -0.0043 -0.0042 36  GLY A C   
116 O O   . GLY A 15 ? 0.1662 0.1921 0.1978 -0.0300 0.0133  -0.0058 36  GLY A O   
117 N N   . ASN A 16 ? 0.1729 0.1677 0.1635 -0.0141 0.0014  0.0099  37  ASN A N   
118 C CA  . ASN A 16 ? 0.1749 0.1646 0.1763 -0.0075 -0.0021 0.0004  37  ASN A CA  
119 C C   . ASN A 16 ? 0.1759 0.1508 0.1848 -0.0092 0.0039  0.0088  37  ASN A C   
120 O O   . ASN A 16 ? 0.1714 0.1704 0.1859 -0.0115 -0.0136 0.0108  37  ASN A O   
121 C CB  . ASN A 16 ? 0.1989 0.1791 0.2018 -0.0060 -0.0108 0.0122  37  ASN A CB  
122 C CG  . ASN A 16 ? 0.2577 0.2244 0.2079 -0.0151 -0.0044 0.0195  37  ASN A CG  
123 O OD1 . ASN A 16 ? 0.2689 0.2645 0.1948 -0.0061 -0.0333 0.0093  37  ASN A OD1 
124 N ND2 . ASN A 16 ? 0.3626 0.2740 0.2326 -0.0411 0.0091  0.0261  37  ASN A ND2 
125 N N   . TYR A 17 ? 0.1654 0.2044 0.1640 -0.0182 -0.0059 -0.0359 38  TYR A N   
126 C CA  . TYR A 17 ? 0.1556 0.1904 0.1695 0.0008  -0.0001 -0.0291 38  TYR A CA  
127 C C   . TYR A 17 ? 0.1923 0.1828 0.1789 0.0000  -0.0148 0.0005  38  TYR A C   
128 O O   . TYR A 17 ? 0.2198 0.2101 0.2051 0.0156  -0.0441 -0.0023 38  TYR A O   
129 C CB  . TYR A 17 ? 0.1722 0.1920 0.1951 -0.0044 0.0163  -0.0438 38  TYR A CB  
130 C CG  . TYR A 17 ? 0.1879 0.1865 0.1823 -0.0058 0.0091  -0.0203 38  TYR A CG  
131 C CD1 . TYR A 17 ? 0.2300 0.2029 0.1843 -0.0206 0.0026  -0.0203 38  TYR A CD1 
132 C CD2 . TYR A 17 ? 0.2320 0.2494 0.1687 0.0018  0.0150  -0.0267 38  TYR A CD2 
133 C CE1 . TYR A 17 ? 0.2459 0.2157 0.2093 -0.0455 -0.0216 -0.0044 38  TYR A CE1 
134 C CE2 . TYR A 17 ? 0.2757 0.2154 0.2155 0.0195  0.0351  -0.0196 38  TYR A CE2 
135 C CZ  . TYR A 17 ? 0.2781 0.1959 0.1679 -0.0312 0.0191  -0.0271 38  TYR A CZ  
136 O OH  . TYR A 17 ? 0.4774 0.2426 0.2009 -0.0638 0.0549  -0.0508 38  TYR A OH  
137 N N   . HIS A 18 ? 0.1829 0.1548 0.1786 0.0091  -0.0378 -0.0086 39  HIS A N   
138 C CA  A HIS A 18 ? 0.1665 0.1458 0.2023 0.0051  -0.0320 0.0111  39  HIS A CA  
139 C CA  B HIS A 18 ? 0.1837 0.1587 0.2055 0.0069  -0.0309 0.0025  39  HIS A CA  
140 C C   . HIS A 18 ? 0.1716 0.1399 0.2268 0.0160  -0.0153 -0.0255 39  HIS A C   
141 O O   . HIS A 18 ? 0.1703 0.1623 0.1942 0.0047  -0.0143 -0.0062 39  HIS A O   
142 C CB  A HIS A 18 ? 0.1972 0.1313 0.1830 -0.0065 -0.0146 -0.0068 39  HIS A CB  
143 C CB  B HIS A 18 ? 0.2093 0.1584 0.2049 0.0021  -0.0202 -0.0010 39  HIS A CB  
144 C CG  A HIS A 18 ? 0.2044 0.1438 0.1904 -0.0068 -0.0211 0.0075  39  HIS A CG  
145 C CG  B HIS A 18 ? 0.2544 0.1932 0.2008 0.0119  -0.0201 0.0150  39  HIS A CG  
146 N ND1 A HIS A 18 ? 0.2545 0.1693 0.2345 -0.0151 -0.0305 0.0001  39  HIS A ND1 
147 N ND1 B HIS A 18 ? 0.3021 0.2095 0.2539 0.0672  -0.0163 0.0343  39  HIS A ND1 
148 C CD2 A HIS A 18 ? 0.1771 0.1741 0.1712 -0.0182 0.0081  -0.0044 39  HIS A CD2 
149 C CD2 B HIS A 18 ? 0.2231 0.2125 0.2155 -0.0073 0.0071  0.0135  39  HIS A CD2 
150 C CE1 A HIS A 18 ? 0.2707 0.1703 0.2127 0.0176  -0.0038 0.0245  39  HIS A CE1 
151 C CE1 B HIS A 18 ? 0.2573 0.2687 0.2255 0.0464  0.0100  0.0279  39  HIS A CE1 
152 N NE2 A HIS A 18 ? 0.2568 0.2034 0.1710 0.0048  -0.0032 0.0119  39  HIS A NE2 
153 N NE2 B HIS A 18 ? 0.2639 0.2568 0.2032 0.0067  0.0143  0.0017  39  HIS A NE2 
154 N N   . GLU A 19 ? 0.1719 0.1688 0.2496 0.0303  -0.0376 -0.0381 40  GLU A N   
155 C CA  A GLU A 19 ? 0.1695 0.2028 0.2333 0.0185  -0.0209 -0.0554 40  GLU A CA  
156 C CA  B GLU A 19 ? 0.1694 0.1989 0.2248 0.0196  -0.0239 -0.0516 40  GLU A CA  
157 C CA  C GLU A 19 ? 0.1711 0.2089 0.2217 0.0150  -0.0242 -0.0536 40  GLU A CA  
158 C C   . GLU A 19 ? 0.1507 0.1850 0.2092 0.0187  -0.0064 -0.0349 40  GLU A C   
159 O O   . GLU A 19 ? 0.1963 0.1727 0.2532 -0.0030 -0.0251 -0.0112 40  GLU A O   
160 C CB  A GLU A 19 ? 0.1905 0.2968 0.3056 0.0166  -0.0264 -0.0655 40  GLU A CB  
161 C CB  B GLU A 19 ? 0.1869 0.2698 0.2700 0.0205  -0.0328 -0.0608 40  GLU A CB  
162 C CB  C GLU A 19 ? 0.1886 0.3018 0.2705 0.0062  -0.0383 -0.0564 40  GLU A CB  
163 C CG  A GLU A 19 ? 0.2459 0.3501 0.3990 0.0268  -0.0314 -0.0364 40  GLU A CG  
164 C CG  B GLU A 19 ? 0.1802 0.2882 0.3021 0.0263  -0.0487 -0.0547 40  GLU A CG  
165 C CG  C GLU A 19 ? 0.2308 0.3477 0.2795 0.0041  -0.0450 -0.0440 40  GLU A CG  
166 C CD  A GLU A 19 ? 0.2695 0.3799 0.5115 0.0644  -0.0515 -0.0543 40  GLU A CD  
167 C CD  B GLU A 19 ? 0.2760 0.3415 0.3408 0.0629  -0.0832 -0.0325 40  GLU A CD  
168 C CD  C GLU A 19 ? 0.1874 0.4528 0.3555 -0.0208 -0.0391 -0.0392 40  GLU A CD  
169 O OE1 A GLU A 19 ? 0.2862 0.3701 0.5669 0.0411  -0.1402 -0.0598 40  GLU A OE1 
170 O OE1 B GLU A 19 ? 0.2288 0.3768 0.4066 0.1116  -0.0114 -0.0786 40  GLU A OE1 
171 O OE1 C GLU A 19 ? 0.2039 0.4437 0.5162 -0.0044 -0.0753 0.0012  40  GLU A OE1 
172 O OE2 A GLU A 19 ? 0.3190 0.3502 0.5320 0.0390  -0.1080 -0.0469 40  GLU A OE2 
173 O OE2 B GLU A 19 ? 0.3488 0.5562 0.3900 0.1011  -0.1526 0.0133  40  GLU A OE2 
174 O OE2 C GLU A 19 ? 0.2525 0.6519 0.4673 -0.0246 0.0714  0.0125  40  GLU A OE2 
175 N N   . GLY A 20 ? 0.1635 0.1696 0.2148 0.0075  -0.0074 -0.0309 41  GLY A N   
176 C CA  . GLY A 20 ? 0.1475 0.1567 0.2219 0.0096  -0.0140 -0.0503 41  GLY A CA  
177 C C   . GLY A 20 ? 0.1575 0.1833 0.1916 0.0055  0.0004  -0.0160 41  GLY A C   
178 O O   . GLY A 20 ? 0.1667 0.1825 0.2686 -0.0018 -0.0174 -0.0424 41  GLY A O   
179 N N   . PHE A 21 ? 0.1587 0.1344 0.1899 0.0024  -0.0055 -0.0128 42  PHE A N   
180 C CA  . PHE A 21 ? 0.1682 0.1492 0.1986 -0.0016 0.0088  -0.0212 42  PHE A CA  
181 C C   . PHE A 21 ? 0.1835 0.1321 0.1879 0.0089  -0.0007 -0.0160 42  PHE A C   
182 O O   . PHE A 21 ? 0.1778 0.1421 0.1899 0.0119  0.0006  -0.0020 42  PHE A O   
183 C CB  . PHE A 21 ? 0.1977 0.1502 0.2165 0.0149  -0.0149 -0.0147 42  PHE A CB  
184 C CG  . PHE A 21 ? 0.1877 0.1503 0.2030 0.0001  0.0048  -0.0088 42  PHE A CG  
185 C CD1 . PHE A 21 ? 0.2069 0.1305 0.1907 0.0000  0.0002  -0.0017 42  PHE A CD1 
186 C CD2 . PHE A 21 ? 0.1903 0.1527 0.1981 -0.0067 -0.0113 0.0071  42  PHE A CD2 
187 C CE1 . PHE A 21 ? 0.2025 0.1408 0.1857 -0.0231 -0.0128 -0.0029 42  PHE A CE1 
188 C CE2 . PHE A 21 ? 0.2009 0.1723 0.2034 -0.0206 -0.0018 -0.0205 42  PHE A CE2 
189 C CZ  . PHE A 21 ? 0.2283 0.1510 0.1706 -0.0061 -0.0112 0.0134  42  PHE A CZ  
190 N N   . GLN A 22 ? 0.1615 0.1548 0.2152 -0.0039 0.0186  -0.0162 43  GLN A N   
191 C CA  . GLN A 22 ? 0.1757 0.1653 0.2098 0.0123  0.0201  -0.0048 43  GLN A CA  
192 C C   . GLN A 22 ? 0.1861 0.1511 0.1984 0.0015  -0.0019 -0.0031 43  GLN A C   
193 O O   . GLN A 22 ? 0.2108 0.1489 0.2356 -0.0035 -0.0299 0.0138  43  GLN A O   
194 C CB  . GLN A 22 ? 0.2107 0.1838 0.2323 -0.0110 0.0314  -0.0162 43  GLN A CB  
195 C CG  . GLN A 22 ? 0.2148 0.2189 0.2376 0.0044  0.0288  -0.0289 43  GLN A CG  
196 C CD  . GLN A 22 ? 0.2315 0.2431 0.2314 0.0037  0.0120  -0.0170 43  GLN A CD  
197 O OE1 . GLN A 22 ? 0.3001 0.2600 0.2497 -0.0448 0.0189  0.0168  43  GLN A OE1 
198 N NE2 . GLN A 22 ? 0.2760 0.2177 0.1980 -0.0025 0.0132  0.0365  43  GLN A NE2 
199 N N   . CYS A 23 ? 0.1869 0.1208 0.1689 -0.0001 -0.0043 0.0224  44  CYS A N   
200 C CA  . CYS A 23 ? 0.1982 0.1421 0.1609 0.0052  -0.0153 0.0108  44  CYS A CA  
201 C C   . CYS A 23 ? 0.2152 0.1538 0.1570 0.0076  -0.0015 0.0012  44  CYS A C   
202 O O   . CYS A 23 ? 0.2389 0.1492 0.1628 -0.0030 -0.0126 0.0132  44  CYS A O   
203 C CB  . CYS A 23 ? 0.2026 0.1278 0.1696 -0.0131 -0.0105 0.0166  44  CYS A CB  
204 S SG  . CYS A 23 ? 0.1997 0.1387 0.2024 -0.0026 0.0048  0.0084  44  CYS A SG  
205 N N   . PRO A 24 ? 0.2538 0.1342 0.1531 -0.0039 -0.0153 -0.0040 45  PRO A N   
206 C CA  . PRO A 24 ? 0.2268 0.1290 0.1695 -0.0054 -0.0040 0.0060  45  PRO A CA  
207 C C   . PRO A 24 ? 0.2441 0.1305 0.1923 0.0016  -0.0134 0.0320  45  PRO A C   
208 O O   . PRO A 24 ? 0.2331 0.1753 0.2030 0.0035  -0.0068 0.0272  45  PRO A O   
209 C CB  . PRO A 24 ? 0.2557 0.1404 0.1943 -0.0054 -0.0228 -0.0068 45  PRO A CB  
210 C CG  . PRO A 24 ? 0.3880 0.1569 0.2310 -0.0273 -0.0209 0.0093  45  PRO A CG  
211 C CD  . PRO A 24 ? 0.2626 0.1515 0.1549 -0.0011 -0.0192 0.0051  45  PRO A CD  
212 N N   . GLU A 25 ? 0.2099 0.1468 0.1748 0.0198  -0.0238 0.0144  46  GLU A N   
213 C CA  . GLU A 25 ? 0.2156 0.1454 0.1891 0.0099  -0.0170 0.0110  46  GLU A CA  
214 C C   . GLU A 25 ? 0.2430 0.1697 0.1957 0.0255  0.0037  0.0084  46  GLU A C   
215 O O   . GLU A 25 ? 0.2445 0.1571 0.2110 0.0166  -0.0196 0.0245  46  GLU A O   
216 C CB  . GLU A 25 ? 0.2272 0.1624 0.2269 0.0249  -0.0249 0.0136  46  GLU A CB  
217 C CG  . GLU A 25 ? 0.2531 0.1715 0.2074 0.0281  -0.0392 -0.0021 46  GLU A CG  
218 C CD  . GLU A 25 ? 0.2494 0.2087 0.2275 0.0132  -0.0198 0.0013  46  GLU A CD  
219 O OE1 . GLU A 25 ? 0.2708 0.2539 0.2385 -0.0095 -0.0327 -0.0170 46  GLU A OE1 
220 O OE2 . GLU A 25 ? 0.2726 0.2502 0.3141 0.0002  -0.0638 -0.0127 46  GLU A OE2 
221 N N   . ASP A 26 ? 0.2276 0.1393 0.2356 -0.0023 -0.0230 0.0068  47  ASP A N   
222 C CA  . ASP A 26 ? 0.2164 0.1448 0.2472 -0.0037 -0.0202 0.0299  47  ASP A CA  
223 C C   . ASP A 26 ? 0.2598 0.1975 0.2402 0.0201  -0.0185 0.0394  47  ASP A C   
224 O O   . ASP A 26 ? 0.3036 0.1708 0.3193 0.0193  -0.0150 0.0536  47  ASP A O   
225 C CB  . ASP A 26 ? 0.2277 0.1634 0.3333 0.0213  -0.0045 0.0516  47  ASP A CB  
226 C CG  . ASP A 26 ? 0.2173 0.1614 0.3409 0.0286  -0.0299 0.0193  47  ASP A CG  
227 O OD1 . ASP A 26 ? 0.2950 0.2359 0.3562 0.0059  0.0421  0.0303  47  ASP A OD1 
228 O OD2 . ASP A 26 ? 0.2329 0.2280 0.5458 0.0217  -0.0145 0.0402  47  ASP A OD2 
229 N N   . PHE A 27 ? 0.2718 0.1603 0.1891 0.0029  -0.0243 0.0342  48  PHE A N   
230 C CA  . PHE A 27 ? 0.2767 0.1823 0.1749 -0.0327 -0.0448 0.0274  48  PHE A CA  
231 C C   . PHE A 27 ? 0.2453 0.1883 0.2020 -0.0405 -0.0456 0.0088  48  PHE A C   
232 O O   . PHE A 27 ? 0.2828 0.2253 0.2185 0.0051  -0.0316 0.0357  48  PHE A O   
233 C CB  . PHE A 27 ? 0.2641 0.1930 0.2048 0.0035  -0.0591 0.0064  48  PHE A CB  
234 C CG  . PHE A 27 ? 0.2649 0.1898 0.2065 -0.0104 -0.0770 0.0466  48  PHE A CG  
235 C CD1 . PHE A 27 ? 0.2591 0.2111 0.2748 -0.0176 -0.0766 0.0187  48  PHE A CD1 
236 C CD2 . PHE A 27 ? 0.2942 0.1667 0.1954 0.0018  -0.0694 0.0034  48  PHE A CD2 
237 C CE1 . PHE A 27 ? 0.2764 0.2050 0.2788 -0.0285 -0.0608 0.0243  48  PHE A CE1 
238 C CE2 . PHE A 27 ? 0.2894 0.1833 0.1812 0.0082  -0.0606 0.0032  48  PHE A CE2 
239 C CZ  . PHE A 27 ? 0.2911 0.2339 0.2560 -0.0275 -0.0757 -0.0023 48  PHE A CZ  
240 N N   . ASP A 28 ? 0.2515 0.1720 0.1902 -0.0069 -0.0420 0.0225  49  ASP A N   
241 C CA  . ASP A 28 ? 0.2276 0.1698 0.2128 0.0000  -0.0150 -0.0027 49  ASP A CA  
242 C C   . ASP A 28 ? 0.1966 0.1525 0.2161 0.0079  -0.0313 0.0164  49  ASP A C   
243 O O   . ASP A 28 ? 0.2618 0.1499 0.2152 0.0117  -0.0358 0.0140  49  ASP A O   
244 C CB  . ASP A 28 ? 0.2670 0.1810 0.1906 0.0273  -0.0364 0.0234  49  ASP A CB  
245 C CG  . ASP A 28 ? 0.3025 0.2173 0.1691 0.0138  -0.0114 0.0225  49  ASP A CG  
246 O OD1 . ASP A 28 ? 0.6882 0.1578 0.2328 0.0213  0.0744  0.0340  49  ASP A OD1 
247 O OD2 . ASP A 28 ? 0.2633 0.1894 0.1798 0.0044  -0.0174 0.0332  49  ASP A OD2 
248 N N   . THR A 29 ? 0.2098 0.1412 0.1793 0.0144  -0.0154 0.0011  50  THR A N   
249 C CA  . THR A 29 ? 0.2571 0.1324 0.2018 0.0160  -0.0447 0.0149  50  THR A CA  
250 C C   . THR A 29 ? 0.2736 0.1358 0.1935 0.0105  -0.0381 0.0147  50  THR A C   
251 O O   . THR A 29 ? 0.3243 0.1307 0.2277 0.0013  -0.0588 0.0223  50  THR A O   
252 C CB  . THR A 29 ? 0.2373 0.1657 0.2229 0.0009  -0.0327 0.0223  50  THR A CB  
253 O OG1 . THR A 29 ? 0.2354 0.1893 0.3121 0.0062  -0.0641 0.0079  50  THR A OG1 
254 C CG2 . THR A 29 ? 0.2168 0.1935 0.2405 0.0135  -0.0052 -0.0004 50  THR A CG2 
255 N N   . GLN A 30 ? 0.3443 0.1653 0.1735 -0.0193 -0.0312 0.0268  51  GLN A N   
256 C CA  A GLN A 30 ? 0.3174 0.1691 0.2128 -0.0354 -0.0243 0.0239  51  GLN A CA  
257 C CA  B GLN A 30 ? 0.3187 0.1975 0.2091 -0.0187 -0.0300 0.0187  51  GLN A CA  
258 C C   . GLN A 30 ? 0.3095 0.1512 0.2246 -0.0194 -0.0163 0.0065  51  GLN A C   
259 O O   . GLN A 30 ? 0.4263 0.1697 0.2134 -0.0310 -0.0559 0.0301  51  GLN A O   
260 C CB  A GLN A 30 ? 0.4300 0.2356 0.2432 0.0017  0.0126  0.0372  51  GLN A CB  
261 C CB  B GLN A 30 ? 0.3820 0.2677 0.2150 -0.0098 -0.0256 0.0074  51  GLN A CB  
262 C CG  A GLN A 30 ? 0.4901 0.2695 0.3188 -0.0126 0.0178  -0.0180 51  GLN A CG  
263 C CG  B GLN A 30 ? 0.3807 0.3695 0.2499 0.0169  -0.0270 -0.0356 51  GLN A CG  
264 C CD  A GLN A 30 ? 0.5610 0.3623 0.3801 -0.0157 0.0431  -0.0827 51  GLN A CD  
265 C CD  B GLN A 30 ? 0.4057 0.3743 0.3809 -0.0109 -0.0633 -0.1032 51  GLN A CD  
266 O OE1 A GLN A 30 ? 0.7024 0.4005 0.5031 0.1296  0.1150  -0.1506 51  GLN A OE1 
267 O OE1 B GLN A 30 ? 0.5674 0.3859 0.5975 0.0154  -0.0726 -0.1090 51  GLN A OE1 
268 N NE2 A GLN A 30 ? 0.6010 0.4477 0.6006 -0.0384 0.0183  -0.1902 51  GLN A NE2 
269 N NE2 B GLN A 30 ? 0.5197 0.5193 0.4149 0.0042  -0.0232 -0.1384 51  GLN A NE2 
270 N N   . ASP A 31 ? 0.3281 0.1394 0.2180 -0.0258 -0.0652 0.0242  52  ASP A N   
271 C CA  . ASP A 31 ? 0.3273 0.1748 0.2518 -0.0038 -0.0576 0.0179  52  ASP A CA  
272 C C   . ASP A 31 ? 0.2326 0.1449 0.2318 -0.0054 -0.0190 0.0151  52  ASP A C   
273 O O   . ASP A 31 ? 0.2542 0.1489 0.2329 -0.0286 -0.0303 0.0144  52  ASP A O   
274 C CB  . ASP A 31 ? 0.3120 0.1983 0.3307 -0.0265 -0.0836 -0.0145 52  ASP A CB  
275 C CG  . ASP A 31 ? 0.3295 0.2167 0.3945 -0.0854 -0.0640 0.0162  52  ASP A CG  
276 O OD1 . ASP A 31 ? 0.4017 0.3641 0.4360 -0.1521 -0.1396 0.1574  52  ASP A OD1 
277 O OD2 . ASP A 31 ? 0.3520 0.2591 0.5773 -0.0738 -0.0980 0.1297  52  ASP A OD2 
278 N N   . ALA A 32 ? 0.2667 0.1340 0.1926 -0.0215 -0.0497 0.0277  53  ALA A N   
279 C CA  . ALA A 32 ? 0.2571 0.1648 0.1718 -0.0123 0.0019  0.0218  53  ALA A CA  
280 C C   . ALA A 32 ? 0.1917 0.1353 0.1849 -0.0071 -0.0145 0.0071  53  ALA A C   
281 O O   . ALA A 32 ? 0.2278 0.1447 0.1777 -0.0057 -0.0209 0.0087  53  ALA A O   
282 C CB  . ALA A 32 ? 0.2402 0.1560 0.1780 -0.0210 0.0037  0.0127  53  ALA A CB  
283 N N   . THR A 33 ? 0.2261 0.1277 0.1538 -0.0326 -0.0279 0.0130  54  THR A N   
284 C CA  . THR A 33 ? 0.2329 0.1555 0.1446 -0.0114 0.0017  0.0095  54  THR A CA  
285 C C   . THR A 33 ? 0.2016 0.1555 0.1715 -0.0141 0.0081  -0.0187 54  THR A C   
286 O O   . THR A 33 ? 0.2299 0.1544 0.1830 -0.0013 0.0190  0.0148  54  THR A O   
287 C CB  . THR A 33 ? 0.3160 0.1371 0.1719 -0.0093 -0.0073 0.0011  54  THR A CB  
288 O OG1 . THR A 33 ? 0.3221 0.1782 0.2279 -0.0309 -0.0802 0.0100  54  THR A OG1 
289 C CG2 . THR A 33 ? 0.3072 0.1645 0.1840 -0.0088 0.0125  -0.0170 54  THR A CG2 
290 N N   . ILE A 34 ? 0.1862 0.1328 0.1543 -0.0131 -0.0076 0.0109  55  ILE A N   
291 C CA  . ILE A 34 ? 0.1883 0.1358 0.1289 -0.0121 -0.0079 0.0022  55  ILE A CA  
292 C C   . ILE A 34 ? 0.1668 0.1299 0.1524 -0.0225 -0.0210 0.0002  55  ILE A C   
293 O O   . ILE A 34 ? 0.2057 0.1599 0.1374 -0.0336 -0.0227 0.0139  55  ILE A O   
294 C CB  . ILE A 34 ? 0.1981 0.1741 0.1482 -0.0311 -0.0179 0.0050  55  ILE A CB  
295 C CG1 . ILE A 34 ? 0.1948 0.1841 0.1710 -0.0392 -0.0100 0.0019  55  ILE A CG1 
296 C CG2 . ILE A 34 ? 0.2026 0.2013 0.2190 -0.0399 -0.0108 0.0130  55  ILE A CG2 
297 C CD1 . ILE A 34 ? 0.2197 0.2451 0.2126 -0.0682 -0.0124 0.0358  55  ILE A CD1 
298 N N   . CYS A 35 ? 0.1807 0.1256 0.1427 -0.0170 0.0032  0.0019  56  CYS A N   
299 C CA  . CYS A 35 ? 0.1714 0.1566 0.1390 -0.0139 -0.0091 0.0063  56  CYS A CA  
300 C C   . CYS A 35 ? 0.1790 0.1393 0.1630 -0.0224 -0.0088 -0.0056 56  CYS A C   
301 O O   . CYS A 35 ? 0.1672 0.1698 0.1656 -0.0155 0.0004  -0.0001 56  CYS A O   
302 C CB  . CYS A 35 ? 0.1773 0.1458 0.1466 -0.0186 0.0106  -0.0111 56  CYS A CB  
303 S SG  . CYS A 35 ? 0.1819 0.1544 0.1644 -0.0203 0.0076  -0.0003 56  CYS A SG  
304 N N   . CYS A 36 ? 0.1632 0.1656 0.1412 0.0008  0.0063  0.0056  57  CYS A N   
305 C CA  . CYS A 36 ? 0.1782 0.1786 0.1549 -0.0257 0.0194  0.0048  57  CYS A CA  
306 C C   . CYS A 36 ? 0.1726 0.1677 0.1565 -0.0187 0.0035  0.0013  57  CYS A C   
307 O O   . CYS A 36 ? 0.1702 0.1727 0.1644 -0.0314 -0.0008 -0.0068 57  CYS A O   
308 C CB  . CYS A 36 ? 0.1833 0.1864 0.1581 -0.0443 0.0107  -0.0086 57  CYS A CB  
309 S SG  . CYS A 36 ? 0.2121 0.1897 0.1890 -0.0530 0.0139  -0.0042 57  CYS A SG  
310 N N   . GLY A 37 ? 0.1605 0.1892 0.1713 -0.0329 0.0124  -0.0158 58  GLY A N   
311 C CA  . GLY A 37 ? 0.1620 0.1904 0.1780 -0.0372 0.0295  0.0078  58  GLY A CA  
312 C C   . GLY A 37 ? 0.1683 0.2030 0.1783 -0.0044 0.0219  0.0095  58  GLY A C   
313 O O   . GLY A 37 ? 0.2230 0.2218 0.2120 -0.0226 -0.0115 -0.0282 58  GLY A O   
314 N N   . SER A 38 ? 0.1530 0.1737 0.1877 -0.0269 0.0040  0.0082  59  SER A N   
315 C CA  . SER A 38 ? 0.1603 0.1702 0.1600 -0.0097 0.0249  -0.0008 59  SER A CA  
316 C C   . SER A 38 ? 0.1580 0.1646 0.1281 -0.0135 0.0201  -0.0012 59  SER A C   
317 O O   . SER A 38 ? 0.1476 0.1632 0.1594 -0.0026 0.0162  0.0030  59  SER A O   
318 C CB  . SER A 38 ? 0.2045 0.2021 0.2117 -0.0291 0.0363  -0.0006 59  SER A CB  
319 O OG  . SER A 38 ? 0.2642 0.2925 0.1831 0.0024  0.0366  -0.0232 59  SER A OG  
320 N N   . CYS A 39 ? 0.1349 0.1780 0.1612 -0.0088 0.0068  -0.0063 60  CYS A N   
321 C CA  . CYS A 39 ? 0.1531 0.1663 0.1355 -0.0182 0.0047  -0.0043 60  CYS A CA  
322 C C   . CYS A 39 ? 0.1526 0.1469 0.1352 0.0027  0.0087  -0.0286 60  CYS A C   
323 O O   . CYS A 39 ? 0.1446 0.1599 0.1545 -0.0026 0.0151  -0.0026 60  CYS A O   
324 C CB  . CYS A 39 ? 0.1674 0.1818 0.1604 -0.0055 -0.0136 0.0055  60  CYS A CB  
325 S SG  . CYS A 39 ? 0.1573 0.1977 0.1999 0.0026  -0.0128 0.0063  60  CYS A SG  
326 N N   . ALA A 40 ? 0.1529 0.1854 0.1391 -0.0120 0.0080  -0.0111 61  ALA A N   
327 C CA  . ALA A 40 ? 0.1428 0.1735 0.1730 -0.0136 -0.0005 0.0007  61  ALA A CA  
328 C C   . ALA A 40 ? 0.1548 0.1700 0.1516 -0.0099 0.0124  -0.0130 61  ALA A C   
329 O O   . ALA A 40 ? 0.1815 0.2106 0.1610 -0.0047 -0.0031 -0.0080 61  ALA A O   
330 C CB  . ALA A 40 ? 0.2005 0.2147 0.1701 0.0075  0.0054  -0.0144 61  ALA A CB  
331 N N   . LEU A 41 ? 0.1779 0.1707 0.1458 -0.0136 -0.0004 0.0009  62  LEU A N   
332 C CA  A LEU A 41 ? 0.1889 0.1884 0.1434 -0.0072 0.0154  0.0020  62  LEU A CA  
333 C CA  B LEU A 41 ? 0.1901 0.1903 0.1421 -0.0100 0.0144  0.0029  62  LEU A CA  
334 C C   . LEU A 41 ? 0.1752 0.1646 0.1558 -0.0014 0.0043  0.0128  62  LEU A C   
335 O O   . LEU A 41 ? 0.1755 0.1918 0.1903 -0.0216 0.0053  0.0079  62  LEU A O   
336 C CB  A LEU A 41 ? 0.2337 0.2233 0.1672 0.0143  0.0180  0.0129  62  LEU A CB  
337 C CB  B LEU A 41 ? 0.2407 0.2273 0.1663 0.0072  0.0143  0.0167  62  LEU A CB  
338 C CG  A LEU A 41 ? 0.2817 0.2537 0.2005 0.0061  0.0068  0.0043  62  LEU A CG  
339 C CG  B LEU A 41 ? 0.2839 0.2417 0.1758 -0.0257 0.0027  0.0118  62  LEU A CG  
340 C CD1 A LEU A 41 ? 0.3940 0.3271 0.2001 0.0013  -0.0069 0.0209  62  LEU A CD1 
341 C CD1 B LEU A 41 ? 0.3577 0.2697 0.2441 0.0286  -0.0060 0.0567  62  LEU A CD1 
342 C CD2 A LEU A 41 ? 0.2916 0.2101 0.2024 0.0047  0.0109  0.0172  62  LEU A CD2 
343 C CD2 B LEU A 41 ? 0.4047 0.3235 0.2057 -0.0334 -0.0192 0.0280  62  LEU A CD2 
344 N N   . ARG A 42 ? 0.1612 0.1699 0.1511 -0.0290 0.0161  -0.0048 63  ARG A N   
345 C CA  . ARG A 42 ? 0.1781 0.1536 0.1485 -0.0186 0.0006  -0.0090 63  ARG A CA  
346 C C   . ARG A 42 ? 0.2012 0.1486 0.1607 -0.0114 -0.0093 0.0076  63  ARG A C   
347 O O   . ARG A 42 ? 0.2078 0.1691 0.1845 -0.0161 -0.0049 -0.0104 63  ARG A O   
348 C CB  . ARG A 42 ? 0.1957 0.1434 0.1456 -0.0160 0.0029  0.0114  63  ARG A CB  
349 C CG  . ARG A 42 ? 0.1718 0.1688 0.1390 -0.0290 0.0033  -0.0074 63  ARG A CG  
350 C CD  . ARG A 42 ? 0.1361 0.1609 0.1529 -0.0108 0.0003  -0.0007 63  ARG A CD  
351 N NE  . ARG A 42 ? 0.1460 0.1516 0.1373 -0.0019 0.0110  -0.0054 63  ARG A NE  
352 C CZ  . ARG A 42 ? 0.1329 0.1503 0.1615 0.0030  0.0105  -0.0075 63  ARG A CZ  
353 N NH1 . ARG A 42 ? 0.1682 0.1472 0.1724 -0.0077 0.0251  -0.0038 63  ARG A NH1 
354 N NH2 . ARG A 42 ? 0.1630 0.1527 0.1463 0.0019  -0.0049 -0.0001 63  ARG A NH2 
355 N N   . TYR A 43 ? 0.1916 0.1413 0.1515 -0.0107 -0.0201 0.0099  64  TYR A N   
356 C CA  . TYR A 43 ? 0.1999 0.1494 0.1361 -0.0099 -0.0050 0.0042  64  TYR A CA  
357 C C   . TYR A 43 ? 0.1860 0.1507 0.1265 0.0001  0.0029  0.0018  64  TYR A C   
358 O O   . TYR A 43 ? 0.2002 0.1625 0.1506 -0.0177 -0.0020 0.0059  64  TYR A O   
359 C CB  . TYR A 43 ? 0.2465 0.1692 0.1519 -0.0024 -0.0024 0.0218  64  TYR A CB  
360 C CG  . TYR A 43 ? 0.2894 0.1921 0.1771 -0.0243 -0.0012 0.0384  64  TYR A CG  
361 C CD1 . TYR A 43 ? 0.2645 0.2580 0.2104 -0.0209 0.0504  0.0600  64  TYR A CD1 
362 C CD2 . TYR A 43 ? 0.2929 0.2779 0.1437 -0.0392 0.0305  0.0192  64  TYR A CD2 
363 C CE1 . TYR A 43 ? 0.3230 0.3037 0.2362 0.0332  0.0698  0.1074  64  TYR A CE1 
364 C CE2 . TYR A 43 ? 0.3214 0.3693 0.1979 -0.0950 0.0505  0.0032  64  TYR A CE2 
365 C CZ  . TYR A 43 ? 0.2646 0.4061 0.2259 -0.0679 0.0583  0.1024  64  TYR A CZ  
366 O OH  . TYR A 43 ? 0.2930 0.6156 0.3105 -0.0934 0.0638  0.1674  64  TYR A OH  
367 N N   . CYS A 44 ? 0.1861 0.1526 0.1534 -0.0037 -0.0033 0.0016  65  CYS A N   
368 C CA  . CYS A 44 ? 0.1762 0.1647 0.1666 -0.0162 -0.0014 0.0033  65  CYS A CA  
369 C C   . CYS A 44 ? 0.2087 0.1693 0.1835 -0.0331 -0.0244 0.0209  65  CYS A C   
370 O O   . CYS A 44 ? 0.2771 0.1726 0.1691 -0.0456 -0.0014 0.0326  65  CYS A O   
371 C CB  . CYS A 44 ? 0.2093 0.1361 0.1875 -0.0136 -0.0001 0.0008  65  CYS A CB  
372 S SG  . CYS A 44 ? 0.2036 0.1623 0.1772 -0.0094 -0.0039 -0.0060 65  CYS A SG  
373 N N   . CYS A 45 ? 0.2221 0.1343 0.1720 -0.0611 -0.0035 0.0208  66  CYS A N   
374 C CA  . CYS A 45 ? 0.2407 0.1391 0.2094 -0.0535 0.0012  0.0236  66  CYS A CA  
375 C C   . CYS A 45 ? 0.2293 0.1922 0.1658 -0.0755 0.0053  0.0146  66  CYS A C   
376 O O   . CYS A 45 ? 0.2393 0.1670 0.1733 -0.0461 0.0085  0.0037  66  CYS A O   
377 C CB  . CYS A 45 ? 0.2774 0.1652 0.1943 -0.0573 0.0190  0.0112  66  CYS A CB  
378 S SG  . CYS A 45 ? 0.2521 0.2174 0.2329 -0.0683 0.0175  0.0009  66  CYS A SG  
379 N N   . ALA A 46 ? 0.2561 0.1940 0.2415 -0.1096 0.0050  -0.0020 67  ALA A N   
380 C CA  . ALA A 46 ? 0.2577 0.1851 0.2489 -0.0729 -0.0019 0.0111  67  ALA A CA  
381 C C   . ALA A 46 ? 0.2792 0.2337 0.2189 -0.1025 0.0385  0.0023  67  ALA A C   
382 O O   . ALA A 46 ? 0.3307 0.2962 0.2674 -0.1058 -0.0228 -0.0279 67  ALA A O   
383 C CB  . ALA A 46 ? 0.3168 0.2128 0.2788 -0.1030 0.0093  0.0198  67  ALA A CB  
384 N N   . ALA A 47 ? 0.2548 0.2357 0.2382 -0.0839 0.0147  -0.0209 68  ALA A N   
385 C CA  . ALA A 47 ? 0.2588 0.2340 0.2928 -0.0715 0.0143  -0.0248 68  ALA A CA  
386 C C   . ALA A 47 ? 0.2289 0.2905 0.2550 -0.0526 -0.0019 -0.0206 68  ALA A C   
387 O O   . ALA A 47 ? 0.2583 0.2695 0.2907 -0.0843 0.0017  -0.0398 68  ALA A O   
388 C CB  . ALA A 47 ? 0.3226 0.3278 0.3461 -0.1035 0.0764  0.0423  68  ALA A CB  
389 N N   . ALA A 48 ? 0.2488 0.2735 0.2689 -0.1070 0.0012  -0.0356 69  ALA A N   
390 C CA  . ALA A 48 ? 0.2277 0.3108 0.2944 -0.0879 -0.0293 -0.0053 69  ALA A CA  
391 C C   . ALA A 48 ? 0.2245 0.3052 0.3370 -0.0781 -0.0199 -0.0060 69  ALA A C   
392 O O   . ALA A 48 ? 0.2346 0.3147 0.3130 -0.0936 -0.0160 -0.0162 69  ALA A O   
393 C CB  . ALA A 48 ? 0.2872 0.3946 0.3042 -0.0782 -0.0087 0.0010  69  ALA A CB  
394 N N   . ASP A 49 ? 0.2397 0.3303 0.3483 -0.1202 0.0064  -0.0343 70  ASP A N   
395 C CA  . ASP A 49 ? 0.2434 0.3241 0.3453 -0.0789 0.0117  0.0004  70  ASP A CA  
396 C C   . ASP A 49 ? 0.1941 0.3304 0.4055 -0.0624 0.0054  -0.0772 70  ASP A C   
397 O O   . ASP A 49 ? 0.2154 0.3582 0.4320 -0.0477 0.0065  -0.0541 70  ASP A O   
398 C CB  . ASP A 49 ? 0.2783 0.4104 0.3988 -0.1355 0.0661  -0.0307 70  ASP A CB  
399 C CG  . ASP A 49 ? 0.4295 0.4690 0.5134 -0.2259 0.0513  0.0365  70  ASP A CG  
400 O OD1 . ASP A 49 ? 0.4950 0.5574 0.6584 -0.2299 0.1139  -0.0408 70  ASP A OD1 
401 O OD2 . ASP A 49 ? 0.5087 0.7354 0.7204 -0.2975 0.2287  0.0286  70  ASP A OD2 
402 N N   . ALA A 50 ? 0.1980 0.2788 0.2884 -0.0557 0.0293  -0.0132 71  ALA A N   
403 C CA  . ALA A 50 ? 0.2275 0.2918 0.2292 -0.0639 0.0338  -0.0372 71  ALA A CA  
404 C C   . ALA A 50 ? 0.2093 0.2354 0.2195 -0.0454 0.0171  -0.0002 71  ALA A C   
405 O O   . ALA A 50 ? 0.2073 0.2487 0.2005 -0.0558 0.0033  -0.0173 71  ALA A O   
406 C CB  . ALA A 50 ? 0.2587 0.2677 0.2653 -0.1049 0.0365  0.0085  71  ALA A CB  
407 N N   . ARG A 51 ? 0.1823 0.2274 0.2000 -0.0593 0.0036  -0.0130 72  ARG A N   
408 C CA  . ARG A 51 ? 0.1746 0.1942 0.1974 -0.0332 0.0062  -0.0055 72  ARG A CA  
409 C C   . ARG A 51 ? 0.1746 0.2060 0.1920 -0.0141 -0.0057 -0.0177 72  ARG A C   
410 O O   . ARG A 51 ? 0.1673 0.2388 0.2428 -0.0128 0.0016  -0.0132 72  ARG A O   
411 C CB  . ARG A 51 ? 0.1851 0.2265 0.2022 -0.0340 -0.0135 -0.0071 72  ARG A CB  
412 C CG  . ARG A 51 ? 0.1661 0.2073 0.1719 -0.0068 -0.0011 -0.0001 72  ARG A CG  
413 C CD  . ARG A 51 ? 0.1939 0.2077 0.1973 0.0148  -0.0213 -0.0101 72  ARG A CD  
414 N NE  . ARG A 51 ? 0.2121 0.1976 0.1881 -0.0082 -0.0088 -0.0014 72  ARG A NE  
415 C CZ  . ARG A 51 ? 0.2216 0.2556 0.1703 0.0125  -0.0275 -0.0096 72  ARG A CZ  
416 N NH1 . ARG A 51 ? 0.2601 0.2328 0.2575 0.0407  -0.0030 0.0039  72  ARG A NH1 
417 N NH2 . ARG A 51 ? 0.2698 0.2679 0.2357 0.0005  -0.0180 0.0131  72  ARG A NH2 
418 N N   . LEU A 52 ? 0.1385 0.1771 0.1983 -0.0154 -0.0082 -0.0136 73  LEU A N   
419 C CA  . LEU A 52 ? 0.1697 0.1880 0.1668 -0.0036 0.0011  0.0061  73  LEU A CA  
420 C C   . LEU A 52 ? 0.1578 0.1597 0.2015 -0.0145 -0.0175 -0.0094 73  LEU A C   
421 O O   . LEU A 52 ? 0.1779 0.1882 0.1742 0.0067  -0.0002 -0.0083 73  LEU A O   
422 C CB  . LEU A 52 ? 0.1807 0.1928 0.1460 -0.0138 0.0024  -0.0094 73  LEU A CB  
423 C CG  . LEU A 52 ? 0.1593 0.1843 0.1640 -0.0103 0.0156  -0.0237 73  LEU A CG  
424 C CD1 . LEU A 52 ? 0.1874 0.2165 0.2050 -0.0181 0.0050  -0.0512 73  LEU A CD1 
425 C CD2 . LEU A 52 ? 0.1738 0.2093 0.1662 -0.0361 0.0122  0.0015  73  LEU A CD2 
426 N N   . GLU A 53 ? 0.1717 0.1820 0.2260 -0.0106 -0.0020 -0.0041 74  GLU A N   
427 C CA  A GLU A 53 ? 0.1754 0.1732 0.2106 -0.0097 -0.0332 -0.0115 74  GLU A CA  
428 C CA  B GLU A 53 ? 0.1884 0.1931 0.2151 -0.0101 -0.0164 -0.0015 74  GLU A CA  
429 C C   . GLU A 53 ? 0.1665 0.1974 0.1977 0.0008  -0.0025 -0.0012 74  GLU A C   
430 O O   . GLU A 53 ? 0.1875 0.2189 0.1904 0.0018  0.0016  -0.0121 74  GLU A O   
431 C CB  A GLU A 53 ? 0.2139 0.2164 0.3005 0.0085  -0.0436 0.0512  74  GLU A CB  
432 C CB  B GLU A 53 ? 0.2175 0.2358 0.2657 -0.0045 -0.0173 0.0363  74  GLU A CB  
433 C CG  A GLU A 53 ? 0.2207 0.2978 0.3898 -0.0319 -0.0886 0.0228  74  GLU A CG  
434 C CG  B GLU A 53 ? 0.2639 0.2864 0.2960 -0.0127 -0.0119 0.0401  74  GLU A CG  
435 C CD  A GLU A 53 ? 0.3793 0.3835 0.5461 0.0308  -0.0782 -0.0216 74  GLU A CD  
436 C CD  B GLU A 53 ? 0.3498 0.3505 0.3826 0.0086  -0.0135 0.0396  74  GLU A CD  
437 O OE1 A GLU A 53 ? 0.4709 0.5560 0.7472 0.1360  0.0316  -0.0175 74  GLU A OE1 
438 O OE1 B GLU A 53 ? 0.4136 0.3594 0.3283 -0.0601 -0.0130 0.0167  74  GLU A OE1 
439 O OE2 A GLU A 53 ? 0.3582 0.5574 0.8012 -0.0560 -0.1319 -0.0356 74  GLU A OE2 
440 O OE2 B GLU A 53 ? 0.4835 0.4314 0.5312 0.0486  0.0047  0.0775  74  GLU A OE2 
441 N N   . GLN A 54 ? 0.1707 0.1623 0.1877 0.0080  -0.0001 -0.0128 75  GLN A N   
442 C CA  . GLN A 54 ? 0.1655 0.1641 0.1690 0.0084  -0.0071 -0.0178 75  GLN A CA  
443 C C   . GLN A 54 ? 0.1511 0.1996 0.1412 0.0090  0.0155  0.0038  75  GLN A C   
444 O O   . GLN A 54 ? 0.1711 0.1820 0.1713 -0.0024 -0.0062 -0.0042 75  GLN A O   
445 C CB  . GLN A 54 ? 0.1736 0.1781 0.1377 0.0066  0.0020  -0.0126 75  GLN A CB  
446 C CG  . GLN A 54 ? 0.1499 0.1576 0.1609 -0.0091 0.0020  -0.0167 75  GLN A CG  
447 C CD  . GLN A 54 ? 0.1573 0.1673 0.1550 0.0040  0.0124  0.0038  75  GLN A CD  
448 O OE1 . GLN A 54 ? 0.1457 0.1606 0.1672 -0.0136 0.0062  -0.0092 75  GLN A OE1 
449 N NE2 . GLN A 54 ? 0.1779 0.1618 0.1482 0.0106  0.0038  -0.0116 75  GLN A NE2 
450 N N   . GLY A 55 ? 0.2139 0.1830 0.1367 0.0165  -0.0026 -0.0099 76  GLY A N   
451 C CA  . GLY A 55 ? 0.1958 0.1900 0.1411 -0.0021 0.0197  0.0188  76  GLY A CA  
452 C C   . GLY A 55 ? 0.1744 0.2095 0.1667 0.0109  0.0046  0.0129  76  GLY A C   
453 O O   . GLY A 55 ? 0.2248 0.2103 0.2303 0.0151  0.0295  0.0454  76  GLY A O   
454 N N   . GLY A 56 ? 0.1673 0.2216 0.1479 0.0013  -0.0080 -0.0012 77  GLY A N   
455 C CA  . GLY A 56 ? 0.1704 0.2277 0.1604 0.0330  -0.0015 0.0017  77  GLY A CA  
456 C C   . GLY A 56 ? 0.1512 0.1836 0.1538 0.0174  0.0058  -0.0109 77  GLY A C   
457 O O   . GLY A 56 ? 0.1668 0.1997 0.1753 0.0350  -0.0022 -0.0026 77  GLY A O   
458 N N   . CYS A 57 ? 0.1461 0.1754 0.1439 0.0203  0.0019  -0.0096 78  CYS A N   
459 C CA  . CYS A 57 ? 0.1558 0.2063 0.1361 0.0182  0.0116  -0.0169 78  CYS A CA  
460 C C   . CYS A 57 ? 0.1503 0.1838 0.1970 0.0412  0.0020  0.0211  78  CYS A C   
461 O O   . CYS A 57 ? 0.1975 0.1820 0.1727 -0.0128 0.0123  -0.0204 78  CYS A O   
462 C CB  . CYS A 57 ? 0.1548 0.1827 0.1401 0.0002  0.0086  -0.0050 78  CYS A CB  
463 S SG  . CYS A 57 ? 0.1596 0.1819 0.1718 -0.0032 -0.0128 -0.0010 78  CYS A SG  
464 N N   . THR A 58 ? 0.1423 0.1674 0.1623 -0.0027 0.0079  0.0044  79  THR A N   
465 C CA  . THR A 58 ? 0.1624 0.1541 0.2005 0.0012  -0.0122 0.0018  79  THR A CA  
466 C C   . THR A 58 ? 0.1480 0.1547 0.1626 0.0113  0.0085  -0.0138 79  THR A C   
467 O O   . THR A 58 ? 0.1664 0.1672 0.1823 -0.0065 0.0035  0.0073  79  THR A O   
468 C CB  . THR A 58 ? 0.1730 0.1769 0.1869 0.0139  -0.0240 -0.0075 79  THR A CB  
469 O OG1 . THR A 58 ? 0.1845 0.2060 0.1899 0.0229  0.0076  -0.0326 79  THR A OG1 
470 C CG2 . THR A 58 ? 0.1976 0.2251 0.2606 0.0613  -0.0020 -0.0079 79  THR A CG2 
471 N N   . ASN A 59 ? 0.1608 0.1425 0.1628 0.0057  -0.0122 -0.0097 80  ASN A N   
472 C CA  . ASN A 59 ? 0.1485 0.1649 0.1575 -0.0135 -0.0045 -0.0156 80  ASN A CA  
473 C C   . ASN A 59 ? 0.1450 0.1554 0.1621 -0.0232 -0.0285 -0.0156 80  ASN A C   
474 O O   . ASN A 59 ? 0.1598 0.1717 0.1681 0.0081  -0.0105 0.0061  80  ASN A O   
475 C CB  . ASN A 59 ? 0.1571 0.1591 0.1569 -0.0004 -0.0195 -0.0154 80  ASN A CB  
476 C CG  . ASN A 59 ? 0.1285 0.1598 0.1506 -0.0054 -0.0002 -0.0014 80  ASN A CG  
477 O OD1 . ASN A 59 ? 0.1434 0.1582 0.1429 -0.0027 -0.0028 -0.0128 80  ASN A OD1 
478 N ND2 . ASN A 59 ? 0.1768 0.1429 0.1349 -0.0054 0.0024  -0.0100 80  ASN A ND2 
479 N N   . ASP A 60 ? 0.1405 0.1913 0.1626 0.0169  -0.0027 0.0137  81  ASP A N   
480 C CA  . ASP A 60 ? 0.1485 0.2104 0.1716 0.0172  0.0029  0.0257  81  ASP A CA  
481 C C   . ASP A 60 ? 0.1454 0.2004 0.1692 0.0111  0.0014  0.0087  81  ASP A C   
482 O O   . ASP A 60 ? 0.1917 0.1852 0.1985 -0.0154 0.0045  0.0014  81  ASP A O   
483 C CB  . ASP A 60 ? 0.1513 0.2059 0.1623 0.0175  0.0181  0.0138  81  ASP A CB  
484 C CG  . ASP A 60 ? 0.1784 0.1981 0.1879 -0.0048 -0.0005 -0.0127 81  ASP A CG  
485 O OD1 . ASP A 60 ? 0.1971 0.2074 0.1930 -0.0271 -0.0195 0.0176  81  ASP A OD1 
486 O OD2 . ASP A 60 ? 0.1998 0.2111 0.1713 -0.0029 0.0026  0.0310  81  ASP A OD2 
487 N N   . ARG A 61 ? 0.1873 0.2322 0.2052 0.0280  0.0307  0.0245  82  ARG A N   
488 C CA  . ARG A 61 ? 0.1948 0.2482 0.2192 -0.0130 0.0259  0.0453  82  ARG A CA  
489 C C   . ARG A 61 ? 0.2185 0.2653 0.2377 -0.0364 0.0250  0.0451  82  ARG A C   
490 O O   . ARG A 61 ? 0.3304 0.3520 0.2688 -0.0784 0.0024  0.1235  82  ARG A O   
491 C CB  . ARG A 61 ? 0.2532 0.2932 0.2666 -0.0305 0.0554  0.0659  82  ARG A CB  
492 C CG  . ARG A 61 ? 0.2425 0.2776 0.3056 -0.0384 0.0661  -0.0060 82  ARG A CG  
493 C CD  . ARG A 61 ? 0.2451 0.2577 0.3587 0.0139  0.0446  0.0171  82  ARG A CD  
494 N NE  . ARG A 61 ? 0.2465 0.2905 0.4546 -0.0422 0.0867  -0.0230 82  ARG A NE  
495 C CZ  . ARG A 61 ? 0.3387 0.3339 0.5863 -0.0434 0.1167  -0.0655 82  ARG A CZ  
496 N NH1 . ARG A 61 ? 0.4614 0.3169 0.7654 -0.0581 0.2153  -0.0528 82  ARG A NH1 
497 N NH2 . ARG A 61 ? 0.3918 0.3042 0.6797 -0.0465 0.1846  -0.0818 82  ARG A NH2 
498 N N   . GLY A 62 ? 0.2519 0.2662 0.1791 -0.0340 0.0042  0.0285  83  GLY A N   
499 C CA  . GLY A 62 ? 0.2673 0.3468 0.3088 -0.0382 0.0044  0.0650  83  GLY A CA  
500 C C   . GLY A 62 ? 0.4091 0.4690 0.2632 -0.0121 -0.0172 0.0452  83  GLY A C   
501 O O   . GLY A 62 ? 0.5338 0.4937 0.3596 0.0032  -0.0309 0.0710  83  GLY A O   
502 N N   A GLU A 63 ? 0.4283 0.5824 0.2224 0.0150  0.0004  0.1175  84  GLU A N   
503 N N   B GLU A 63 ? 0.6077 0.6346 0.4076 0.0100  -0.0064 0.0996  84  GLU A N   
504 C CA  A GLU A 63 ? 0.5348 0.6267 0.3807 0.0503  -0.0448 0.1631  84  GLU A CA  
505 C CA  B GLU A 63 ? 0.6612 0.6135 0.5900 0.0141  -0.0419 0.1422  84  GLU A CA  
506 C C   A GLU A 63 ? 0.4445 0.6473 0.2435 0.0090  -0.0026 0.1973  84  GLU A C   
507 C C   B GLU A 63 ? 0.7667 0.5788 0.7483 -0.0769 -0.0754 0.1592  84  GLU A C   
508 O O   A GLU A 63 ? 0.4390 0.5466 0.3663 0.0416  0.0476  0.0078  84  GLU A O   
509 O O   B GLU A 63 ? 0.9928 0.9076 1.1274 -0.1391 -0.0784 0.1191  84  GLU A O   
510 C CB  A GLU A 63 ? 0.5489 0.6876 0.3668 0.0539  -0.0040 0.1145  84  GLU A CB  
511 C CB  B GLU A 63 ? 0.5017 0.4636 0.4547 -0.0069 0.0108  0.1564  84  GLU A CB  
512 C CG  A GLU A 63 ? 0.6992 0.7229 0.3901 0.0527  -0.0134 0.0785  84  GLU A CG  
513 C CG  B GLU A 63 ? 0.4619 0.4582 0.3768 0.0957  -0.0556 0.1218  84  GLU A CG  
514 C CD  A GLU A 63 ? 0.7304 0.6554 0.4462 0.0252  -0.0504 0.1687  84  GLU A CD  
515 C CD  B GLU A 63 ? 0.5041 0.5778 0.5217 -0.0097 0.0370  0.0133  84  GLU A CD  
516 O OE1 A GLU A 63 ? 0.7297 0.7024 0.3890 -0.0069 -0.1456 0.0996  84  GLU A OE1 
517 O OE1 B GLU A 63 ? 0.6986 0.6797 0.6132 0.0821  0.0682  0.0034  84  GLU A OE1 
518 O OE2 A GLU A 63 ? 0.7585 0.5431 0.7278 0.1519  -0.0307 0.2397  84  GLU A OE2 
519 O OE2 B GLU A 63 ? 0.5845 0.5687 0.7070 0.0104  0.0951  0.0664  84  GLU A OE2 
520 S S   A SO4 B .  ? 0.2218 0.2626 0.2665 0.0101  0.0476  -0.0230 201 SO4 A S   
521 O O1  A SO4 B .  ? 0.1199 0.2373 0.2571 -0.0074 0.0871  0.0412  201 SO4 A O1  
522 O O2  A SO4 B .  ? 0.2069 0.2600 0.4179 0.0003  0.1449  0.0221  201 SO4 A O2  
523 O O3  A SO4 B .  ? 0.2825 0.2783 0.3456 -0.0042 0.0660  -0.0316 201 SO4 A O3  
524 O O4  A SO4 B .  ? 0.2018 0.4821 0.3169 -0.0901 0.0067  0.0804  201 SO4 A O4  
525 S S   A SO4 C .  ? 0.3907 0.3776 0.2827 0.0414  -0.0760 -0.0266 202 SO4 A S   
526 O O1  A SO4 C .  ? 0.3409 0.2703 0.1974 -0.0464 -0.0721 -0.0031 202 SO4 A O1  
527 O O2  A SO4 C .  ? 0.4239 0.2979 0.3948 0.0422  -0.1853 -0.0371 202 SO4 A O2  
528 O O3  A SO4 C .  ? 0.4009 0.3004 0.4152 -0.0515 -0.1188 0.0281  202 SO4 A O3  
529 O O4  A SO4 C .  ? 0.5958 0.4900 0.3343 0.0343  -0.1397 0.0535  202 SO4 A O4  
530 C C1  . GOL D .  ? 0.5747 0.4306 0.5005 0.0627  0.0635  -0.0124 203 GOL A C1  
531 O O1  . GOL D .  ? 0.5984 0.4776 0.4279 -0.0725 -0.0402 0.1788  203 GOL A O1  
532 C C2  . GOL D .  ? 0.5991 0.6299 0.6096 -0.0205 0.0571  0.0914  203 GOL A C2  
533 O O2  . GOL D .  ? 0.5635 0.4955 0.5359 -0.0244 0.1324  0.0215  203 GOL A O2  
534 C C3  . GOL D .  ? 0.5654 0.6442 0.6407 -0.0101 0.0528  0.0157  203 GOL A C3  
535 O O3  . GOL D .  ? 0.6989 0.7477 0.7743 -0.0998 -0.0145 0.0416  203 GOL A O3  
536 C C1  . GOL E .  ? 0.2931 0.2447 0.2128 -0.0543 -0.0710 0.0655  204 GOL A C1  
537 O O1  . GOL E .  ? 0.3662 0.3680 0.3424 -0.0578 -0.0255 0.0746  204 GOL A O1  
538 C C2  . GOL E .  ? 0.3916 0.3313 0.3137 -0.0222 -0.0593 0.0502  204 GOL A C2  
539 O O2  . GOL E .  ? 0.3192 0.3771 0.3330 0.0306  -0.0258 0.0965  204 GOL A O2  
540 C C3  . GOL E .  ? 0.3187 0.3872 0.4104 -0.0468 -0.1165 0.0392  204 GOL A C3  
541 O O3  . GOL E .  ? 0.2891 0.3472 0.4000 0.0002  -0.0342 0.0218  204 GOL A O3  
542 C C1  . GOL F .  ? 0.5145 0.4552 0.4610 0.0106  -0.0414 -0.0555 205 GOL A C1  
543 O O1  . GOL F .  ? 0.6958 0.5326 0.3325 -0.1490 -0.1260 0.0277  205 GOL A O1  
544 C C2  . GOL F .  ? 0.5457 0.4651 0.4629 -0.0599 -0.0091 -0.0849 205 GOL A C2  
545 O O2  . GOL F .  ? 0.3607 0.1941 0.2406 0.0062  -0.0787 0.0576  205 GOL A O2  
546 C C3  . GOL F .  ? 0.5758 0.4140 0.4762 -0.0127 0.0499  -0.0033 205 GOL A C3  
547 O O3  . GOL F .  ? 0.3615 0.3911 0.3551 0.0108  0.0305  0.0428  205 GOL A O3  
548 C C1  . EDO G .  ? 0.5533 0.4173 0.3552 0.0174  0.0258  -0.0523 206 EDO A C1  
549 O O1  . EDO G .  ? 0.5119 0.3418 0.2908 -0.0334 -0.1277 0.0157  206 EDO A O1  
550 C C2  . EDO G .  ? 0.5194 0.2557 0.4001 0.0091  -0.0989 0.0157  206 EDO A C2  
551 O O2  . EDO G .  ? 0.5259 0.2157 0.2222 0.0865  -0.1012 0.0183  206 EDO A O2  
552 C C1  . EDO H .  ? 0.6224 0.7926 0.5581 -0.1319 0.0212  0.0169  207 EDO A C1  
553 O O1  . EDO H .  ? 0.5446 0.8279 0.4423 -0.2057 0.2093  -0.0031 207 EDO A O1  
554 C C2  . EDO H .  ? 0.6983 0.7309 0.3663 -0.1029 0.0489  0.0966  207 EDO A C2  
555 O O2  . EDO H .  ? 0.5567 0.5657 0.3419 0.0307  0.1095  0.0501  207 EDO A O2  
556 C C1  B EDO I .  ? 0.4198 0.3875 0.3207 0.0746  -0.0003 0.0025  208 EDO A C1  
557 O O1  B EDO I .  ? 0.4290 0.5721 0.6060 0.0346  0.0052  -0.0126 208 EDO A O1  
558 C C2  B EDO I .  ? 0.3934 0.3859 0.3687 0.0826  0.0347  -0.0006 208 EDO A C2  
559 O O2  B EDO I .  ? 0.3471 0.2609 0.2222 0.0234  0.0186  -0.0390 208 EDO A O2  
560 O O1  B MES J .  ? 0.3774 0.4102 0.4531 0.0215  0.0161  0.0127  209 MES A O1  
561 C C2  B MES J .  ? 0.3905 0.2732 0.4011 0.0236  -0.0020 -0.0216 209 MES A C2  
562 C C3  B MES J .  ? 0.2783 0.3245 0.3903 0.0023  0.0232  -0.0281 209 MES A C3  
563 N N4  B MES J .  ? 0.2708 0.2822 0.2129 -0.0029 0.0082  0.0186  209 MES A N4  
564 C C5  B MES J .  ? 0.2223 0.2658 0.2864 -0.0022 0.0109  -0.0122 209 MES A C5  
565 C C6  B MES J .  ? 0.3408 0.2690 0.3812 -0.0320 0.0261  0.0100  209 MES A C6  
566 C C7  B MES J .  ? 0.2088 0.2591 0.2305 -0.0353 0.0521  -0.0212 209 MES A C7  
567 C C8  B MES J .  ? 0.1912 0.2481 0.2410 -0.0772 0.0673  -0.0044 209 MES A C8  
568 S S   B MES J .  ? 0.2406 0.2677 0.2658 -0.0296 0.0585  -0.0367 209 MES A S   
569 O O1S B MES J .  ? 0.2015 0.2592 0.3029 -0.0260 0.0951  -0.0218 209 MES A O1S 
570 O O2S B MES J .  ? 0.2764 0.2364 0.2556 -0.0147 0.0952  -0.0495 209 MES A O2S 
571 O O3S B MES J .  ? 0.2319 0.4054 0.3799 -0.0422 0.0462  -0.0147 209 MES A O3S 
572 C C1  . PEG K .  ? 0.7202 0.6333 0.4692 -0.0813 0.1360  -0.0820 210 PEG A C1  
573 O O1  . PEG K .  ? 0.6314 0.5097 0.6038 -0.1653 -0.0164 -0.1271 210 PEG A O1  
574 C C2  . PEG K .  ? 0.7370 0.5821 0.5598 -0.0914 0.0815  -0.0890 210 PEG A C2  
575 O O2  . PEG K .  ? 0.8281 0.6256 0.6246 -0.0077 0.0703  -0.0527 210 PEG A O2  
576 C C3  . PEG K .  ? 0.6476 0.6110 0.5748 -0.0550 0.0529  0.0037  210 PEG A C3  
577 C C4  . PEG K .  ? 0.6442 0.5927 0.5990 0.0219  0.0134  0.0038  210 PEG A C4  
578 O O4  . PEG K .  ? 0.6753 0.7503 0.5269 -0.0811 0.0720  0.0845  210 PEG A O4  
579 O O   . HOH L .  ? 0.5856 0.8986 0.5386 -0.1826 0.1263  0.1569  301 HOH A O   
580 O O   . HOH L .  ? 0.4395 0.3060 0.6510 0.0347  -0.1937 0.0089  302 HOH A O   
581 O O   . HOH L .  ? 0.4042 0.5110 0.8693 -0.0072 -0.1292 0.0326  303 HOH A O   
582 O O   . HOH L .  ? 0.4294 0.3160 0.5612 0.0095  0.0209  -0.0119 304 HOH A O   
583 O O   . HOH L .  ? 0.2300 0.2189 0.2856 -0.0185 0.0641  0.0382  305 HOH A O   
584 O O   . HOH L .  ? 0.5064 0.3238 0.3524 0.0126  0.0703  0.0661  306 HOH A O   
585 O O   . HOH L .  ? 0.4978 0.3344 0.2510 -0.0914 -0.0681 0.0800  307 HOH A O   
586 O O   A HOH L .  ? 0.3527 0.2898 0.3173 0.0250  -0.0678 0.0059  308 HOH A O   
587 O O   B HOH L .  ? 0.2442 0.3199 0.3546 0.0220  -0.0257 -0.0128 308 HOH A O   
588 O O   . HOH L .  ? 0.6597 0.4880 0.9734 0.1865  0.0289  0.0867  309 HOH A O   
589 O O   . HOH L .  ? 0.2953 0.1963 0.2063 -0.0079 -0.0021 -0.0119 310 HOH A O   
590 O O   . HOH L .  ? 0.7280 0.6713 0.4065 -0.0269 0.1460  -0.0721 311 HOH A O   
591 O O   . HOH L .  ? 0.3253 0.2840 0.4392 0.0318  -0.0343 -0.0423 312 HOH A O   
592 O O   . HOH L .  ? 0.5610 0.7666 0.2985 -0.0806 0.1238  -0.0350 313 HOH A O   
593 O O   . HOH L .  ? 0.5840 0.2605 0.3232 0.0277  0.0259  -0.0122 314 HOH A O   
594 O O   . HOH L .  ? 0.2954 0.9494 0.4758 0.0445  -0.0283 -0.2743 315 HOH A O   
595 O O   . HOH L .  ? 0.4518 0.4107 0.4028 -0.0749 -0.1711 0.1443  316 HOH A O   
596 O O   . HOH L .  ? 0.2663 0.2907 0.3497 0.0090  -0.0246 0.0933  317 HOH A O   
597 O O   . HOH L .  ? 0.6551 0.4589 0.4246 0.1680  0.1326  -0.0321 318 HOH A O   
598 O O   . HOH L .  ? 0.9346 0.7809 0.5038 0.2358  -0.2136 -0.2705 319 HOH A O   
599 O O   B HOH L .  ? 0.3446 0.3257 0.3136 0.0992  -0.0169 0.0294  320 HOH A O   
600 O O   . HOH L .  ? 0.3294 0.3324 0.3339 -0.1267 -0.0936 0.0157  321 HOH A O   
601 O O   . HOH L .  ? 0.3863 0.3740 0.3355 -0.1699 -0.1591 0.1461  322 HOH A O   
602 O O   . HOH L .  ? 0.4858 0.6942 0.5411 -0.1985 0.1276  -0.0014 323 HOH A O   
603 O O   . HOH L .  ? 0.4126 0.7731 0.6543 0.1403  -0.2225 -0.1663 324 HOH A O   
604 O O   . HOH L .  ? 0.3646 0.2499 0.3130 -0.0106 -0.0686 0.0325  325 HOH A O   
605 O O   . HOH L .  ? 0.4227 0.3119 0.2954 0.0464  -0.0623 0.0143  326 HOH A O   
606 O O   . HOH L .  ? 0.5813 0.4781 0.8886 -0.2296 -0.2651 0.1705  327 HOH A O   
607 O O   A HOH L .  ? 0.2816 0.4060 0.4259 0.1666  0.0642  0.0659  328 HOH A O   
608 O O   . HOH L .  ? 0.2853 0.3902 0.2917 -0.0081 -0.0704 0.1458  329 HOH A O   
609 O O   . HOH L .  ? 0.1819 0.1921 0.1713 -0.0113 -0.0039 -0.0028 330 HOH A O   
610 O O   . HOH L .  ? 0.4242 0.7641 0.4070 0.1261  0.0128  -0.0993 331 HOH A O   
611 O O   . HOH L .  ? 0.2324 0.2638 0.2257 -0.0090 0.0160  -0.0012 332 HOH A O   
612 O O   . HOH L .  ? 0.2417 0.2459 0.3142 -0.0045 -0.0244 -0.0533 333 HOH A O   
613 O O   . HOH L .  ? 0.4912 0.3717 0.9500 0.0288  0.1898  -0.1042 334 HOH A O   
614 O O   . HOH L .  ? 0.4274 0.4676 0.4450 -0.1564 -0.0929 0.2807  335 HOH A O   
615 O O   . HOH L .  ? 0.4686 0.3091 0.4511 0.1606  0.0247  -0.0135 336 HOH A O   
616 O O   . HOH L .  ? 0.4176 0.2957 0.2397 -0.0703 0.0315  -0.0297 337 HOH A O   
617 O O   . HOH L .  ? 0.5248 0.3270 0.3405 -0.0847 -0.0192 0.0296  338 HOH A O   
618 O O   A HOH L .  ? 0.4104 0.4279 0.5368 -0.2205 0.0707  0.0292  339 HOH A O   
619 O O   . HOH L .  ? 0.3385 0.3359 0.2213 -0.1492 0.0298  0.0218  340 HOH A O   
620 O O   . HOH L .  ? 0.4449 0.2705 0.3897 0.0100  -0.0842 0.0139  341 HOH A O   
621 O O   . HOH L .  ? 0.4549 0.5663 0.3840 0.1088  -0.0061 -0.1188 342 HOH A O   
622 O O   B HOH L .  ? 0.5240 0.3877 0.2143 -0.1074 -0.0276 -0.0148 343 HOH A O   
623 O O   . HOH L .  ? 0.6830 0.4415 0.2652 -0.1982 -0.0645 0.0612  344 HOH A O   
624 O O   . HOH L .  ? 0.2629 0.2697 0.2577 -0.0015 0.0370  -0.0029 345 HOH A O   
625 O O   . HOH L .  ? 0.2499 0.3218 0.2449 -0.0391 -0.0107 0.0320  346 HOH A O   
626 O O   A HOH L .  ? 0.2886 0.4692 0.5365 -0.0548 0.0887  0.0151  347 HOH A O   
627 O O   . HOH L .  ? 0.4436 0.9519 0.3522 0.0772  -0.1379 0.0073  348 HOH A O   
628 O O   . HOH L .  ? 0.2045 0.2983 0.1813 0.0483  -0.0039 0.0250  349 HOH A O   
629 O O   . HOH L .  ? 0.6496 0.6089 0.5540 0.0464  -0.3719 -0.0155 350 HOH A O   
630 O O   . HOH L .  ? 0.2726 0.2246 0.7820 -0.0249 -0.0107 -0.1066 351 HOH A O   
631 O O   . HOH L .  ? 0.1839 0.2307 0.1684 -0.0033 0.0188  0.0008  352 HOH A O   
632 O O   . HOH L .  ? 0.2762 0.2123 0.2933 0.0130  -0.0224 0.0044  353 HOH A O   
633 O O   . HOH L .  ? 0.6192 1.4979 0.5745 0.0014  -0.2086 -0.2092 354 HOH A O   
634 O O   . HOH L .  ? 0.5935 0.4708 0.4351 0.0298  -0.1555 0.0656  355 HOH A O   
635 O O   . HOH L .  ? 0.7641 0.5871 0.3784 0.0427  -0.0672 -0.1964 356 HOH A O   
636 O O   . HOH L .  ? 0.3416 0.3694 0.4290 0.1179  0.0789  -0.0041 357 HOH A O   
637 O O   A HOH L .  ? 0.4772 0.3973 0.5958 0.0800  -0.1649 -0.1212 358 HOH A O   
638 O O   . HOH L .  ? 0.5896 0.7364 0.6415 -0.0222 0.0720  -0.1323 359 HOH A O   
639 O O   . HOH L .  ? 0.3479 0.3626 0.5063 0.0042  -0.1046 -0.0420 360 HOH A O   
640 O O   A HOH L .  ? 0.3642 0.4457 0.4620 0.1376  -0.1085 0.0184  361 HOH A O   
641 O O   A HOH L .  ? 0.4161 0.9382 0.6836 0.0383  -0.0243 -0.2378 362 HOH A O   
642 O O   . HOH L .  ? 0.1776 0.2827 0.3890 0.0542  0.0663  0.0804  363 HOH A O   
643 O O   . HOH L .  ? 0.3619 0.4508 0.5431 -0.1507 0.0889  0.0012  364 HOH A O   
644 O O   A HOH L .  ? 0.2692 0.3568 0.2912 0.1058  -0.1149 0.0165  365 HOH A O   
645 O O   B HOH L .  ? 0.4947 0.2431 0.4650 0.0563  -0.1430 -0.0497 365 HOH A O   
646 O O   A HOH L .  ? 0.1982 0.2198 0.3256 0.0421  0.0255  0.0128  366 HOH A O   
647 O O   B HOH L .  ? 0.3163 0.2801 0.3368 -0.0174 0.0185  -0.0934 366 HOH A O   
648 O O   . HOH L .  ? 0.3626 0.2412 0.2836 -0.0368 0.0568  -0.0002 367 HOH A O   
649 O O   A HOH L .  ? 0.8188 0.5614 0.6798 -0.1026 -0.0829 0.0653  368 HOH A O   
650 O O   . HOH L .  ? 0.7295 0.4340 0.2404 -0.0136 0.0090  0.0594  369 HOH A O   
651 O O   . HOH L .  ? 0.4681 0.8383 0.6288 0.1830  -0.0581 0.1089  370 HOH A O   
652 O O   . HOH L .  ? 0.2709 0.3972 0.5156 0.0522  -0.0184 -0.0479 371 HOH A O   
653 O O   . HOH L .  ? 0.2246 0.3467 0.4235 -0.0258 0.0535  -0.0264 372 HOH A O   
654 O O   . HOH L .  ? 0.6579 0.2285 0.2921 0.1488  -0.1299 -0.0238 373 HOH A O   
655 O O   . HOH L .  ? 0.8380 0.3620 0.3725 -0.2404 0.0738  0.0487  374 HOH A O   
656 O O   . HOH L .  ? 0.5904 0.7727 0.2843 -0.3209 0.0505  -0.0384 375 HOH A O   
657 O O   . HOH L .  ? 0.5981 0.5265 0.2990 -0.1481 -0.0692 0.0053  376 HOH A O   
658 O O   . HOH L .  ? 0.4608 0.5541 0.4402 -0.0994 0.1604  0.0456  377 HOH A O   
659 O O   . HOH L .  ? 0.6954 0.4484 0.3986 -0.2398 0.0543  -0.0092 378 HOH A O   
660 O O   . HOH L .  ? 0.3280 0.2400 0.3103 0.0162  0.0175  0.0187  379 HOH A O   
661 O O   . HOH L .  ? 0.7703 0.5791 0.5893 0.0412  0.1891  0.0379  380 HOH A O   
662 O O   B HOH L .  ? 0.3409 0.6076 0.1613 -0.2406 -0.0240 0.0502  381 HOH A O   
663 O O   . HOH L .  ? 0.6606 0.3778 0.7173 0.0536  -0.2984 0.1106  382 HOH A O   
664 O O   . HOH L .  ? 0.8242 0.7038 0.5043 -0.0879 0.1435  0.1931  383 HOH A O   
665 O O   . HOH L .  ? 0.4963 0.6041 0.2757 -0.0315 -0.0817 0.2213  384 HOH A O   
666 O O   . HOH L .  ? 0.3725 0.3667 0.5462 -0.0520 0.1162  -0.0461 385 HOH A O   
667 O O   . HOH L .  ? 0.4978 1.0112 0.6066 -0.0067 -0.2331 0.1348  386 HOH A O   
668 O O   . HOH L .  ? 0.3986 0.4447 0.3002 -0.0183 0.0419  0.0351  387 HOH A O   
669 O O   . HOH L .  ? 0.6566 0.6983 0.4455 0.2862  -0.0134 0.0143  388 HOH A O   
670 O O   . HOH L .  ? 1.1323 0.5777 0.6013 0.3658  -0.1665 -0.0759 389 HOH A O   
671 O O   . HOH L .  ? 1.2488 0.7464 0.8810 -0.4829 -0.0333 0.1840  390 HOH A O   
672 O O   . HOH L .  ? 0.5165 0.5915 0.4834 0.0326  -0.1198 -0.1317 391 HOH A O   
673 O O   . HOH L .  ? 0.5118 0.5038 0.5575 -0.1222 0.1443  0.1243  392 HOH A O   
674 O O   A HOH L .  ? 0.4537 0.1744 0.5549 -0.0189 0.1038  0.0627  393 HOH A O   
675 O O   B HOH L .  ? 0.3918 0.4093 0.4618 -0.1721 -0.0242 -0.1022 393 HOH A O   
676 O O   . HOH L .  ? 0.3071 0.8922 0.5345 0.0623  0.0289  -0.0111 394 HOH A O   
677 O O   A HOH L .  ? 0.8020 0.7192 1.1260 -0.0357 -0.2598 0.0428  395 HOH A O   
678 O O   . HOH L .  ? 0.6261 0.4351 0.6573 -0.0176 -0.1982 -0.0925 396 HOH A O   
679 O O   . HOH L .  ? 0.4155 0.3325 1.0521 0.0250  0.0054  0.0087  397 HOH A O   
680 O O   . HOH L .  ? 0.8362 0.4985 0.7663 -0.0188 -0.0148 -0.0400 398 HOH A O   
681 O O   . HOH L .  ? 0.3085 0.2707 0.5709 0.0795  0.1096  0.0188  399 HOH A O   
682 O O   . HOH L .  ? 0.6219 0.4672 0.2837 0.0936  0.0239  0.0918  400 HOH A O   
683 O O   . HOH L .  ? 0.5919 0.9240 0.3733 -0.0173 0.0702  0.0731  401 HOH A O   
684 O O   . HOH L .  ? 0.5309 0.6168 0.3999 -0.2864 0.1555  -0.0905 402 HOH A O   
685 O O   . HOH L .  ? 0.7996 0.6630 0.5983 -0.1591 0.1071  0.2248  403 HOH A O   
686 O O   . HOH L .  ? 0.2434 0.9120 0.5863 -0.1458 0.1086  -0.2766 404 HOH A O   
687 O O   . HOH L .  ? 0.4026 0.5052 0.4693 0.0592  0.0952  0.0386  405 HOH A O   
688 O O   . HOH L .  ? 0.8489 0.6866 0.6139 -0.0651 0.1202  0.1051  406 HOH A O   
689 O O   . HOH L .  ? 0.5001 0.5093 0.4229 -0.2346 -0.0106 0.1743  407 HOH A O   
690 O O   . HOH L .  ? 0.8520 0.7724 0.7336 -0.1205 0.0641  -0.2353 408 HOH A O   
# 
